data_5MTN
# 
_entry.id   5MTN 
# 
_audit_conform.dict_name       mmcif_pdbx.dic 
_audit_conform.dict_version    5.391 
_audit_conform.dict_location   http://mmcif.pdb.org/dictionaries/ascii/mmcif_pdbx.dic 
# 
loop_
_database_2.database_id 
_database_2.database_code 
_database_2.pdbx_database_accession 
_database_2.pdbx_DOI 
PDB   5MTN         pdb_00005mtn 10.2210/pdb5mtn/pdb 
WWPDB D_1200002978 ?            ?                   
# 
loop_
_pdbx_audit_revision_history.ordinal 
_pdbx_audit_revision_history.data_content_type 
_pdbx_audit_revision_history.major_revision 
_pdbx_audit_revision_history.minor_revision 
_pdbx_audit_revision_history.revision_date 
1 'Structure model' 1 0 2017-04-05 
2 'Structure model' 1 1 2017-05-03 
3 'Structure model' 1 2 2019-10-16 
4 'Structure model' 1 3 2024-05-08 
# 
_pdbx_audit_revision_details.ordinal             1 
_pdbx_audit_revision_details.revision_ordinal    1 
_pdbx_audit_revision_details.data_content_type   'Structure model' 
_pdbx_audit_revision_details.provider            repository 
_pdbx_audit_revision_details.type                'Initial release' 
_pdbx_audit_revision_details.description         ? 
_pdbx_audit_revision_details.details             ? 
# 
loop_
_pdbx_audit_revision_group.ordinal 
_pdbx_audit_revision_group.revision_ordinal 
_pdbx_audit_revision_group.data_content_type 
_pdbx_audit_revision_group.group 
1 2 'Structure model' 'Database references' 
2 3 'Structure model' 'Data collection'     
3 4 'Structure model' 'Data collection'     
4 4 'Structure model' 'Database references' 
# 
loop_
_pdbx_audit_revision_category.ordinal 
_pdbx_audit_revision_category.revision_ordinal 
_pdbx_audit_revision_category.data_content_type 
_pdbx_audit_revision_category.category 
1 3 'Structure model' reflns_shell   
2 4 'Structure model' chem_comp_atom 
3 4 'Structure model' chem_comp_bond 
4 4 'Structure model' database_2     
# 
loop_
_pdbx_audit_revision_item.ordinal 
_pdbx_audit_revision_item.revision_ordinal 
_pdbx_audit_revision_item.data_content_type 
_pdbx_audit_revision_item.item 
1 4 'Structure model' '_database_2.pdbx_DOI'                
2 4 'Structure model' '_database_2.pdbx_database_accession' 
# 
_pdbx_database_status.status_code                     REL 
_pdbx_database_status.status_code_sf                  REL 
_pdbx_database_status.status_code_mr                  ? 
_pdbx_database_status.entry_id                        5MTN 
_pdbx_database_status.recvd_initial_deposition_date   2017-01-10 
_pdbx_database_status.SG_entry                        N 
_pdbx_database_status.deposit_site                    PDBE 
_pdbx_database_status.process_site                    PDBE 
_pdbx_database_status.status_code_cs                  ? 
_pdbx_database_status.methods_development_category    ? 
_pdbx_database_status.pdb_format_compatible           Y 
_pdbx_database_status.status_code_nmr_data            ? 
# 
loop_
_audit_author.name 
_audit_author.pdbx_ordinal 
_audit_author.identifier_ORCID 
'Pojer, F.'       1 ? 
'Kukenshoner, T.' 2 ? 
'Koide, S.'       3 ? 
'Hantschel, O.'   4 ? 
# 
_citation.abstract                  ? 
_citation.abstract_id_CAS           ? 
_citation.book_id_ISBN              ? 
_citation.book_publisher            ? 
_citation.book_publisher_city       ? 
_citation.book_title                ? 
_citation.coordinate_linkage        ? 
_citation.country                   UK 
_citation.database_id_Medline       ? 
_citation.details                   ? 
_citation.id                        primary 
_citation.journal_abbrev            'J. Mol. Biol.' 
_citation.journal_id_ASTM           JMOBAK 
_citation.journal_id_CSD            0070 
_citation.journal_id_ISSN           1089-8638 
_citation.journal_full              ? 
_citation.journal_issue             ? 
_citation.journal_volume            429 
_citation.language                  ? 
_citation.page_first                1364 
_citation.page_last                 1380 
_citation.title                     
'Selective Targeting of SH2 Domain-Phosphotyrosine Interactions of Src Family Tyrosine Kinases with Monobodies.' 
_citation.year                      2017 
_citation.database_id_CSD           ? 
_citation.pdbx_database_id_DOI      10.1016/j.jmb.2017.03.023 
_citation.pdbx_database_id_PubMed   28347651 
_citation.unpublished_flag          ? 
# 
loop_
_citation_author.citation_id 
_citation_author.name 
_citation_author.ordinal 
_citation_author.identifier_ORCID 
primary 'Kukenshoner, T.' 1 ? 
primary 'Schmit, N.E.'    2 ? 
primary 'Bouda, E.'       3 ? 
primary 'Sha, F.'         4 ? 
primary 'Pojer, F.'       5 ? 
primary 'Koide, A.'       6 ? 
primary 'Seeliger, M.'    7 ? 
primary 'Koide, S.'       8 ? 
primary 'Hantschel, O.'   9 ? 
# 
loop_
_entity.id 
_entity.type 
_entity.src_method 
_entity.pdbx_description 
_entity.formula_weight 
_entity.pdbx_number_of_molecules 
_entity.pdbx_ec 
_entity.pdbx_mutation 
_entity.pdbx_fragment 
_entity.details 
1 polymer     man 'Tyrosine-protein kinase Lck' 13142.672 1 2.7.10.2 ? ? ? 
2 polymer     man 'Monobody Mb(Lck_1)'          10054.163 1 ?        ? ? ? 
3 non-polymer syn 'SULFATE ION'                 96.063    3 ?        ? ? ? 
# 
_entity_name_com.entity_id   1 
_entity_name_com.name        
;Leukocyte C-terminal Src kinase,LSK,Lymphocyte cell-specific protein-tyrosine kinase,Protein YT16,Proto-oncogene Lck,T cell-specific protein-tyrosine kinase,p56-LCK
;
# 
loop_
_entity_poly.entity_id 
_entity_poly.type 
_entity_poly.nstd_linkage 
_entity_poly.nstd_monomer 
_entity_poly.pdbx_seq_one_letter_code 
_entity_poly.pdbx_seq_one_letter_code_can 
_entity_poly.pdbx_strand_id 
_entity_poly.pdbx_target_identifier 
1 'polypeptide(L)' no no 
;GSKANSLEPEPWFFKNLSRKDAERQLLAPGNTHGSFLIRESESTAGSFSLSVRDFDQNQGEVVKHYKIRNLDNGGFYISP
RITFPGLHELVRHYTNASDGLCTRLSRPCQTQKPQK
;
;GSKANSLEPEPWFFKNLSRKDAERQLLAPGNTHGSFLIRESESTAGSFSLSVRDFDQNQGEVVKHYKIRNLDNGGFYISP
RITFPGLHELVRHYTNASDGLCTRLSRPCQTQKPQK
;
A ? 
2 'polypeptide(L)' no no 
;GSVSSVPTKLEVVAATPTSLLISWDAPAVTVVYYLITYGETGSPWPGGQAFEVPGSKSTATISGLKPGVDYTITVYAHRS
SYGYSENPISINYRT
;
;GSVSSVPTKLEVVAATPTSLLISWDAPAVTVVYYLITYGETGSPWPGGQAFEVPGSKSTATISGLKPGVDYTITVYAHRS
SYGYSENPISINYRT
;
B ? 
# 
_pdbx_entity_nonpoly.entity_id   3 
_pdbx_entity_nonpoly.name        'SULFATE ION' 
_pdbx_entity_nonpoly.comp_id     SO4 
# 
loop_
_entity_poly_seq.entity_id 
_entity_poly_seq.num 
_entity_poly_seq.mon_id 
_entity_poly_seq.hetero 
1 1   GLY n 
1 2   SER n 
1 3   LYS n 
1 4   ALA n 
1 5   ASN n 
1 6   SER n 
1 7   LEU n 
1 8   GLU n 
1 9   PRO n 
1 10  GLU n 
1 11  PRO n 
1 12  TRP n 
1 13  PHE n 
1 14  PHE n 
1 15  LYS n 
1 16  ASN n 
1 17  LEU n 
1 18  SER n 
1 19  ARG n 
1 20  LYS n 
1 21  ASP n 
1 22  ALA n 
1 23  GLU n 
1 24  ARG n 
1 25  GLN n 
1 26  LEU n 
1 27  LEU n 
1 28  ALA n 
1 29  PRO n 
1 30  GLY n 
1 31  ASN n 
1 32  THR n 
1 33  HIS n 
1 34  GLY n 
1 35  SER n 
1 36  PHE n 
1 37  LEU n 
1 38  ILE n 
1 39  ARG n 
1 40  GLU n 
1 41  SER n 
1 42  GLU n 
1 43  SER n 
1 44  THR n 
1 45  ALA n 
1 46  GLY n 
1 47  SER n 
1 48  PHE n 
1 49  SER n 
1 50  LEU n 
1 51  SER n 
1 52  VAL n 
1 53  ARG n 
1 54  ASP n 
1 55  PHE n 
1 56  ASP n 
1 57  GLN n 
1 58  ASN n 
1 59  GLN n 
1 60  GLY n 
1 61  GLU n 
1 62  VAL n 
1 63  VAL n 
1 64  LYS n 
1 65  HIS n 
1 66  TYR n 
1 67  LYS n 
1 68  ILE n 
1 69  ARG n 
1 70  ASN n 
1 71  LEU n 
1 72  ASP n 
1 73  ASN n 
1 74  GLY n 
1 75  GLY n 
1 76  PHE n 
1 77  TYR n 
1 78  ILE n 
1 79  SER n 
1 80  PRO n 
1 81  ARG n 
1 82  ILE n 
1 83  THR n 
1 84  PHE n 
1 85  PRO n 
1 86  GLY n 
1 87  LEU n 
1 88  HIS n 
1 89  GLU n 
1 90  LEU n 
1 91  VAL n 
1 92  ARG n 
1 93  HIS n 
1 94  TYR n 
1 95  THR n 
1 96  ASN n 
1 97  ALA n 
1 98  SER n 
1 99  ASP n 
1 100 GLY n 
1 101 LEU n 
1 102 CYS n 
1 103 THR n 
1 104 ARG n 
1 105 LEU n 
1 106 SER n 
1 107 ARG n 
1 108 PRO n 
1 109 CYS n 
1 110 GLN n 
1 111 THR n 
1 112 GLN n 
1 113 LYS n 
1 114 PRO n 
1 115 GLN n 
1 116 LYS n 
2 1   GLY n 
2 2   SER n 
2 3   VAL n 
2 4   SER n 
2 5   SER n 
2 6   VAL n 
2 7   PRO n 
2 8   THR n 
2 9   LYS n 
2 10  LEU n 
2 11  GLU n 
2 12  VAL n 
2 13  VAL n 
2 14  ALA n 
2 15  ALA n 
2 16  THR n 
2 17  PRO n 
2 18  THR n 
2 19  SER n 
2 20  LEU n 
2 21  LEU n 
2 22  ILE n 
2 23  SER n 
2 24  TRP n 
2 25  ASP n 
2 26  ALA n 
2 27  PRO n 
2 28  ALA n 
2 29  VAL n 
2 30  THR n 
2 31  VAL n 
2 32  VAL n 
2 33  TYR n 
2 34  TYR n 
2 35  LEU n 
2 36  ILE n 
2 37  THR n 
2 38  TYR n 
2 39  GLY n 
2 40  GLU n 
2 41  THR n 
2 42  GLY n 
2 43  SER n 
2 44  PRO n 
2 45  TRP n 
2 46  PRO n 
2 47  GLY n 
2 48  GLY n 
2 49  GLN n 
2 50  ALA n 
2 51  PHE n 
2 52  GLU n 
2 53  VAL n 
2 54  PRO n 
2 55  GLY n 
2 56  SER n 
2 57  LYS n 
2 58  SER n 
2 59  THR n 
2 60  ALA n 
2 61  THR n 
2 62  ILE n 
2 63  SER n 
2 64  GLY n 
2 65  LEU n 
2 66  LYS n 
2 67  PRO n 
2 68  GLY n 
2 69  VAL n 
2 70  ASP n 
2 71  TYR n 
2 72  THR n 
2 73  ILE n 
2 74  THR n 
2 75  VAL n 
2 76  TYR n 
2 77  ALA n 
2 78  HIS n 
2 79  ARG n 
2 80  SER n 
2 81  SER n 
2 82  TYR n 
2 83  GLY n 
2 84  TYR n 
2 85  SER n 
2 86  GLU n 
2 87  ASN n 
2 88  PRO n 
2 89  ILE n 
2 90  SER n 
2 91  ILE n 
2 92  ASN n 
2 93  TYR n 
2 94  ARG n 
2 95  THR n 
# 
loop_
_entity_src_gen.entity_id 
_entity_src_gen.pdbx_src_id 
_entity_src_gen.pdbx_alt_source_flag 
_entity_src_gen.pdbx_seq_type 
_entity_src_gen.pdbx_beg_seq_num 
_entity_src_gen.pdbx_end_seq_num 
_entity_src_gen.gene_src_common_name 
_entity_src_gen.gene_src_genus 
_entity_src_gen.pdbx_gene_src_gene 
_entity_src_gen.gene_src_species 
_entity_src_gen.gene_src_strain 
_entity_src_gen.gene_src_tissue 
_entity_src_gen.gene_src_tissue_fraction 
_entity_src_gen.gene_src_details 
_entity_src_gen.pdbx_gene_src_fragment 
_entity_src_gen.pdbx_gene_src_scientific_name 
_entity_src_gen.pdbx_gene_src_ncbi_taxonomy_id 
_entity_src_gen.pdbx_gene_src_variant 
_entity_src_gen.pdbx_gene_src_cell_line 
_entity_src_gen.pdbx_gene_src_atcc 
_entity_src_gen.pdbx_gene_src_organ 
_entity_src_gen.pdbx_gene_src_organelle 
_entity_src_gen.pdbx_gene_src_cell 
_entity_src_gen.pdbx_gene_src_cellular_location 
_entity_src_gen.host_org_common_name 
_entity_src_gen.pdbx_host_org_scientific_name 
_entity_src_gen.pdbx_host_org_ncbi_taxonomy_id 
_entity_src_gen.host_org_genus 
_entity_src_gen.pdbx_host_org_gene 
_entity_src_gen.pdbx_host_org_organ 
_entity_src_gen.host_org_species 
_entity_src_gen.pdbx_host_org_tissue 
_entity_src_gen.pdbx_host_org_tissue_fraction 
_entity_src_gen.pdbx_host_org_strain 
_entity_src_gen.pdbx_host_org_variant 
_entity_src_gen.pdbx_host_org_cell_line 
_entity_src_gen.pdbx_host_org_atcc 
_entity_src_gen.pdbx_host_org_culture_collection 
_entity_src_gen.pdbx_host_org_cell 
_entity_src_gen.pdbx_host_org_organelle 
_entity_src_gen.pdbx_host_org_cellular_location 
_entity_src_gen.pdbx_host_org_vector_type 
_entity_src_gen.pdbx_host_org_vector 
_entity_src_gen.host_org_details 
_entity_src_gen.expression_system_id 
_entity_src_gen.plasmid_name 
_entity_src_gen.plasmid_details 
_entity_src_gen.pdbx_description 
1 1 sample 'Biological sequence' 1 116 Human ? LCK ? ? ? ? ? ? 'Homo sapiens'        9606  ? ? ? ? ? ? ? ? 
;Escherichia coli 'BL21-Gold(DE3)pLysS AG'
;
866768 ? ? ? ? ? ? ? ? ? ? ? ? ? ? ? ? ? ? ? ? ? 
2 1 sample 'Biological sequence' 1 95  ?     ? ?   ? ? ? ? ? ? 'Synthetic construct' 32630 ? ? ? ? ? ? ? ? 
;Escherichia coli 'BL21-Gold(DE3)pLysS AG'
;
866768 ? ? ? ? ? ? ? ? ? ? ? ? ? ? ? ? ? ? ? ? ? 
# 
loop_
_chem_comp.id 
_chem_comp.type 
_chem_comp.mon_nstd_flag 
_chem_comp.name 
_chem_comp.pdbx_synonyms 
_chem_comp.formula 
_chem_comp.formula_weight 
ALA 'L-peptide linking' y ALANINE         ? 'C3 H7 N O2'     89.093  
ARG 'L-peptide linking' y ARGININE        ? 'C6 H15 N4 O2 1' 175.209 
ASN 'L-peptide linking' y ASPARAGINE      ? 'C4 H8 N2 O3'    132.118 
ASP 'L-peptide linking' y 'ASPARTIC ACID' ? 'C4 H7 N O4'     133.103 
CYS 'L-peptide linking' y CYSTEINE        ? 'C3 H7 N O2 S'   121.158 
GLN 'L-peptide linking' y GLUTAMINE       ? 'C5 H10 N2 O3'   146.144 
GLU 'L-peptide linking' y 'GLUTAMIC ACID' ? 'C5 H9 N O4'     147.129 
GLY 'peptide linking'   y GLYCINE         ? 'C2 H5 N O2'     75.067  
HIS 'L-peptide linking' y HISTIDINE       ? 'C6 H10 N3 O2 1' 156.162 
ILE 'L-peptide linking' y ISOLEUCINE      ? 'C6 H13 N O2'    131.173 
LEU 'L-peptide linking' y LEUCINE         ? 'C6 H13 N O2'    131.173 
LYS 'L-peptide linking' y LYSINE          ? 'C6 H15 N2 O2 1' 147.195 
PHE 'L-peptide linking' y PHENYLALANINE   ? 'C9 H11 N O2'    165.189 
PRO 'L-peptide linking' y PROLINE         ? 'C5 H9 N O2'     115.130 
SER 'L-peptide linking' y SERINE          ? 'C3 H7 N O3'     105.093 
SO4 non-polymer         . 'SULFATE ION'   ? 'O4 S -2'        96.063  
THR 'L-peptide linking' y THREONINE       ? 'C4 H9 N O3'     119.119 
TRP 'L-peptide linking' y TRYPTOPHAN      ? 'C11 H12 N2 O2'  204.225 
TYR 'L-peptide linking' y TYROSINE        ? 'C9 H11 N O3'    181.189 
VAL 'L-peptide linking' y VALINE          ? 'C5 H11 N O2'    117.146 
# 
loop_
_pdbx_poly_seq_scheme.asym_id 
_pdbx_poly_seq_scheme.entity_id 
_pdbx_poly_seq_scheme.seq_id 
_pdbx_poly_seq_scheme.mon_id 
_pdbx_poly_seq_scheme.ndb_seq_num 
_pdbx_poly_seq_scheme.pdb_seq_num 
_pdbx_poly_seq_scheme.auth_seq_num 
_pdbx_poly_seq_scheme.pdb_mon_id 
_pdbx_poly_seq_scheme.auth_mon_id 
_pdbx_poly_seq_scheme.pdb_strand_id 
_pdbx_poly_seq_scheme.pdb_ins_code 
_pdbx_poly_seq_scheme.hetero 
A 1 1   GLY 1   1   ?  ?   ?   A . n 
A 1 2   SER 2   2   ?  ?   ?   A . n 
A 1 3   LYS 3   3   ?  ?   ?   A . n 
A 1 4   ALA 4   4   ?  ?   ?   A . n 
A 1 5   ASN 5   5   ?  ?   ?   A . n 
A 1 6   SER 6   6   6  SER SER A . n 
A 1 7   LEU 7   7   7  LEU LEU A . n 
A 1 8   GLU 8   8   8  GLU GLU A . n 
A 1 9   PRO 9   9   9  PRO PRO A . n 
A 1 10  GLU 10  10  10 GLU GLU A . n 
A 1 11  PRO 11  11  11 PRO PRO A . n 
A 1 12  TRP 12  12  12 TRP TRP A . n 
A 1 13  PHE 13  13  13 PHE PHE A . n 
A 1 14  PHE 14  14  14 PHE PHE A . n 
A 1 15  LYS 15  15  15 LYS LYS A . n 
A 1 16  ASN 16  16  16 ASN ASN A . n 
A 1 17  LEU 17  17  17 LEU LEU A . n 
A 1 18  SER 18  18  18 SER SER A . n 
A 1 19  ARG 19  19  19 ARG ARG A . n 
A 1 20  LYS 20  20  20 LYS LYS A . n 
A 1 21  ASP 21  21  21 ASP ASP A . n 
A 1 22  ALA 22  22  22 ALA ALA A . n 
A 1 23  GLU 23  23  23 GLU GLU A . n 
A 1 24  ARG 24  24  24 ARG ARG A . n 
A 1 25  GLN 25  25  25 GLN GLN A . n 
A 1 26  LEU 26  26  26 LEU LEU A . n 
A 1 27  LEU 27  27  27 LEU LEU A . n 
A 1 28  ALA 28  28  28 ALA ALA A . n 
A 1 29  PRO 29  29  29 PRO PRO A . n 
A 1 30  GLY 30  30  30 GLY GLY A . n 
A 1 31  ASN 31  31  31 ASN ASN A . n 
A 1 32  THR 32  32  32 THR THR A . n 
A 1 33  HIS 33  33  33 HIS HIS A . n 
A 1 34  GLY 34  34  34 GLY GLY A . n 
A 1 35  SER 35  35  35 SER SER A . n 
A 1 36  PHE 36  36  36 PHE PHE A . n 
A 1 37  LEU 37  37  37 LEU LEU A . n 
A 1 38  ILE 38  38  38 ILE ILE A . n 
A 1 39  ARG 39  39  39 ARG ARG A . n 
A 1 40  GLU 40  40  40 GLU GLU A . n 
A 1 41  SER 41  41  41 SER SER A . n 
A 1 42  GLU 42  42  42 GLU GLU A . n 
A 1 43  SER 43  43  43 SER SER A . n 
A 1 44  THR 44  44  44 THR THR A . n 
A 1 45  ALA 45  45  45 ALA ALA A . n 
A 1 46  GLY 46  46  46 GLY GLY A . n 
A 1 47  SER 47  47  47 SER SER A . n 
A 1 48  PHE 48  48  48 PHE PHE A . n 
A 1 49  SER 49  49  49 SER SER A . n 
A 1 50  LEU 50  50  50 LEU LEU A . n 
A 1 51  SER 51  51  51 SER SER A . n 
A 1 52  VAL 52  52  52 VAL VAL A . n 
A 1 53  ARG 53  53  53 ARG ARG A . n 
A 1 54  ASP 54  54  54 ASP ASP A . n 
A 1 55  PHE 55  55  55 PHE PHE A . n 
A 1 56  ASP 56  56  56 ASP ASP A . n 
A 1 57  GLN 57  57  57 GLN GLN A . n 
A 1 58  ASN 58  58  ?  ?   ?   A . n 
A 1 59  GLN 59  59  ?  ?   ?   A . n 
A 1 60  GLY 60  60  60 GLY GLY A . n 
A 1 61  GLU 61  61  61 GLU GLU A . n 
A 1 62  VAL 62  62  62 VAL VAL A . n 
A 1 63  VAL 63  63  63 VAL VAL A . n 
A 1 64  LYS 64  64  64 LYS LYS A . n 
A 1 65  HIS 65  65  65 HIS HIS A . n 
A 1 66  TYR 66  66  66 TYR TYR A . n 
A 1 67  LYS 67  67  67 LYS LYS A . n 
A 1 68  ILE 68  68  68 ILE ILE A . n 
A 1 69  ARG 69  69  69 ARG ARG A . n 
A 1 70  ASN 70  70  70 ASN ASN A . n 
A 1 71  LEU 71  71  71 LEU LEU A . n 
A 1 72  ASP 72  72  72 ASP ASP A . n 
A 1 73  ASN 73  73  73 ASN ASN A . n 
A 1 74  GLY 74  74  74 GLY GLY A . n 
A 1 75  GLY 75  75  75 GLY GLY A . n 
A 1 76  PHE 76  76  76 PHE PHE A . n 
A 1 77  TYR 77  77  77 TYR TYR A . n 
A 1 78  ILE 78  78  78 ILE ILE A . n 
A 1 79  SER 79  79  79 SER SER A . n 
A 1 80  PRO 80  80  80 PRO PRO A . n 
A 1 81  ARG 81  81  81 ARG ARG A . n 
A 1 82  ILE 82  82  82 ILE ILE A . n 
A 1 83  THR 83  83  83 THR THR A . n 
A 1 84  PHE 84  84  84 PHE PHE A . n 
A 1 85  PRO 85  85  85 PRO PRO A . n 
A 1 86  GLY 86  86  86 GLY GLY A . n 
A 1 87  LEU 87  87  87 LEU LEU A . n 
A 1 88  HIS 88  88  88 HIS HIS A . n 
A 1 89  GLU 89  89  89 GLU GLU A . n 
A 1 90  LEU 90  90  90 LEU LEU A . n 
A 1 91  VAL 91  91  91 VAL VAL A . n 
A 1 92  ARG 92  92  92 ARG ARG A . n 
A 1 93  HIS 93  93  93 HIS HIS A . n 
A 1 94  TYR 94  94  94 TYR TYR A . n 
A 1 95  THR 95  95  95 THR THR A . n 
A 1 96  ASN 96  96  ?  ?   ?   A . n 
A 1 97  ALA 97  97  ?  ?   ?   A . n 
A 1 98  SER 98  98  ?  ?   ?   A . n 
A 1 99  ASP 99  99  ?  ?   ?   A . n 
A 1 100 GLY 100 100 ?  ?   ?   A . n 
A 1 101 LEU 101 101 ?  ?   ?   A . n 
A 1 102 CYS 102 102 ?  ?   ?   A . n 
A 1 103 THR 103 103 ?  ?   ?   A . n 
A 1 104 ARG 104 104 ?  ?   ?   A . n 
A 1 105 LEU 105 105 ?  ?   ?   A . n 
A 1 106 SER 106 106 ?  ?   ?   A . n 
A 1 107 ARG 107 107 ?  ?   ?   A . n 
A 1 108 PRO 108 108 ?  ?   ?   A . n 
A 1 109 CYS 109 109 ?  ?   ?   A . n 
A 1 110 GLN 110 110 ?  ?   ?   A . n 
A 1 111 THR 111 111 ?  ?   ?   A . n 
A 1 112 GLN 112 112 ?  ?   ?   A . n 
A 1 113 LYS 113 113 ?  ?   ?   A . n 
A 1 114 PRO 114 114 ?  ?   ?   A . n 
A 1 115 GLN 115 115 ?  ?   ?   A . n 
A 1 116 LYS 116 116 ?  ?   ?   A . n 
B 2 1   GLY 1   1   ?  ?   ?   B . n 
B 2 2   SER 2   2   2  SER SER B . n 
B 2 3   VAL 3   3   3  VAL VAL B . n 
B 2 4   SER 4   4   4  SER SER B . n 
B 2 5   SER 5   5   5  SER SER B . n 
B 2 6   VAL 6   6   6  VAL VAL B . n 
B 2 7   PRO 7   7   7  PRO PRO B . n 
B 2 8   THR 8   8   8  THR THR B . n 
B 2 9   LYS 9   9   9  LYS LYS B . n 
B 2 10  LEU 10  10  10 LEU LEU B . n 
B 2 11  GLU 11  11  11 GLU GLU B . n 
B 2 12  VAL 12  12  12 VAL VAL B . n 
B 2 13  VAL 13  13  13 VAL VAL B . n 
B 2 14  ALA 14  14  14 ALA ALA B . n 
B 2 15  ALA 15  15  15 ALA ALA B . n 
B 2 16  THR 16  16  16 THR THR B . n 
B 2 17  PRO 17  17  17 PRO PRO B . n 
B 2 18  THR 18  18  18 THR THR B . n 
B 2 19  SER 19  19  19 SER SER B . n 
B 2 20  LEU 20  20  20 LEU LEU B . n 
B 2 21  LEU 21  21  21 LEU LEU B . n 
B 2 22  ILE 22  22  22 ILE ILE B . n 
B 2 23  SER 23  23  23 SER SER B . n 
B 2 24  TRP 24  24  24 TRP TRP B . n 
B 2 25  ASP 25  25  25 ASP ASP B . n 
B 2 26  ALA 26  26  26 ALA ALA B . n 
B 2 27  PRO 27  27  27 PRO PRO B . n 
B 2 28  ALA 28  28  28 ALA ALA B . n 
B 2 29  VAL 29  29  29 VAL VAL B . n 
B 2 30  THR 30  30  30 THR THR B . n 
B 2 31  VAL 31  31  31 VAL VAL B . n 
B 2 32  VAL 32  32  32 VAL VAL B . n 
B 2 33  TYR 33  33  33 TYR TYR B . n 
B 2 34  TYR 34  34  34 TYR TYR B . n 
B 2 35  LEU 35  35  35 LEU LEU B . n 
B 2 36  ILE 36  36  36 ILE ILE B . n 
B 2 37  THR 37  37  37 THR THR B . n 
B 2 38  TYR 38  38  38 TYR TYR B . n 
B 2 39  GLY 39  39  39 GLY GLY B . n 
B 2 40  GLU 40  40  40 GLU GLU B . n 
B 2 41  THR 41  41  41 THR THR B . n 
B 2 42  GLY 42  42  42 GLY GLY B . n 
B 2 43  SER 43  43  43 SER SER B . n 
B 2 44  PRO 44  44  44 PRO PRO B . n 
B 2 45  TRP 45  45  45 TRP TRP B . n 
B 2 46  PRO 46  46  46 PRO PRO B . n 
B 2 47  GLY 47  47  47 GLY GLY B . n 
B 2 48  GLY 48  48  48 GLY GLY B . n 
B 2 49  GLN 49  49  49 GLN GLN B . n 
B 2 50  ALA 50  50  50 ALA ALA B . n 
B 2 51  PHE 51  51  51 PHE PHE B . n 
B 2 52  GLU 52  52  52 GLU GLU B . n 
B 2 53  VAL 53  53  53 VAL VAL B . n 
B 2 54  PRO 54  54  54 PRO PRO B . n 
B 2 55  GLY 55  55  55 GLY GLY B . n 
B 2 56  SER 56  56  56 SER SER B . n 
B 2 57  LYS 57  57  57 LYS LYS B . n 
B 2 58  SER 58  58  58 SER SER B . n 
B 2 59  THR 59  59  59 THR THR B . n 
B 2 60  ALA 60  60  60 ALA ALA B . n 
B 2 61  THR 61  61  61 THR THR B . n 
B 2 62  ILE 62  62  62 ILE ILE B . n 
B 2 63  SER 63  63  63 SER SER B . n 
B 2 64  GLY 64  64  64 GLY GLY B . n 
B 2 65  LEU 65  65  65 LEU LEU B . n 
B 2 66  LYS 66  66  66 LYS LYS B . n 
B 2 67  PRO 67  67  67 PRO PRO B . n 
B 2 68  GLY 68  68  68 GLY GLY B . n 
B 2 69  VAL 69  69  69 VAL VAL B . n 
B 2 70  ASP 70  70  70 ASP ASP B . n 
B 2 71  TYR 71  71  71 TYR TYR B . n 
B 2 72  THR 72  72  72 THR THR B . n 
B 2 73  ILE 73  73  73 ILE ILE B . n 
B 2 74  THR 74  74  74 THR THR B . n 
B 2 75  VAL 75  75  75 VAL VAL B . n 
B 2 76  TYR 76  76  76 TYR TYR B . n 
B 2 77  ALA 77  77  77 ALA ALA B . n 
B 2 78  HIS 78  78  78 HIS HIS B . n 
B 2 79  ARG 79  79  79 ARG ARG B . n 
B 2 80  SER 80  80  80 SER SER B . n 
B 2 81  SER 81  81  81 SER SER B . n 
B 2 82  TYR 82  82  82 TYR TYR B . n 
B 2 83  GLY 83  83  83 GLY GLY B . n 
B 2 84  TYR 84  84  84 TYR TYR B . n 
B 2 85  SER 85  85  85 SER SER B . n 
B 2 86  GLU 86  86  86 GLU GLU B . n 
B 2 87  ASN 87  87  87 ASN ASN B . n 
B 2 88  PRO 88  88  88 PRO PRO B . n 
B 2 89  ILE 89  89  89 ILE ILE B . n 
B 2 90  SER 90  90  90 SER SER B . n 
B 2 91  ILE 91  91  91 ILE ILE B . n 
B 2 92  ASN 92  92  92 ASN ASN B . n 
B 2 93  TYR 93  93  93 TYR TYR B . n 
B 2 94  ARG 94  94  94 ARG ARG B . n 
B 2 95  THR 95  95  95 THR THR B . n 
# 
loop_
_pdbx_nonpoly_scheme.asym_id 
_pdbx_nonpoly_scheme.entity_id 
_pdbx_nonpoly_scheme.mon_id 
_pdbx_nonpoly_scheme.ndb_seq_num 
_pdbx_nonpoly_scheme.pdb_seq_num 
_pdbx_nonpoly_scheme.auth_seq_num 
_pdbx_nonpoly_scheme.pdb_mon_id 
_pdbx_nonpoly_scheme.auth_mon_id 
_pdbx_nonpoly_scheme.pdb_strand_id 
_pdbx_nonpoly_scheme.pdb_ins_code 
C 3 SO4 1 201 2 SO4 SO4 A . 
D 3 SO4 1 101 1 SO4 SO4 B . 
E 3 SO4 1 102 3 SO4 SO4 B . 
# 
loop_
_software.citation_id 
_software.classification 
_software.compiler_name 
_software.compiler_version 
_software.contact_author 
_software.contact_author_email 
_software.date 
_software.description 
_software.dependencies 
_software.hardware 
_software.language 
_software.location 
_software.mods 
_software.name 
_software.os 
_software.os_version 
_software.type 
_software.version 
_software.pdbx_ordinal 
? refinement       ? ? ? ? ? ? ? ? ? ? ? REFMAC ? ? ? 5.8.0135 1 
? 'data reduction' ? ? ? ? ? ? ? ? ? ? ? XDS    ? ? ? .        2 
? 'data scaling'   ? ? ? ? ? ? ? ? ? ? ? XDS    ? ? ? .        3 
? phasing          ? ? ? ? ? ? ? ? ? ? ? PHASER ? ? ? .        4 
# 
_cell.angle_alpha                  90.00 
_cell.angle_alpha_esd              ? 
_cell.angle_beta                   90.00 
_cell.angle_beta_esd               ? 
_cell.angle_gamma                  120.00 
_cell.angle_gamma_esd              ? 
_cell.entry_id                     5MTN 
_cell.details                      ? 
_cell.formula_units_Z              ? 
_cell.length_a                     91.397 
_cell.length_a_esd                 ? 
_cell.length_b                     91.397 
_cell.length_b_esd                 ? 
_cell.length_c                     88.778 
_cell.length_c_esd                 ? 
_cell.volume                       ? 
_cell.volume_esd                   ? 
_cell.Z_PDB                        6 
_cell.reciprocal_angle_alpha       ? 
_cell.reciprocal_angle_beta        ? 
_cell.reciprocal_angle_gamma       ? 
_cell.reciprocal_angle_alpha_esd   ? 
_cell.reciprocal_angle_beta_esd    ? 
_cell.reciprocal_angle_gamma_esd   ? 
_cell.reciprocal_length_a          ? 
_cell.reciprocal_length_b          ? 
_cell.reciprocal_length_c          ? 
_cell.reciprocal_length_a_esd      ? 
_cell.reciprocal_length_b_esd      ? 
_cell.reciprocal_length_c_esd      ? 
_cell.pdbx_unique_axis             ? 
# 
_symmetry.entry_id                         5MTN 
_symmetry.cell_setting                     ? 
_symmetry.Int_Tables_number                154 
_symmetry.space_group_name_Hall            ? 
_symmetry.space_group_name_H-M             'P 32 2 1' 
_symmetry.pdbx_full_space_group_name_H-M   ? 
# 
_exptl.absorpt_coefficient_mu     ? 
_exptl.absorpt_correction_T_max   ? 
_exptl.absorpt_correction_T_min   ? 
_exptl.absorpt_correction_type    ? 
_exptl.absorpt_process_details    ? 
_exptl.entry_id                   5MTN 
_exptl.crystals_number            1 
_exptl.details                    ? 
_exptl.method                     'X-RAY DIFFRACTION' 
_exptl.method_details             ? 
# 
_exptl_crystal.colour                      ? 
_exptl_crystal.density_diffrn              ? 
_exptl_crystal.density_Matthews            5.32 
_exptl_crystal.density_method              ? 
_exptl_crystal.density_percent_sol         76.88 
_exptl_crystal.description                 ? 
_exptl_crystal.F_000                       ? 
_exptl_crystal.id                          1 
_exptl_crystal.preparation                 ? 
_exptl_crystal.size_max                    ? 
_exptl_crystal.size_mid                    ? 
_exptl_crystal.size_min                    ? 
_exptl_crystal.size_rad                    ? 
_exptl_crystal.colour_lustre               ? 
_exptl_crystal.colour_modifier             ? 
_exptl_crystal.colour_primary              ? 
_exptl_crystal.density_meas                ? 
_exptl_crystal.density_meas_esd            ? 
_exptl_crystal.density_meas_gt             ? 
_exptl_crystal.density_meas_lt             ? 
_exptl_crystal.density_meas_temp           ? 
_exptl_crystal.density_meas_temp_esd       ? 
_exptl_crystal.density_meas_temp_gt        ? 
_exptl_crystal.density_meas_temp_lt        ? 
_exptl_crystal.pdbx_crystal_image_url      ? 
_exptl_crystal.pdbx_crystal_image_format   ? 
_exptl_crystal.pdbx_mosaicity              ? 
_exptl_crystal.pdbx_mosaicity_esd          ? 
# 
_exptl_crystal_grow.apparatus       ? 
_exptl_crystal_grow.atmosphere      ? 
_exptl_crystal_grow.crystal_id      1 
_exptl_crystal_grow.details         ? 
_exptl_crystal_grow.method          'VAPOR DIFFUSION, HANGING DROP' 
_exptl_crystal_grow.method_ref      ? 
_exptl_crystal_grow.pH              ? 
_exptl_crystal_grow.pressure        ? 
_exptl_crystal_grow.pressure_esd    ? 
_exptl_crystal_grow.seeding         ? 
_exptl_crystal_grow.seeding_ref     ? 
_exptl_crystal_grow.temp            291 
_exptl_crystal_grow.temp_details    ? 
_exptl_crystal_grow.temp_esd        ? 
_exptl_crystal_grow.time            ? 
_exptl_crystal_grow.pdbx_details    '0,2M Lithium sulfate / 0.1M TRIS pH8.5 / 10% PEG8K + 10%PEG1K' 
_exptl_crystal_grow.pdbx_pH_range   ? 
# 
_diffrn.ambient_environment    ? 
_diffrn.ambient_temp           100 
_diffrn.ambient_temp_details   ? 
_diffrn.ambient_temp_esd       ? 
_diffrn.crystal_id             1 
_diffrn.crystal_support        ? 
_diffrn.crystal_treatment      ? 
_diffrn.details                ? 
_diffrn.id                     1 
_diffrn.ambient_pressure       ? 
_diffrn.ambient_pressure_esd   ? 
_diffrn.ambient_pressure_gt    ? 
_diffrn.ambient_pressure_lt    ? 
_diffrn.ambient_temp_gt        ? 
_diffrn.ambient_temp_lt        ? 
# 
_diffrn_detector.details                      ? 
_diffrn_detector.detector                     PIXEL 
_diffrn_detector.diffrn_id                    1 
_diffrn_detector.type                         'DECTRIS PILATUS 2M-F' 
_diffrn_detector.area_resol_mean              ? 
_diffrn_detector.dtime                        ? 
_diffrn_detector.pdbx_frames_total            ? 
_diffrn_detector.pdbx_collection_time_total   ? 
_diffrn_detector.pdbx_collection_date         2016-10-06 
# 
_diffrn_radiation.collimation                      ? 
_diffrn_radiation.diffrn_id                        1 
_diffrn_radiation.filter_edge                      ? 
_diffrn_radiation.inhomogeneity                    ? 
_diffrn_radiation.monochromator                    ? 
_diffrn_radiation.polarisn_norm                    ? 
_diffrn_radiation.polarisn_ratio                   ? 
_diffrn_radiation.probe                            ? 
_diffrn_radiation.type                             ? 
_diffrn_radiation.xray_symbol                      ? 
_diffrn_radiation.wavelength_id                    1 
_diffrn_radiation.pdbx_monochromatic_or_laue_m_l   M 
_diffrn_radiation.pdbx_wavelength_list             ? 
_diffrn_radiation.pdbx_wavelength                  ? 
_diffrn_radiation.pdbx_diffrn_protocol             'SINGLE WAVELENGTH' 
_diffrn_radiation.pdbx_analyzer                    ? 
_diffrn_radiation.pdbx_scattering_type             x-ray 
# 
_diffrn_radiation_wavelength.id           1 
_diffrn_radiation_wavelength.wavelength   1 
_diffrn_radiation_wavelength.wt           1.0 
# 
_diffrn_source.current                     ? 
_diffrn_source.details                     ? 
_diffrn_source.diffrn_id                   1 
_diffrn_source.power                       ? 
_diffrn_source.size                        ? 
_diffrn_source.source                      SYNCHROTRON 
_diffrn_source.target                      ? 
_diffrn_source.type                        'SLS BEAMLINE X06DA' 
_diffrn_source.voltage                     ? 
_diffrn_source.take-off_angle              ? 
_diffrn_source.pdbx_wavelength_list        1 
_diffrn_source.pdbx_wavelength             ? 
_diffrn_source.pdbx_synchrotron_beamline   X06DA 
_diffrn_source.pdbx_synchrotron_site       SLS 
# 
_reflns.B_iso_Wilson_estimate            ? 
_reflns.entry_id                         5MTN 
_reflns.data_reduction_details           ? 
_reflns.data_reduction_method            ? 
_reflns.d_resolution_high                2.85 
_reflns.d_resolution_low                 45.70 
_reflns.details                          ? 
_reflns.limit_h_max                      ? 
_reflns.limit_h_min                      ? 
_reflns.limit_k_max                      ? 
_reflns.limit_k_min                      ? 
_reflns.limit_l_max                      ? 
_reflns.limit_l_min                      ? 
_reflns.number_all                       ? 
_reflns.number_obs                       10316 
_reflns.observed_criterion               ? 
_reflns.observed_criterion_F_max         ? 
_reflns.observed_criterion_F_min         ? 
_reflns.observed_criterion_I_max         ? 
_reflns.observed_criterion_I_min         ? 
_reflns.observed_criterion_sigma_F       ? 
_reflns.observed_criterion_sigma_I       ? 
_reflns.percent_possible_obs             100 
_reflns.R_free_details                   ? 
_reflns.Rmerge_F_all                     ? 
_reflns.Rmerge_F_obs                     ? 
_reflns.Friedel_coverage                 ? 
_reflns.number_gt                        ? 
_reflns.threshold_expression             ? 
_reflns.pdbx_redundancy                  5.5 
_reflns.pdbx_Rmerge_I_obs                ? 
_reflns.pdbx_Rmerge_I_all                ? 
_reflns.pdbx_Rsym_value                  ? 
_reflns.pdbx_netI_over_av_sigmaI         ? 
_reflns.pdbx_netI_over_sigmaI            23.79 
_reflns.pdbx_res_netI_over_av_sigmaI_2   ? 
_reflns.pdbx_res_netI_over_sigmaI_2      ? 
_reflns.pdbx_chi_squared                 ? 
_reflns.pdbx_scaling_rejects             ? 
_reflns.pdbx_d_res_high_opt              ? 
_reflns.pdbx_d_res_low_opt               ? 
_reflns.pdbx_d_res_opt_method            ? 
_reflns.phase_calculation_details        ? 
_reflns.pdbx_Rrim_I_all                  ? 
_reflns.pdbx_Rpim_I_all                  ? 
_reflns.pdbx_d_opt                       ? 
_reflns.pdbx_number_measured_all         ? 
_reflns.pdbx_diffrn_id                   1 
_reflns.pdbx_ordinal                     1 
_reflns.pdbx_CC_half                     ? 
_reflns.pdbx_R_split                     ? 
# 
_refine.aniso_B[1][1]                            -0.04 
_refine.aniso_B[1][2]                            -0.02 
_refine.aniso_B[1][3]                            0.00 
_refine.aniso_B[2][2]                            -0.04 
_refine.aniso_B[2][3]                            0.00 
_refine.aniso_B[3][3]                            0.12 
_refine.B_iso_max                                ? 
_refine.B_iso_mean                               78.567 
_refine.B_iso_min                                ? 
_refine.correlation_coeff_Fo_to_Fc               0.932 
_refine.correlation_coeff_Fo_to_Fc_free          0.905 
_refine.details                                  'HYDROGENS HAVE BEEN ADDED IN THE RIDING POSITIONS' 
_refine.diff_density_max                         ? 
_refine.diff_density_max_esd                     ? 
_refine.diff_density_min                         ? 
_refine.diff_density_min_esd                     ? 
_refine.diff_density_rms                         ? 
_refine.diff_density_rms_esd                     ? 
_refine.entry_id                                 5MTN 
_refine.pdbx_refine_id                           'X-RAY DIFFRACTION' 
_refine.ls_abs_structure_details                 ? 
_refine.ls_abs_structure_Flack                   ? 
_refine.ls_abs_structure_Flack_esd               ? 
_refine.ls_abs_structure_Rogers                  ? 
_refine.ls_abs_structure_Rogers_esd              ? 
_refine.ls_d_res_high                            2.85 
_refine.ls_d_res_low                             45.70 
_refine.ls_extinction_coef                       ? 
_refine.ls_extinction_coef_esd                   ? 
_refine.ls_extinction_expression                 ? 
_refine.ls_extinction_method                     ? 
_refine.ls_goodness_of_fit_all                   ? 
_refine.ls_goodness_of_fit_all_esd               ? 
_refine.ls_goodness_of_fit_obs                   ? 
_refine.ls_goodness_of_fit_obs_esd               ? 
_refine.ls_hydrogen_treatment                    ? 
_refine.ls_matrix_type                           ? 
_refine.ls_number_constraints                    ? 
_refine.ls_number_parameters                     ? 
_refine.ls_number_reflns_all                     ? 
_refine.ls_number_reflns_obs                     10316 
_refine.ls_number_reflns_R_free                  544 
_refine.ls_number_reflns_R_work                  ? 
_refine.ls_number_restraints                     ? 
_refine.ls_percent_reflns_obs                    99.90 
_refine.ls_percent_reflns_R_free                 5.3 
_refine.ls_R_factor_all                          ? 
_refine.ls_R_factor_obs                          0.22944 
_refine.ls_R_factor_R_free                       0.26503 
_refine.ls_R_factor_R_free_error                 ? 
_refine.ls_R_factor_R_free_error_details         ? 
_refine.ls_R_factor_R_work                       0.22751 
_refine.ls_R_Fsqd_factor_obs                     ? 
_refine.ls_R_I_factor_obs                        ? 
_refine.ls_redundancy_reflns_all                 ? 
_refine.ls_redundancy_reflns_obs                 ? 
_refine.ls_restrained_S_all                      ? 
_refine.ls_restrained_S_obs                      ? 
_refine.ls_shift_over_esd_max                    ? 
_refine.ls_shift_over_esd_mean                   ? 
_refine.ls_structure_factor_coef                 ? 
_refine.ls_weighting_details                     ? 
_refine.ls_weighting_scheme                      ? 
_refine.ls_wR_factor_all                         ? 
_refine.ls_wR_factor_obs                         ? 
_refine.ls_wR_factor_R_free                      ? 
_refine.ls_wR_factor_R_work                      ? 
_refine.occupancy_max                            ? 
_refine.occupancy_min                            ? 
_refine.solvent_model_details                    ? 
_refine.solvent_model_param_bsol                 ? 
_refine.solvent_model_param_ksol                 ? 
_refine.ls_R_factor_gt                           ? 
_refine.ls_goodness_of_fit_gt                    ? 
_refine.ls_goodness_of_fit_ref                   ? 
_refine.ls_shift_over_su_max                     ? 
_refine.ls_shift_over_su_max_lt                  ? 
_refine.ls_shift_over_su_mean                    ? 
_refine.ls_shift_over_su_mean_lt                 ? 
_refine.pdbx_ls_sigma_I                          ? 
_refine.pdbx_ls_sigma_F                          ? 
_refine.pdbx_ls_sigma_Fsqd                       ? 
_refine.pdbx_data_cutoff_high_absF               ? 
_refine.pdbx_data_cutoff_high_rms_absF           ? 
_refine.pdbx_data_cutoff_low_absF                ? 
_refine.pdbx_isotropic_thermal_model             ? 
_refine.pdbx_ls_cross_valid_method               THROUGHOUT 
_refine.pdbx_method_to_determine_struct          'MOLECULAR REPLACEMENT' 
_refine.pdbx_starting_model                      ? 
_refine.pdbx_stereochemistry_target_values       ? 
_refine.pdbx_R_Free_selection_details            RANDOM 
_refine.pdbx_stereochem_target_val_spec_case     ? 
_refine.pdbx_overall_ESU_R                       0.396 
_refine.pdbx_overall_ESU_R_Free                  0.295 
_refine.pdbx_solvent_vdw_probe_radii             1.20 
_refine.pdbx_solvent_ion_probe_radii             0.80 
_refine.pdbx_solvent_shrinkage_radii             0.80 
_refine.pdbx_real_space_R                        ? 
_refine.pdbx_density_correlation                 ? 
_refine.pdbx_pd_number_of_powder_patterns        ? 
_refine.pdbx_pd_number_of_points                 ? 
_refine.pdbx_pd_meas_number_of_points            ? 
_refine.pdbx_pd_proc_ls_prof_R_factor            ? 
_refine.pdbx_pd_proc_ls_prof_wR_factor           ? 
_refine.pdbx_pd_Marquardt_correlation_coeff      ? 
_refine.pdbx_pd_Fsqrd_R_factor                   ? 
_refine.pdbx_pd_ls_matrix_band_width             ? 
_refine.pdbx_overall_phase_error                 ? 
_refine.pdbx_overall_SU_R_free_Cruickshank_DPI   ? 
_refine.pdbx_overall_SU_R_free_Blow_DPI          ? 
_refine.pdbx_overall_SU_R_Blow_DPI               ? 
_refine.pdbx_TLS_residual_ADP_flag               ? 
_refine.pdbx_diffrn_id                           1 
_refine.overall_SU_B                             13.606 
_refine.overall_SU_ML                            0.253 
_refine.overall_SU_R_Cruickshank_DPI             ? 
_refine.overall_SU_R_free                        ? 
_refine.overall_FOM_free_R_set                   ? 
_refine.overall_FOM_work_R_set                   ? 
_refine.pdbx_average_fsc_overall                 ? 
_refine.pdbx_average_fsc_work                    ? 
_refine.pdbx_average_fsc_free                    ? 
# 
_refine_hist.pdbx_refine_id                   'X-RAY DIFFRACTION' 
_refine_hist.cycle_id                         1 
_refine_hist.pdbx_number_atoms_protein        1424 
_refine_hist.pdbx_number_atoms_nucleic_acid   0 
_refine_hist.pdbx_number_atoms_ligand         15 
_refine_hist.number_atoms_solvent             0 
_refine_hist.number_atoms_total               1439 
_refine_hist.d_res_high                       2.85 
_refine_hist.d_res_low                        45.70 
# 
loop_
_refine_ls_restr.pdbx_refine_id 
_refine_ls_restr.criterion 
_refine_ls_restr.dev_ideal 
_refine_ls_restr.dev_ideal_target 
_refine_ls_restr.number 
_refine_ls_restr.rejects 
_refine_ls_restr.type 
_refine_ls_restr.weight 
_refine_ls_restr.pdbx_restraint_function 
'X-RAY DIFFRACTION' ? 0.007  0.019  1476 ? r_bond_refined_d             ? ? 
'X-RAY DIFFRACTION' ? 0.002  0.020  1346 ? r_bond_other_d               ? ? 
'X-RAY DIFFRACTION' ? 1.317  1.961  2012 ? r_angle_refined_deg          ? ? 
'X-RAY DIFFRACTION' ? 0.938  3.000  3106 ? r_angle_other_deg            ? ? 
'X-RAY DIFFRACTION' ? 6.396  5.000  179  ? r_dihedral_angle_1_deg       ? ? 
'X-RAY DIFFRACTION' ? 30.317 22.742 62   ? r_dihedral_angle_2_deg       ? ? 
'X-RAY DIFFRACTION' ? 20.283 15.000 221  ? r_dihedral_angle_3_deg       ? ? 
'X-RAY DIFFRACTION' ? 27.515 15.000 9    ? r_dihedral_angle_4_deg       ? ? 
'X-RAY DIFFRACTION' ? 0.068  0.200  223  ? r_chiral_restr               ? ? 
'X-RAY DIFFRACTION' ? 0.005  0.021  1633 ? r_gen_planes_refined         ? ? 
'X-RAY DIFFRACTION' ? 0.002  0.020  342  ? r_gen_planes_other           ? ? 
'X-RAY DIFFRACTION' ? ?      ?      ?    ? r_nbd_refined                ? ? 
'X-RAY DIFFRACTION' ? ?      ?      ?    ? r_nbd_other                  ? ? 
'X-RAY DIFFRACTION' ? ?      ?      ?    ? r_nbtor_refined              ? ? 
'X-RAY DIFFRACTION' ? ?      ?      ?    ? r_nbtor_other                ? ? 
'X-RAY DIFFRACTION' ? ?      ?      ?    ? r_xyhbond_nbd_refined        ? ? 
'X-RAY DIFFRACTION' ? ?      ?      ?    ? r_xyhbond_nbd_other          ? ? 
'X-RAY DIFFRACTION' ? ?      ?      ?    ? r_metal_ion_refined          ? ? 
'X-RAY DIFFRACTION' ? ?      ?      ?    ? r_metal_ion_other            ? ? 
'X-RAY DIFFRACTION' ? ?      ?      ?    ? r_symmetry_vdw_refined       ? ? 
'X-RAY DIFFRACTION' ? ?      ?      ?    ? r_symmetry_vdw_other         ? ? 
'X-RAY DIFFRACTION' ? ?      ?      ?    ? r_symmetry_hbond_refined     ? ? 
'X-RAY DIFFRACTION' ? ?      ?      ?    ? r_symmetry_hbond_other       ? ? 
'X-RAY DIFFRACTION' ? ?      ?      ?    ? r_symmetry_metal_ion_refined ? ? 
'X-RAY DIFFRACTION' ? ?      ?      ?    ? r_symmetry_metal_ion_other   ? ? 
'X-RAY DIFFRACTION' ? 2.795  7.822  725  ? r_mcbond_it                  ? ? 
'X-RAY DIFFRACTION' ? 2.795  7.820  724  ? r_mcbond_other               ? ? 
'X-RAY DIFFRACTION' ? 4.703  11.714 901  ? r_mcangle_it                 ? ? 
'X-RAY DIFFRACTION' ? 4.701  11.717 902  ? r_mcangle_other              ? ? 
'X-RAY DIFFRACTION' ? 2.644  8.101  751  ? r_scbond_it                  ? ? 
'X-RAY DIFFRACTION' ? 2.599  8.047  740  ? r_scbond_other               ? ? 
'X-RAY DIFFRACTION' ? ?      ?      ?    ? r_scangle_it                 ? ? 
'X-RAY DIFFRACTION' ? 4.307  11.967 1094 ? r_scangle_other              ? ? 
'X-RAY DIFFRACTION' ? 7.247  62.259 1551 ? r_long_range_B_refined       ? ? 
'X-RAY DIFFRACTION' ? 7.245  62.282 1552 ? r_long_range_B_other         ? ? 
'X-RAY DIFFRACTION' ? ?      ?      ?    ? r_rigid_bond_restr           ? ? 
'X-RAY DIFFRACTION' ? ?      ?      ?    ? r_sphericity_free            ? ? 
'X-RAY DIFFRACTION' ? ?      ?      ?    ? r_sphericity_bonded          ? ? 
# 
_refine_ls_shell.pdbx_refine_id                   'X-RAY DIFFRACTION' 
_refine_ls_shell.d_res_high                       2.853 
_refine_ls_shell.d_res_low                        2.927 
_refine_ls_shell.number_reflns_all                ? 
_refine_ls_shell.number_reflns_obs                ? 
_refine_ls_shell.number_reflns_R_free             46 
_refine_ls_shell.number_reflns_R_work             693 
_refine_ls_shell.percent_reflns_obs               99.46 
_refine_ls_shell.percent_reflns_R_free            ? 
_refine_ls_shell.R_factor_all                     ? 
_refine_ls_shell.R_factor_obs                     ? 
_refine_ls_shell.R_factor_R_free                  0.315 
_refine_ls_shell.R_factor_R_free_error            ? 
_refine_ls_shell.R_factor_R_work                  0.375 
_refine_ls_shell.redundancy_reflns_all            ? 
_refine_ls_shell.redundancy_reflns_obs            ? 
_refine_ls_shell.wR_factor_all                    ? 
_refine_ls_shell.wR_factor_obs                    ? 
_refine_ls_shell.wR_factor_R_free                 ? 
_refine_ls_shell.wR_factor_R_work                 ? 
_refine_ls_shell.pdbx_total_number_of_bins_used   20 
_refine_ls_shell.pdbx_phase_error                 ? 
_refine_ls_shell.pdbx_fsc_work                    ? 
_refine_ls_shell.pdbx_fsc_free                    ? 
# 
_struct.entry_id                     5MTN 
_struct.title                        'Monobody Mb(Lck_1) bound to Lck-Sh2' 
_struct.pdbx_model_details           ? 
_struct.pdbx_formula_weight          ? 
_struct.pdbx_formula_weight_method   ? 
_struct.pdbx_model_type_details      ? 
_struct.pdbx_CASP_flag               N 
# 
_struct_keywords.entry_id        5MTN 
_struct_keywords.text            'Src homology 2, Monobodies, Directed evolution, transferase' 
_struct_keywords.pdbx_keywords   TRANSFERASE 
# 
loop_
_struct_asym.id 
_struct_asym.pdbx_blank_PDB_chainid_flag 
_struct_asym.pdbx_modified 
_struct_asym.entity_id 
_struct_asym.details 
A N N 1 ? 
B N N 2 ? 
C N N 3 ? 
D N N 3 ? 
E N N 3 ? 
# 
loop_
_struct_ref.id 
_struct_ref.db_name 
_struct_ref.db_code 
_struct_ref.pdbx_db_accession 
_struct_ref.pdbx_db_isoform 
_struct_ref.entity_id 
_struct_ref.pdbx_seq_one_letter_code 
_struct_ref.pdbx_align_begin 
1 UNP LCK_HUMAN P06239 ? 1 
;KANSLEPEPWFFKNLSRKDAERQLLAPGNTHGSFLIRESESTAGSFSLSVRDFDQNQGEVVKHYKIRNLDNGGFYISPRI
TFPGLHELVRHYTNASDGLCTRLSRPCQTQKPQK
;
118 
2 PDB 5MTN      5MTN   ? 2 ? 1   
# 
loop_
_struct_ref_seq.align_id 
_struct_ref_seq.ref_id 
_struct_ref_seq.pdbx_PDB_id_code 
_struct_ref_seq.pdbx_strand_id 
_struct_ref_seq.seq_align_beg 
_struct_ref_seq.pdbx_seq_align_beg_ins_code 
_struct_ref_seq.seq_align_end 
_struct_ref_seq.pdbx_seq_align_end_ins_code 
_struct_ref_seq.pdbx_db_accession 
_struct_ref_seq.db_align_beg 
_struct_ref_seq.pdbx_db_align_beg_ins_code 
_struct_ref_seq.db_align_end 
_struct_ref_seq.pdbx_db_align_end_ins_code 
_struct_ref_seq.pdbx_auth_seq_align_beg 
_struct_ref_seq.pdbx_auth_seq_align_end 
1 1 5MTN A 3 ? 116 ? P06239 118 ? 231 ? 3 116 
2 2 5MTN B 1 ? 95  ? 5MTN   1   ? 95  ? 1 95  
# 
loop_
_struct_ref_seq_dif.align_id 
_struct_ref_seq_dif.pdbx_pdb_id_code 
_struct_ref_seq_dif.mon_id 
_struct_ref_seq_dif.pdbx_pdb_strand_id 
_struct_ref_seq_dif.seq_num 
_struct_ref_seq_dif.pdbx_pdb_ins_code 
_struct_ref_seq_dif.pdbx_seq_db_name 
_struct_ref_seq_dif.pdbx_seq_db_accession_code 
_struct_ref_seq_dif.db_mon_id 
_struct_ref_seq_dif.pdbx_seq_db_seq_num 
_struct_ref_seq_dif.details 
_struct_ref_seq_dif.pdbx_auth_seq_num 
_struct_ref_seq_dif.pdbx_ordinal 
1 5MTN GLY A 1 ? UNP P06239 ? ? 'expression tag' 1 1 
1 5MTN SER A 2 ? UNP P06239 ? ? 'expression tag' 2 2 
# 
_pdbx_struct_assembly.id                   1 
_pdbx_struct_assembly.details              author_and_software_defined_assembly 
_pdbx_struct_assembly.method_details       PISA 
_pdbx_struct_assembly.oligomeric_details   dimeric 
_pdbx_struct_assembly.oligomeric_count     2 
# 
loop_
_pdbx_struct_assembly_prop.biol_id 
_pdbx_struct_assembly_prop.type 
_pdbx_struct_assembly_prop.value 
_pdbx_struct_assembly_prop.details 
1 'ABSA (A^2)' 1990  ? 
1 MORE         -38   ? 
1 'SSA (A^2)'  10020 ? 
# 
_pdbx_struct_assembly_gen.assembly_id       1 
_pdbx_struct_assembly_gen.oper_expression   1 
_pdbx_struct_assembly_gen.asym_id_list      A,B,C,D,E 
# 
_pdbx_struct_oper_list.id                   1 
_pdbx_struct_oper_list.type                 'identity operation' 
_pdbx_struct_oper_list.name                 1_555 
_pdbx_struct_oper_list.symmetry_operation   x,y,z 
_pdbx_struct_oper_list.matrix[1][1]         1.0000000000 
_pdbx_struct_oper_list.matrix[1][2]         0.0000000000 
_pdbx_struct_oper_list.matrix[1][3]         0.0000000000 
_pdbx_struct_oper_list.vector[1]            0.0000000000 
_pdbx_struct_oper_list.matrix[2][1]         0.0000000000 
_pdbx_struct_oper_list.matrix[2][2]         1.0000000000 
_pdbx_struct_oper_list.matrix[2][3]         0.0000000000 
_pdbx_struct_oper_list.vector[2]            0.0000000000 
_pdbx_struct_oper_list.matrix[3][1]         0.0000000000 
_pdbx_struct_oper_list.matrix[3][2]         0.0000000000 
_pdbx_struct_oper_list.matrix[3][3]         1.0000000000 
_pdbx_struct_oper_list.vector[3]            0.0000000000 
# 
loop_
_struct_conf.conf_type_id 
_struct_conf.id 
_struct_conf.pdbx_PDB_helix_id 
_struct_conf.beg_label_comp_id 
_struct_conf.beg_label_asym_id 
_struct_conf.beg_label_seq_id 
_struct_conf.pdbx_beg_PDB_ins_code 
_struct_conf.end_label_comp_id 
_struct_conf.end_label_asym_id 
_struct_conf.end_label_seq_id 
_struct_conf.pdbx_end_PDB_ins_code 
_struct_conf.beg_auth_comp_id 
_struct_conf.beg_auth_asym_id 
_struct_conf.beg_auth_seq_id 
_struct_conf.end_auth_comp_id 
_struct_conf.end_auth_asym_id 
_struct_conf.end_auth_seq_id 
_struct_conf.pdbx_PDB_helix_class 
_struct_conf.details 
_struct_conf.pdbx_PDB_helix_length 
HELX_P HELX_P1 AA1 SER A 18 ? ALA A 28 ? SER A 18 ALA A 28 1 ? 11 
HELX_P HELX_P2 AA2 GLY A 86 ? THR A 95 ? GLY A 86 THR A 95 1 ? 10 
# 
_struct_conf_type.id          HELX_P 
_struct_conf_type.criteria    ? 
_struct_conf_type.reference   ? 
# 
loop_
_struct_mon_prot_cis.pdbx_id 
_struct_mon_prot_cis.label_comp_id 
_struct_mon_prot_cis.label_seq_id 
_struct_mon_prot_cis.label_asym_id 
_struct_mon_prot_cis.label_alt_id 
_struct_mon_prot_cis.pdbx_PDB_ins_code 
_struct_mon_prot_cis.auth_comp_id 
_struct_mon_prot_cis.auth_seq_id 
_struct_mon_prot_cis.auth_asym_id 
_struct_mon_prot_cis.pdbx_label_comp_id_2 
_struct_mon_prot_cis.pdbx_label_seq_id_2 
_struct_mon_prot_cis.pdbx_label_asym_id_2 
_struct_mon_prot_cis.pdbx_PDB_ins_code_2 
_struct_mon_prot_cis.pdbx_auth_comp_id_2 
_struct_mon_prot_cis.pdbx_auth_seq_id_2 
_struct_mon_prot_cis.pdbx_auth_asym_id_2 
_struct_mon_prot_cis.pdbx_PDB_model_num 
_struct_mon_prot_cis.pdbx_omega_angle 
1 SER 2 B . ? SER 2 B VAL 3 B ? VAL 3 B 1 4.58  
2 VAL 6 B . ? VAL 6 B PRO 7 B ? PRO 7 B 1 -2.04 
# 
loop_
_struct_sheet.id 
_struct_sheet.type 
_struct_sheet.number_strands 
_struct_sheet.details 
AA1 ? 4 ? 
AA2 ? 2 ? 
AA3 ? 2 ? 
AA4 ? 3 ? 
AA5 ? 4 ? 
# 
loop_
_struct_sheet_order.sheet_id 
_struct_sheet_order.range_id_1 
_struct_sheet_order.range_id_2 
_struct_sheet_order.offset 
_struct_sheet_order.sense 
AA1 1 2 ? parallel      
AA1 2 3 ? anti-parallel 
AA1 3 4 ? anti-parallel 
AA2 1 2 ? anti-parallel 
AA3 1 2 ? anti-parallel 
AA4 1 2 ? anti-parallel 
AA4 2 3 ? anti-parallel 
AA5 1 2 ? anti-parallel 
AA5 2 3 ? anti-parallel 
AA5 3 4 ? anti-parallel 
# 
loop_
_struct_sheet_range.sheet_id 
_struct_sheet_range.id 
_struct_sheet_range.beg_label_comp_id 
_struct_sheet_range.beg_label_asym_id 
_struct_sheet_range.beg_label_seq_id 
_struct_sheet_range.pdbx_beg_PDB_ins_code 
_struct_sheet_range.end_label_comp_id 
_struct_sheet_range.end_label_asym_id 
_struct_sheet_range.end_label_seq_id 
_struct_sheet_range.pdbx_end_PDB_ins_code 
_struct_sheet_range.beg_auth_comp_id 
_struct_sheet_range.beg_auth_asym_id 
_struct_sheet_range.beg_auth_seq_id 
_struct_sheet_range.end_auth_comp_id 
_struct_sheet_range.end_auth_asym_id 
_struct_sheet_range.end_auth_seq_id 
AA1 1 PHE A 13 ? PHE A 14 ? PHE A 13 PHE A 14 
AA1 2 PHE A 36 ? GLU A 40 ? PHE A 36 GLU A 40 
AA1 3 PHE A 48 ? PHE A 55 ? PHE A 48 PHE A 55 
AA1 4 GLU A 61 ? LYS A 67 ? GLU A 61 LYS A 67 
AA2 1 ARG A 69 ? ASN A 70 ? ARG A 69 ASN A 70 
AA2 2 PHE A 76 ? TYR A 77 ? PHE A 76 TYR A 77 
AA3 1 ILE A 82 ? THR A 83 ? ILE A 82 THR A 83 
AA3 2 GLY B 83 ? TYR B 84 ? GLY B 83 TYR B 84 
AA4 1 LEU B 10 ? ALA B 15 ? LEU B 10 ALA B 15 
AA4 2 LEU B 20 ? TRP B 24 ? LEU B 20 TRP B 24 
AA4 3 THR B 59 ? ILE B 62 ? THR B 59 ILE B 62 
AA5 1 GLN B 49 ? PRO B 54 ? GLN B 49 PRO B 54 
AA5 2 TYR B 33 ? GLU B 40 ? TYR B 33 GLU B 40 
AA5 3 ASP B 70 ? HIS B 78 ? ASP B 70 HIS B 78 
AA5 4 ILE B 89 ? ARG B 94 ? ILE B 89 ARG B 94 
# 
loop_
_pdbx_struct_sheet_hbond.sheet_id 
_pdbx_struct_sheet_hbond.range_id_1 
_pdbx_struct_sheet_hbond.range_id_2 
_pdbx_struct_sheet_hbond.range_1_label_atom_id 
_pdbx_struct_sheet_hbond.range_1_label_comp_id 
_pdbx_struct_sheet_hbond.range_1_label_asym_id 
_pdbx_struct_sheet_hbond.range_1_label_seq_id 
_pdbx_struct_sheet_hbond.range_1_PDB_ins_code 
_pdbx_struct_sheet_hbond.range_1_auth_atom_id 
_pdbx_struct_sheet_hbond.range_1_auth_comp_id 
_pdbx_struct_sheet_hbond.range_1_auth_asym_id 
_pdbx_struct_sheet_hbond.range_1_auth_seq_id 
_pdbx_struct_sheet_hbond.range_2_label_atom_id 
_pdbx_struct_sheet_hbond.range_2_label_comp_id 
_pdbx_struct_sheet_hbond.range_2_label_asym_id 
_pdbx_struct_sheet_hbond.range_2_label_seq_id 
_pdbx_struct_sheet_hbond.range_2_PDB_ins_code 
_pdbx_struct_sheet_hbond.range_2_auth_atom_id 
_pdbx_struct_sheet_hbond.range_2_auth_comp_id 
_pdbx_struct_sheet_hbond.range_2_auth_asym_id 
_pdbx_struct_sheet_hbond.range_2_auth_seq_id 
AA1 1 2 N PHE A 14 ? N PHE A 14 O ILE A 38 ? O ILE A 38 
AA1 2 3 N ARG A 39 ? N ARG A 39 O SER A 49 ? O SER A 49 
AA1 3 4 N ASP A 54 ? N ASP A 54 O VAL A 62 ? O VAL A 62 
AA2 1 2 N ARG A 69 ? N ARG A 69 O TYR A 77 ? O TYR A 77 
AA3 1 2 N THR A 83 ? N THR A 83 O GLY B 83 ? O GLY B 83 
AA4 1 2 N ALA B 14 ? N ALA B 14 O LEU B 21 ? O LEU B 21 
AA4 2 3 N LEU B 20 ? N LEU B 20 O ILE B 62 ? O ILE B 62 
AA5 1 2 O VAL B 53 ? O VAL B 53 N TYR B 34 ? N TYR B 34 
AA5 2 3 N LEU B 35 ? N LEU B 35 O TYR B 76 ? O TYR B 76 
AA5 3 4 N ILE B 73 ? N ILE B 73 O ILE B 91 ? O ILE B 91 
# 
loop_
_struct_site.id 
_struct_site.pdbx_evidence_code 
_struct_site.pdbx_auth_asym_id 
_struct_site.pdbx_auth_comp_id 
_struct_site.pdbx_auth_seq_id 
_struct_site.pdbx_auth_ins_code 
_struct_site.pdbx_num_residues 
_struct_site.details 
AC1 Software A SO4 201 ? 3 'binding site for residue SO4 A 201' 
AC2 Software B SO4 101 ? 3 'binding site for residue SO4 B 101' 
AC3 Software B SO4 102 ? 3 'binding site for residue SO4 B 102' 
# 
loop_
_struct_site_gen.id 
_struct_site_gen.site_id 
_struct_site_gen.pdbx_num_res 
_struct_site_gen.label_comp_id 
_struct_site_gen.label_asym_id 
_struct_site_gen.label_seq_id 
_struct_site_gen.pdbx_auth_ins_code 
_struct_site_gen.auth_comp_id 
_struct_site_gen.auth_asym_id 
_struct_site_gen.auth_seq_id 
_struct_site_gen.label_atom_id 
_struct_site_gen.label_alt_id 
_struct_site_gen.symmetry 
_struct_site_gen.details 
1 AC1 3 PRO A 29 ? PRO A 29 . ? 1_555 ? 
2 AC1 3 GLY A 30 ? GLY A 30 . ? 1_555 ? 
3 AC1 3 LYS B 9  ? LYS B 9  . ? 3_655 ? 
4 AC2 3 LYS B 57 ? LYS B 57 . ? 1_555 ? 
5 AC2 3 SER B 58 ? SER B 58 . ? 1_555 ? 
6 AC2 3 THR B 59 ? THR B 59 . ? 1_555 ? 
7 AC3 3 ASN A 70 ? ASN A 70 . ? 6_555 ? 
8 AC3 3 LYS B 57 ? LYS B 57 . ? 1_555 ? 
9 AC3 3 THR B 61 ? THR B 61 . ? 1_555 ? 
# 
loop_
_pdbx_validate_torsion.id 
_pdbx_validate_torsion.PDB_model_num 
_pdbx_validate_torsion.auth_comp_id 
_pdbx_validate_torsion.auth_asym_id 
_pdbx_validate_torsion.auth_seq_id 
_pdbx_validate_torsion.PDB_ins_code 
_pdbx_validate_torsion.label_alt_id 
_pdbx_validate_torsion.phi 
_pdbx_validate_torsion.psi 
1 1 THR A 44 ? ? -160.06 84.99  
2 1 ALA A 45 ? ? 22.76   93.76  
3 1 SER B 4  ? ? 80.93   138.96 
# 
_pdbx_validate_peptide_omega.id               1 
_pdbx_validate_peptide_omega.PDB_model_num    1 
_pdbx_validate_peptide_omega.auth_comp_id_1   PRO 
_pdbx_validate_peptide_omega.auth_asym_id_1   B 
_pdbx_validate_peptide_omega.auth_seq_id_1    44 
_pdbx_validate_peptide_omega.PDB_ins_code_1   ? 
_pdbx_validate_peptide_omega.label_alt_id_1   ? 
_pdbx_validate_peptide_omega.auth_comp_id_2   TRP 
_pdbx_validate_peptide_omega.auth_asym_id_2   B 
_pdbx_validate_peptide_omega.auth_seq_id_2    45 
_pdbx_validate_peptide_omega.PDB_ins_code_2   ? 
_pdbx_validate_peptide_omega.label_alt_id_2   ? 
_pdbx_validate_peptide_omega.omega            -31.38 
# 
loop_
_pdbx_unobs_or_zero_occ_residues.id 
_pdbx_unobs_or_zero_occ_residues.PDB_model_num 
_pdbx_unobs_or_zero_occ_residues.polymer_flag 
_pdbx_unobs_or_zero_occ_residues.occupancy_flag 
_pdbx_unobs_or_zero_occ_residues.auth_asym_id 
_pdbx_unobs_or_zero_occ_residues.auth_comp_id 
_pdbx_unobs_or_zero_occ_residues.auth_seq_id 
_pdbx_unobs_or_zero_occ_residues.PDB_ins_code 
_pdbx_unobs_or_zero_occ_residues.label_asym_id 
_pdbx_unobs_or_zero_occ_residues.label_comp_id 
_pdbx_unobs_or_zero_occ_residues.label_seq_id 
1  1 Y 1 A GLY 1   ? A GLY 1   
2  1 Y 1 A SER 2   ? A SER 2   
3  1 Y 1 A LYS 3   ? A LYS 3   
4  1 Y 1 A ALA 4   ? A ALA 4   
5  1 Y 1 A ASN 5   ? A ASN 5   
6  1 Y 1 A ASN 58  ? A ASN 58  
7  1 Y 1 A GLN 59  ? A GLN 59  
8  1 Y 1 A ASN 96  ? A ASN 96  
9  1 Y 1 A ALA 97  ? A ALA 97  
10 1 Y 1 A SER 98  ? A SER 98  
11 1 Y 1 A ASP 99  ? A ASP 99  
12 1 Y 1 A GLY 100 ? A GLY 100 
13 1 Y 1 A LEU 101 ? A LEU 101 
14 1 Y 1 A CYS 102 ? A CYS 102 
15 1 Y 1 A THR 103 ? A THR 103 
16 1 Y 1 A ARG 104 ? A ARG 104 
17 1 Y 1 A LEU 105 ? A LEU 105 
18 1 Y 1 A SER 106 ? A SER 106 
19 1 Y 1 A ARG 107 ? A ARG 107 
20 1 Y 1 A PRO 108 ? A PRO 108 
21 1 Y 1 A CYS 109 ? A CYS 109 
22 1 Y 1 A GLN 110 ? A GLN 110 
23 1 Y 1 A THR 111 ? A THR 111 
24 1 Y 1 A GLN 112 ? A GLN 112 
25 1 Y 1 A LYS 113 ? A LYS 113 
26 1 Y 1 A PRO 114 ? A PRO 114 
27 1 Y 1 A GLN 115 ? A GLN 115 
28 1 Y 1 A LYS 116 ? A LYS 116 
29 1 Y 1 B GLY 1   ? B GLY 1   
# 
loop_
_chem_comp_atom.comp_id 
_chem_comp_atom.atom_id 
_chem_comp_atom.type_symbol 
_chem_comp_atom.pdbx_aromatic_flag 
_chem_comp_atom.pdbx_stereo_config 
_chem_comp_atom.pdbx_ordinal 
ALA N    N N N 1   
ALA CA   C N S 2   
ALA C    C N N 3   
ALA O    O N N 4   
ALA CB   C N N 5   
ALA OXT  O N N 6   
ALA H    H N N 7   
ALA H2   H N N 8   
ALA HA   H N N 9   
ALA HB1  H N N 10  
ALA HB2  H N N 11  
ALA HB3  H N N 12  
ALA HXT  H N N 13  
ARG N    N N N 14  
ARG CA   C N S 15  
ARG C    C N N 16  
ARG O    O N N 17  
ARG CB   C N N 18  
ARG CG   C N N 19  
ARG CD   C N N 20  
ARG NE   N N N 21  
ARG CZ   C N N 22  
ARG NH1  N N N 23  
ARG NH2  N N N 24  
ARG OXT  O N N 25  
ARG H    H N N 26  
ARG H2   H N N 27  
ARG HA   H N N 28  
ARG HB2  H N N 29  
ARG HB3  H N N 30  
ARG HG2  H N N 31  
ARG HG3  H N N 32  
ARG HD2  H N N 33  
ARG HD3  H N N 34  
ARG HE   H N N 35  
ARG HH11 H N N 36  
ARG HH12 H N N 37  
ARG HH21 H N N 38  
ARG HH22 H N N 39  
ARG HXT  H N N 40  
ASN N    N N N 41  
ASN CA   C N S 42  
ASN C    C N N 43  
ASN O    O N N 44  
ASN CB   C N N 45  
ASN CG   C N N 46  
ASN OD1  O N N 47  
ASN ND2  N N N 48  
ASN OXT  O N N 49  
ASN H    H N N 50  
ASN H2   H N N 51  
ASN HA   H N N 52  
ASN HB2  H N N 53  
ASN HB3  H N N 54  
ASN HD21 H N N 55  
ASN HD22 H N N 56  
ASN HXT  H N N 57  
ASP N    N N N 58  
ASP CA   C N S 59  
ASP C    C N N 60  
ASP O    O N N 61  
ASP CB   C N N 62  
ASP CG   C N N 63  
ASP OD1  O N N 64  
ASP OD2  O N N 65  
ASP OXT  O N N 66  
ASP H    H N N 67  
ASP H2   H N N 68  
ASP HA   H N N 69  
ASP HB2  H N N 70  
ASP HB3  H N N 71  
ASP HD2  H N N 72  
ASP HXT  H N N 73  
CYS N    N N N 74  
CYS CA   C N R 75  
CYS C    C N N 76  
CYS O    O N N 77  
CYS CB   C N N 78  
CYS SG   S N N 79  
CYS OXT  O N N 80  
CYS H    H N N 81  
CYS H2   H N N 82  
CYS HA   H N N 83  
CYS HB2  H N N 84  
CYS HB3  H N N 85  
CYS HG   H N N 86  
CYS HXT  H N N 87  
GLN N    N N N 88  
GLN CA   C N S 89  
GLN C    C N N 90  
GLN O    O N N 91  
GLN CB   C N N 92  
GLN CG   C N N 93  
GLN CD   C N N 94  
GLN OE1  O N N 95  
GLN NE2  N N N 96  
GLN OXT  O N N 97  
GLN H    H N N 98  
GLN H2   H N N 99  
GLN HA   H N N 100 
GLN HB2  H N N 101 
GLN HB3  H N N 102 
GLN HG2  H N N 103 
GLN HG3  H N N 104 
GLN HE21 H N N 105 
GLN HE22 H N N 106 
GLN HXT  H N N 107 
GLU N    N N N 108 
GLU CA   C N S 109 
GLU C    C N N 110 
GLU O    O N N 111 
GLU CB   C N N 112 
GLU CG   C N N 113 
GLU CD   C N N 114 
GLU OE1  O N N 115 
GLU OE2  O N N 116 
GLU OXT  O N N 117 
GLU H    H N N 118 
GLU H2   H N N 119 
GLU HA   H N N 120 
GLU HB2  H N N 121 
GLU HB3  H N N 122 
GLU HG2  H N N 123 
GLU HG3  H N N 124 
GLU HE2  H N N 125 
GLU HXT  H N N 126 
GLY N    N N N 127 
GLY CA   C N N 128 
GLY C    C N N 129 
GLY O    O N N 130 
GLY OXT  O N N 131 
GLY H    H N N 132 
GLY H2   H N N 133 
GLY HA2  H N N 134 
GLY HA3  H N N 135 
GLY HXT  H N N 136 
HIS N    N N N 137 
HIS CA   C N S 138 
HIS C    C N N 139 
HIS O    O N N 140 
HIS CB   C N N 141 
HIS CG   C Y N 142 
HIS ND1  N Y N 143 
HIS CD2  C Y N 144 
HIS CE1  C Y N 145 
HIS NE2  N Y N 146 
HIS OXT  O N N 147 
HIS H    H N N 148 
HIS H2   H N N 149 
HIS HA   H N N 150 
HIS HB2  H N N 151 
HIS HB3  H N N 152 
HIS HD1  H N N 153 
HIS HD2  H N N 154 
HIS HE1  H N N 155 
HIS HE2  H N N 156 
HIS HXT  H N N 157 
ILE N    N N N 158 
ILE CA   C N S 159 
ILE C    C N N 160 
ILE O    O N N 161 
ILE CB   C N S 162 
ILE CG1  C N N 163 
ILE CG2  C N N 164 
ILE CD1  C N N 165 
ILE OXT  O N N 166 
ILE H    H N N 167 
ILE H2   H N N 168 
ILE HA   H N N 169 
ILE HB   H N N 170 
ILE HG12 H N N 171 
ILE HG13 H N N 172 
ILE HG21 H N N 173 
ILE HG22 H N N 174 
ILE HG23 H N N 175 
ILE HD11 H N N 176 
ILE HD12 H N N 177 
ILE HD13 H N N 178 
ILE HXT  H N N 179 
LEU N    N N N 180 
LEU CA   C N S 181 
LEU C    C N N 182 
LEU O    O N N 183 
LEU CB   C N N 184 
LEU CG   C N N 185 
LEU CD1  C N N 186 
LEU CD2  C N N 187 
LEU OXT  O N N 188 
LEU H    H N N 189 
LEU H2   H N N 190 
LEU HA   H N N 191 
LEU HB2  H N N 192 
LEU HB3  H N N 193 
LEU HG   H N N 194 
LEU HD11 H N N 195 
LEU HD12 H N N 196 
LEU HD13 H N N 197 
LEU HD21 H N N 198 
LEU HD22 H N N 199 
LEU HD23 H N N 200 
LEU HXT  H N N 201 
LYS N    N N N 202 
LYS CA   C N S 203 
LYS C    C N N 204 
LYS O    O N N 205 
LYS CB   C N N 206 
LYS CG   C N N 207 
LYS CD   C N N 208 
LYS CE   C N N 209 
LYS NZ   N N N 210 
LYS OXT  O N N 211 
LYS H    H N N 212 
LYS H2   H N N 213 
LYS HA   H N N 214 
LYS HB2  H N N 215 
LYS HB3  H N N 216 
LYS HG2  H N N 217 
LYS HG3  H N N 218 
LYS HD2  H N N 219 
LYS HD3  H N N 220 
LYS HE2  H N N 221 
LYS HE3  H N N 222 
LYS HZ1  H N N 223 
LYS HZ2  H N N 224 
LYS HZ3  H N N 225 
LYS HXT  H N N 226 
PHE N    N N N 227 
PHE CA   C N S 228 
PHE C    C N N 229 
PHE O    O N N 230 
PHE CB   C N N 231 
PHE CG   C Y N 232 
PHE CD1  C Y N 233 
PHE CD2  C Y N 234 
PHE CE1  C Y N 235 
PHE CE2  C Y N 236 
PHE CZ   C Y N 237 
PHE OXT  O N N 238 
PHE H    H N N 239 
PHE H2   H N N 240 
PHE HA   H N N 241 
PHE HB2  H N N 242 
PHE HB3  H N N 243 
PHE HD1  H N N 244 
PHE HD2  H N N 245 
PHE HE1  H N N 246 
PHE HE2  H N N 247 
PHE HZ   H N N 248 
PHE HXT  H N N 249 
PRO N    N N N 250 
PRO CA   C N S 251 
PRO C    C N N 252 
PRO O    O N N 253 
PRO CB   C N N 254 
PRO CG   C N N 255 
PRO CD   C N N 256 
PRO OXT  O N N 257 
PRO H    H N N 258 
PRO HA   H N N 259 
PRO HB2  H N N 260 
PRO HB3  H N N 261 
PRO HG2  H N N 262 
PRO HG3  H N N 263 
PRO HD2  H N N 264 
PRO HD3  H N N 265 
PRO HXT  H N N 266 
SER N    N N N 267 
SER CA   C N S 268 
SER C    C N N 269 
SER O    O N N 270 
SER CB   C N N 271 
SER OG   O N N 272 
SER OXT  O N N 273 
SER H    H N N 274 
SER H2   H N N 275 
SER HA   H N N 276 
SER HB2  H N N 277 
SER HB3  H N N 278 
SER HG   H N N 279 
SER HXT  H N N 280 
SO4 S    S N N 281 
SO4 O1   O N N 282 
SO4 O2   O N N 283 
SO4 O3   O N N 284 
SO4 O4   O N N 285 
THR N    N N N 286 
THR CA   C N S 287 
THR C    C N N 288 
THR O    O N N 289 
THR CB   C N R 290 
THR OG1  O N N 291 
THR CG2  C N N 292 
THR OXT  O N N 293 
THR H    H N N 294 
THR H2   H N N 295 
THR HA   H N N 296 
THR HB   H N N 297 
THR HG1  H N N 298 
THR HG21 H N N 299 
THR HG22 H N N 300 
THR HG23 H N N 301 
THR HXT  H N N 302 
TRP N    N N N 303 
TRP CA   C N S 304 
TRP C    C N N 305 
TRP O    O N N 306 
TRP CB   C N N 307 
TRP CG   C Y N 308 
TRP CD1  C Y N 309 
TRP CD2  C Y N 310 
TRP NE1  N Y N 311 
TRP CE2  C Y N 312 
TRP CE3  C Y N 313 
TRP CZ2  C Y N 314 
TRP CZ3  C Y N 315 
TRP CH2  C Y N 316 
TRP OXT  O N N 317 
TRP H    H N N 318 
TRP H2   H N N 319 
TRP HA   H N N 320 
TRP HB2  H N N 321 
TRP HB3  H N N 322 
TRP HD1  H N N 323 
TRP HE1  H N N 324 
TRP HE3  H N N 325 
TRP HZ2  H N N 326 
TRP HZ3  H N N 327 
TRP HH2  H N N 328 
TRP HXT  H N N 329 
TYR N    N N N 330 
TYR CA   C N S 331 
TYR C    C N N 332 
TYR O    O N N 333 
TYR CB   C N N 334 
TYR CG   C Y N 335 
TYR CD1  C Y N 336 
TYR CD2  C Y N 337 
TYR CE1  C Y N 338 
TYR CE2  C Y N 339 
TYR CZ   C Y N 340 
TYR OH   O N N 341 
TYR OXT  O N N 342 
TYR H    H N N 343 
TYR H2   H N N 344 
TYR HA   H N N 345 
TYR HB2  H N N 346 
TYR HB3  H N N 347 
TYR HD1  H N N 348 
TYR HD2  H N N 349 
TYR HE1  H N N 350 
TYR HE2  H N N 351 
TYR HH   H N N 352 
TYR HXT  H N N 353 
VAL N    N N N 354 
VAL CA   C N S 355 
VAL C    C N N 356 
VAL O    O N N 357 
VAL CB   C N N 358 
VAL CG1  C N N 359 
VAL CG2  C N N 360 
VAL OXT  O N N 361 
VAL H    H N N 362 
VAL H2   H N N 363 
VAL HA   H N N 364 
VAL HB   H N N 365 
VAL HG11 H N N 366 
VAL HG12 H N N 367 
VAL HG13 H N N 368 
VAL HG21 H N N 369 
VAL HG22 H N N 370 
VAL HG23 H N N 371 
VAL HXT  H N N 372 
# 
loop_
_chem_comp_bond.comp_id 
_chem_comp_bond.atom_id_1 
_chem_comp_bond.atom_id_2 
_chem_comp_bond.value_order 
_chem_comp_bond.pdbx_aromatic_flag 
_chem_comp_bond.pdbx_stereo_config 
_chem_comp_bond.pdbx_ordinal 
ALA N   CA   sing N N 1   
ALA N   H    sing N N 2   
ALA N   H2   sing N N 3   
ALA CA  C    sing N N 4   
ALA CA  CB   sing N N 5   
ALA CA  HA   sing N N 6   
ALA C   O    doub N N 7   
ALA C   OXT  sing N N 8   
ALA CB  HB1  sing N N 9   
ALA CB  HB2  sing N N 10  
ALA CB  HB3  sing N N 11  
ALA OXT HXT  sing N N 12  
ARG N   CA   sing N N 13  
ARG N   H    sing N N 14  
ARG N   H2   sing N N 15  
ARG CA  C    sing N N 16  
ARG CA  CB   sing N N 17  
ARG CA  HA   sing N N 18  
ARG C   O    doub N N 19  
ARG C   OXT  sing N N 20  
ARG CB  CG   sing N N 21  
ARG CB  HB2  sing N N 22  
ARG CB  HB3  sing N N 23  
ARG CG  CD   sing N N 24  
ARG CG  HG2  sing N N 25  
ARG CG  HG3  sing N N 26  
ARG CD  NE   sing N N 27  
ARG CD  HD2  sing N N 28  
ARG CD  HD3  sing N N 29  
ARG NE  CZ   sing N N 30  
ARG NE  HE   sing N N 31  
ARG CZ  NH1  sing N N 32  
ARG CZ  NH2  doub N N 33  
ARG NH1 HH11 sing N N 34  
ARG NH1 HH12 sing N N 35  
ARG NH2 HH21 sing N N 36  
ARG NH2 HH22 sing N N 37  
ARG OXT HXT  sing N N 38  
ASN N   CA   sing N N 39  
ASN N   H    sing N N 40  
ASN N   H2   sing N N 41  
ASN CA  C    sing N N 42  
ASN CA  CB   sing N N 43  
ASN CA  HA   sing N N 44  
ASN C   O    doub N N 45  
ASN C   OXT  sing N N 46  
ASN CB  CG   sing N N 47  
ASN CB  HB2  sing N N 48  
ASN CB  HB3  sing N N 49  
ASN CG  OD1  doub N N 50  
ASN CG  ND2  sing N N 51  
ASN ND2 HD21 sing N N 52  
ASN ND2 HD22 sing N N 53  
ASN OXT HXT  sing N N 54  
ASP N   CA   sing N N 55  
ASP N   H    sing N N 56  
ASP N   H2   sing N N 57  
ASP CA  C    sing N N 58  
ASP CA  CB   sing N N 59  
ASP CA  HA   sing N N 60  
ASP C   O    doub N N 61  
ASP C   OXT  sing N N 62  
ASP CB  CG   sing N N 63  
ASP CB  HB2  sing N N 64  
ASP CB  HB3  sing N N 65  
ASP CG  OD1  doub N N 66  
ASP CG  OD2  sing N N 67  
ASP OD2 HD2  sing N N 68  
ASP OXT HXT  sing N N 69  
CYS N   CA   sing N N 70  
CYS N   H    sing N N 71  
CYS N   H2   sing N N 72  
CYS CA  C    sing N N 73  
CYS CA  CB   sing N N 74  
CYS CA  HA   sing N N 75  
CYS C   O    doub N N 76  
CYS C   OXT  sing N N 77  
CYS CB  SG   sing N N 78  
CYS CB  HB2  sing N N 79  
CYS CB  HB3  sing N N 80  
CYS SG  HG   sing N N 81  
CYS OXT HXT  sing N N 82  
GLN N   CA   sing N N 83  
GLN N   H    sing N N 84  
GLN N   H2   sing N N 85  
GLN CA  C    sing N N 86  
GLN CA  CB   sing N N 87  
GLN CA  HA   sing N N 88  
GLN C   O    doub N N 89  
GLN C   OXT  sing N N 90  
GLN CB  CG   sing N N 91  
GLN CB  HB2  sing N N 92  
GLN CB  HB3  sing N N 93  
GLN CG  CD   sing N N 94  
GLN CG  HG2  sing N N 95  
GLN CG  HG3  sing N N 96  
GLN CD  OE1  doub N N 97  
GLN CD  NE2  sing N N 98  
GLN NE2 HE21 sing N N 99  
GLN NE2 HE22 sing N N 100 
GLN OXT HXT  sing N N 101 
GLU N   CA   sing N N 102 
GLU N   H    sing N N 103 
GLU N   H2   sing N N 104 
GLU CA  C    sing N N 105 
GLU CA  CB   sing N N 106 
GLU CA  HA   sing N N 107 
GLU C   O    doub N N 108 
GLU C   OXT  sing N N 109 
GLU CB  CG   sing N N 110 
GLU CB  HB2  sing N N 111 
GLU CB  HB3  sing N N 112 
GLU CG  CD   sing N N 113 
GLU CG  HG2  sing N N 114 
GLU CG  HG3  sing N N 115 
GLU CD  OE1  doub N N 116 
GLU CD  OE2  sing N N 117 
GLU OE2 HE2  sing N N 118 
GLU OXT HXT  sing N N 119 
GLY N   CA   sing N N 120 
GLY N   H    sing N N 121 
GLY N   H2   sing N N 122 
GLY CA  C    sing N N 123 
GLY CA  HA2  sing N N 124 
GLY CA  HA3  sing N N 125 
GLY C   O    doub N N 126 
GLY C   OXT  sing N N 127 
GLY OXT HXT  sing N N 128 
HIS N   CA   sing N N 129 
HIS N   H    sing N N 130 
HIS N   H2   sing N N 131 
HIS CA  C    sing N N 132 
HIS CA  CB   sing N N 133 
HIS CA  HA   sing N N 134 
HIS C   O    doub N N 135 
HIS C   OXT  sing N N 136 
HIS CB  CG   sing N N 137 
HIS CB  HB2  sing N N 138 
HIS CB  HB3  sing N N 139 
HIS CG  ND1  sing Y N 140 
HIS CG  CD2  doub Y N 141 
HIS ND1 CE1  doub Y N 142 
HIS ND1 HD1  sing N N 143 
HIS CD2 NE2  sing Y N 144 
HIS CD2 HD2  sing N N 145 
HIS CE1 NE2  sing Y N 146 
HIS CE1 HE1  sing N N 147 
HIS NE2 HE2  sing N N 148 
HIS OXT HXT  sing N N 149 
ILE N   CA   sing N N 150 
ILE N   H    sing N N 151 
ILE N   H2   sing N N 152 
ILE CA  C    sing N N 153 
ILE CA  CB   sing N N 154 
ILE CA  HA   sing N N 155 
ILE C   O    doub N N 156 
ILE C   OXT  sing N N 157 
ILE CB  CG1  sing N N 158 
ILE CB  CG2  sing N N 159 
ILE CB  HB   sing N N 160 
ILE CG1 CD1  sing N N 161 
ILE CG1 HG12 sing N N 162 
ILE CG1 HG13 sing N N 163 
ILE CG2 HG21 sing N N 164 
ILE CG2 HG22 sing N N 165 
ILE CG2 HG23 sing N N 166 
ILE CD1 HD11 sing N N 167 
ILE CD1 HD12 sing N N 168 
ILE CD1 HD13 sing N N 169 
ILE OXT HXT  sing N N 170 
LEU N   CA   sing N N 171 
LEU N   H    sing N N 172 
LEU N   H2   sing N N 173 
LEU CA  C    sing N N 174 
LEU CA  CB   sing N N 175 
LEU CA  HA   sing N N 176 
LEU C   O    doub N N 177 
LEU C   OXT  sing N N 178 
LEU CB  CG   sing N N 179 
LEU CB  HB2  sing N N 180 
LEU CB  HB3  sing N N 181 
LEU CG  CD1  sing N N 182 
LEU CG  CD2  sing N N 183 
LEU CG  HG   sing N N 184 
LEU CD1 HD11 sing N N 185 
LEU CD1 HD12 sing N N 186 
LEU CD1 HD13 sing N N 187 
LEU CD2 HD21 sing N N 188 
LEU CD2 HD22 sing N N 189 
LEU CD2 HD23 sing N N 190 
LEU OXT HXT  sing N N 191 
LYS N   CA   sing N N 192 
LYS N   H    sing N N 193 
LYS N   H2   sing N N 194 
LYS CA  C    sing N N 195 
LYS CA  CB   sing N N 196 
LYS CA  HA   sing N N 197 
LYS C   O    doub N N 198 
LYS C   OXT  sing N N 199 
LYS CB  CG   sing N N 200 
LYS CB  HB2  sing N N 201 
LYS CB  HB3  sing N N 202 
LYS CG  CD   sing N N 203 
LYS CG  HG2  sing N N 204 
LYS CG  HG3  sing N N 205 
LYS CD  CE   sing N N 206 
LYS CD  HD2  sing N N 207 
LYS CD  HD3  sing N N 208 
LYS CE  NZ   sing N N 209 
LYS CE  HE2  sing N N 210 
LYS CE  HE3  sing N N 211 
LYS NZ  HZ1  sing N N 212 
LYS NZ  HZ2  sing N N 213 
LYS NZ  HZ3  sing N N 214 
LYS OXT HXT  sing N N 215 
PHE N   CA   sing N N 216 
PHE N   H    sing N N 217 
PHE N   H2   sing N N 218 
PHE CA  C    sing N N 219 
PHE CA  CB   sing N N 220 
PHE CA  HA   sing N N 221 
PHE C   O    doub N N 222 
PHE C   OXT  sing N N 223 
PHE CB  CG   sing N N 224 
PHE CB  HB2  sing N N 225 
PHE CB  HB3  sing N N 226 
PHE CG  CD1  doub Y N 227 
PHE CG  CD2  sing Y N 228 
PHE CD1 CE1  sing Y N 229 
PHE CD1 HD1  sing N N 230 
PHE CD2 CE2  doub Y N 231 
PHE CD2 HD2  sing N N 232 
PHE CE1 CZ   doub Y N 233 
PHE CE1 HE1  sing N N 234 
PHE CE2 CZ   sing Y N 235 
PHE CE2 HE2  sing N N 236 
PHE CZ  HZ   sing N N 237 
PHE OXT HXT  sing N N 238 
PRO N   CA   sing N N 239 
PRO N   CD   sing N N 240 
PRO N   H    sing N N 241 
PRO CA  C    sing N N 242 
PRO CA  CB   sing N N 243 
PRO CA  HA   sing N N 244 
PRO C   O    doub N N 245 
PRO C   OXT  sing N N 246 
PRO CB  CG   sing N N 247 
PRO CB  HB2  sing N N 248 
PRO CB  HB3  sing N N 249 
PRO CG  CD   sing N N 250 
PRO CG  HG2  sing N N 251 
PRO CG  HG3  sing N N 252 
PRO CD  HD2  sing N N 253 
PRO CD  HD3  sing N N 254 
PRO OXT HXT  sing N N 255 
SER N   CA   sing N N 256 
SER N   H    sing N N 257 
SER N   H2   sing N N 258 
SER CA  C    sing N N 259 
SER CA  CB   sing N N 260 
SER CA  HA   sing N N 261 
SER C   O    doub N N 262 
SER C   OXT  sing N N 263 
SER CB  OG   sing N N 264 
SER CB  HB2  sing N N 265 
SER CB  HB3  sing N N 266 
SER OG  HG   sing N N 267 
SER OXT HXT  sing N N 268 
SO4 S   O1   doub N N 269 
SO4 S   O2   doub N N 270 
SO4 S   O3   sing N N 271 
SO4 S   O4   sing N N 272 
THR N   CA   sing N N 273 
THR N   H    sing N N 274 
THR N   H2   sing N N 275 
THR CA  C    sing N N 276 
THR CA  CB   sing N N 277 
THR CA  HA   sing N N 278 
THR C   O    doub N N 279 
THR C   OXT  sing N N 280 
THR CB  OG1  sing N N 281 
THR CB  CG2  sing N N 282 
THR CB  HB   sing N N 283 
THR OG1 HG1  sing N N 284 
THR CG2 HG21 sing N N 285 
THR CG2 HG22 sing N N 286 
THR CG2 HG23 sing N N 287 
THR OXT HXT  sing N N 288 
TRP N   CA   sing N N 289 
TRP N   H    sing N N 290 
TRP N   H2   sing N N 291 
TRP CA  C    sing N N 292 
TRP CA  CB   sing N N 293 
TRP CA  HA   sing N N 294 
TRP C   O    doub N N 295 
TRP C   OXT  sing N N 296 
TRP CB  CG   sing N N 297 
TRP CB  HB2  sing N N 298 
TRP CB  HB3  sing N N 299 
TRP CG  CD1  doub Y N 300 
TRP CG  CD2  sing Y N 301 
TRP CD1 NE1  sing Y N 302 
TRP CD1 HD1  sing N N 303 
TRP CD2 CE2  doub Y N 304 
TRP CD2 CE3  sing Y N 305 
TRP NE1 CE2  sing Y N 306 
TRP NE1 HE1  sing N N 307 
TRP CE2 CZ2  sing Y N 308 
TRP CE3 CZ3  doub Y N 309 
TRP CE3 HE3  sing N N 310 
TRP CZ2 CH2  doub Y N 311 
TRP CZ2 HZ2  sing N N 312 
TRP CZ3 CH2  sing Y N 313 
TRP CZ3 HZ3  sing N N 314 
TRP CH2 HH2  sing N N 315 
TRP OXT HXT  sing N N 316 
TYR N   CA   sing N N 317 
TYR N   H    sing N N 318 
TYR N   H2   sing N N 319 
TYR CA  C    sing N N 320 
TYR CA  CB   sing N N 321 
TYR CA  HA   sing N N 322 
TYR C   O    doub N N 323 
TYR C   OXT  sing N N 324 
TYR CB  CG   sing N N 325 
TYR CB  HB2  sing N N 326 
TYR CB  HB3  sing N N 327 
TYR CG  CD1  doub Y N 328 
TYR CG  CD2  sing Y N 329 
TYR CD1 CE1  sing Y N 330 
TYR CD1 HD1  sing N N 331 
TYR CD2 CE2  doub Y N 332 
TYR CD2 HD2  sing N N 333 
TYR CE1 CZ   doub Y N 334 
TYR CE1 HE1  sing N N 335 
TYR CE2 CZ   sing Y N 336 
TYR CE2 HE2  sing N N 337 
TYR CZ  OH   sing N N 338 
TYR OH  HH   sing N N 339 
TYR OXT HXT  sing N N 340 
VAL N   CA   sing N N 341 
VAL N   H    sing N N 342 
VAL N   H2   sing N N 343 
VAL CA  C    sing N N 344 
VAL CA  CB   sing N N 345 
VAL CA  HA   sing N N 346 
VAL C   O    doub N N 347 
VAL C   OXT  sing N N 348 
VAL CB  CG1  sing N N 349 
VAL CB  CG2  sing N N 350 
VAL CB  HB   sing N N 351 
VAL CG1 HG11 sing N N 352 
VAL CG1 HG12 sing N N 353 
VAL CG1 HG13 sing N N 354 
VAL CG2 HG21 sing N N 355 
VAL CG2 HG22 sing N N 356 
VAL CG2 HG23 sing N N 357 
VAL OXT HXT  sing N N 358 
# 
_atom_sites.entry_id                    5MTN 
_atom_sites.fract_transf_matrix[1][1]   0.00028178 
_atom_sites.fract_transf_matrix[1][2]   0.00640251 
_atom_sites.fract_transf_matrix[1][3]   -0.01088753 
_atom_sites.fract_transf_matrix[2][1]   -0.00203288 
_atom_sites.fract_transf_matrix[2][2]   0.01246928 
_atom_sites.fract_transf_matrix[2][3]   -0.00005025 
_atom_sites.fract_transf_matrix[3][1]   0.01103659 
_atom_sites.fract_transf_matrix[3][2]   0.00180473 
_atom_sites.fract_transf_matrix[3][3]   0.00134693 
_atom_sites.fract_transf_vector[1]      0.160841 
_atom_sites.fract_transf_vector[2]      -0.314653 
_atom_sites.fract_transf_vector[3]      0.272647 
# 
loop_
_atom_type.symbol 
C 
N 
O 
S 
# 
loop_
_atom_site.group_PDB 
_atom_site.id 
_atom_site.type_symbol 
_atom_site.label_atom_id 
_atom_site.label_alt_id 
_atom_site.label_comp_id 
_atom_site.label_asym_id 
_atom_site.label_entity_id 
_atom_site.label_seq_id 
_atom_site.pdbx_PDB_ins_code 
_atom_site.Cartn_x 
_atom_site.Cartn_y 
_atom_site.Cartn_z 
_atom_site.occupancy 
_atom_site.B_iso_or_equiv 
_atom_site.pdbx_formal_charge 
_atom_site.auth_seq_id 
_atom_site.auth_comp_id 
_atom_site.auth_asym_id 
_atom_site.auth_atom_id 
_atom_site.pdbx_PDB_model_num 
ATOM   1    N N   . SER A 1 6  ? 23.120  2.454   -6.967  1.00 98.50  ? 6   SER A N   1 
ATOM   2    C CA  . SER A 1 6  ? 22.271  1.514   -7.777  1.00 98.98  ? 6   SER A CA  1 
ATOM   3    C C   . SER A 1 6  ? 21.130  2.219   -8.531  1.00 94.46  ? 6   SER A C   1 
ATOM   4    O O   . SER A 1 6  ? 20.862  1.895   -9.691  1.00 93.82  ? 6   SER A O   1 
ATOM   5    C CB  . SER A 1 6  ? 21.716  0.385   -6.886  1.00 103.22 ? 6   SER A CB  1 
ATOM   6    O OG  . SER A 1 6  ? 20.846  -0.478  -7.605  1.00 106.04 ? 6   SER A OG  1 
ATOM   7    N N   . LEU A 1 7  ? 20.461  3.159   -7.856  1.00 90.23  ? 7   LEU A N   1 
ATOM   8    C CA  . LEU A 1 7  ? 19.408  4.012   -8.453  1.00 84.90  ? 7   LEU A CA  1 
ATOM   9    C C   . LEU A 1 7  ? 19.904  5.355   -8.999  1.00 84.36  ? 7   LEU A C   1 
ATOM   10   O O   . LEU A 1 7  ? 19.188  6.023   -9.755  1.00 80.47  ? 7   LEU A O   1 
ATOM   11   C CB  . LEU A 1 7  ? 18.335  4.318   -7.409  1.00 81.94  ? 7   LEU A CB  1 
ATOM   12   C CG  . LEU A 1 7  ? 17.329  3.235   -7.056  1.00 80.03  ? 7   LEU A CG  1 
ATOM   13   C CD1 . LEU A 1 7  ? 16.420  3.785   -5.971  1.00 81.40  ? 7   LEU A CD1 1 
ATOM   14   C CD2 . LEU A 1 7  ? 16.516  2.818   -8.269  1.00 80.01  ? 7   LEU A CD2 1 
ATOM   15   N N   . GLU A 1 8  ? 21.127  5.725   -8.623  1.00 84.62  ? 8   GLU A N   1 
ATOM   16   C CA  . GLU A 1 8  ? 21.727  7.032   -8.946  1.00 88.01  ? 8   GLU A CA  1 
ATOM   17   C C   . GLU A 1 8  ? 21.689  7.351   -10.452 1.00 85.95  ? 8   GLU A C   1 
ATOM   18   O O   . GLU A 1 8  ? 21.478  8.509   -10.825 1.00 85.85  ? 8   GLU A O   1 
ATOM   19   C CB  . GLU A 1 8  ? 23.192  7.154   -8.466  1.00 92.19  ? 8   GLU A CB  1 
ATOM   20   C CG  . GLU A 1 8  ? 23.631  6.372   -7.224  1.00 97.17  ? 8   GLU A CG  1 
ATOM   21   C CD  . GLU A 1 8  ? 23.446  7.122   -5.925  1.00 98.70  ? 8   GLU A CD  1 
ATOM   22   O OE1 . GLU A 1 8  ? 23.975  8.245   -5.797  1.00 102.28 ? 8   GLU A OE1 1 
ATOM   23   O OE2 . GLU A 1 8  ? 22.791  6.573   -5.012  1.00 100.73 ? 8   GLU A OE2 1 
ATOM   24   N N   . PRO A 1 9  ? 21.916  6.336   -11.318 1.00 81.42  ? 9   PRO A N   1 
ATOM   25   C CA  . PRO A 1 9  ? 21.834  6.569   -12.768 1.00 79.67  ? 9   PRO A CA  1 
ATOM   26   C C   . PRO A 1 9  ? 20.461  6.954   -13.329 1.00 78.02  ? 9   PRO A C   1 
ATOM   27   O O   . PRO A 1 9  ? 20.403  7.523   -14.420 1.00 76.74  ? 9   PRO A O   1 
ATOM   28   C CB  . PRO A 1 9  ? 22.268  5.225   -13.365 1.00 79.60  ? 9   PRO A CB  1 
ATOM   29   C CG  . PRO A 1 9  ? 23.119  4.608   -12.318 1.00 81.79  ? 9   PRO A CG  1 
ATOM   30   C CD  . PRO A 1 9  ? 22.483  5.004   -11.025 1.00 81.31  ? 9   PRO A CD  1 
ATOM   31   N N   . GLU A 1 10 ? 19.378  6.640   -12.614 1.00 76.50  ? 10  GLU A N   1 
ATOM   32   C CA  . GLU A 1 10 ? 18.021  6.877   -13.119 1.00 77.50  ? 10  GLU A CA  1 
ATOM   33   C C   . GLU A 1 10 ? 17.585  8.337   -12.920 1.00 74.85  ? 10  GLU A C   1 
ATOM   34   O O   . GLU A 1 10 ? 17.666  8.852   -11.803 1.00 73.54  ? 10  GLU A O   1 
ATOM   35   C CB  . GLU A 1 10 ? 17.013  5.937   -12.433 1.00 79.15  ? 10  GLU A CB  1 
ATOM   36   C CG  . GLU A 1 10 ? 17.289  4.449   -12.629 1.00 79.99  ? 10  GLU A CG  1 
ATOM   37   C CD  . GLU A 1 10 ? 17.229  4.016   -14.086 1.00 81.53  ? 10  GLU A CD  1 
ATOM   38   O OE1 . GLU A 1 10 ? 18.207  3.403   -14.569 1.00 81.60  ? 10  GLU A OE1 1 
ATOM   39   O OE2 . GLU A 1 10 ? 16.208  4.299   -14.750 1.00 81.45  ? 10  GLU A OE2 1 
ATOM   40   N N   . PRO A 1 11 ? 17.102  9.004   -13.993 1.00 75.18  ? 11  PRO A N   1 
ATOM   41   C CA  . PRO A 1 11 ? 16.696  10.413  -13.857 1.00 75.68  ? 11  PRO A CA  1 
ATOM   42   C C   . PRO A 1 11 ? 15.580  10.661  -12.834 1.00 73.75  ? 11  PRO A C   1 
ATOM   43   O O   . PRO A 1 11 ? 15.602  11.681  -12.151 1.00 78.43  ? 11  PRO A O   1 
ATOM   44   C CB  . PRO A 1 11 ? 16.216  10.782  -15.270 1.00 77.30  ? 11  PRO A CB  1 
ATOM   45   C CG  . PRO A 1 11 ? 15.875  9.485   -15.917 1.00 77.23  ? 11  PRO A CG  1 
ATOM   46   C CD  . PRO A 1 11 ? 16.855  8.500   -15.358 1.00 76.08  ? 11  PRO A CD  1 
ATOM   47   N N   . TRP A 1 12 ? 14.628  9.735   -12.732 1.00 71.23  ? 12  TRP A N   1 
ATOM   48   C CA  . TRP A 1 12 ? 13.500  9.866   -11.784 1.00 68.20  ? 12  TRP A CA  1 
ATOM   49   C C   . TRP A 1 12 ? 13.870  9.778   -10.306 1.00 67.19  ? 12  TRP A C   1 
ATOM   50   O O   . TRP A 1 12 ? 13.089  10.207  -9.457  1.00 67.34  ? 12  TRP A O   1 
ATOM   51   C CB  . TRP A 1 12 ? 12.360  8.869   -12.070 1.00 69.34  ? 12  TRP A CB  1 
ATOM   52   C CG  . TRP A 1 12 ? 12.751  7.497   -12.484 1.00 72.48  ? 12  TRP A CG  1 
ATOM   53   C CD1 . TRP A 1 12 ? 12.824  7.017   -13.764 1.00 73.80  ? 12  TRP A CD1 1 
ATOM   54   C CD2 . TRP A 1 12 ? 13.087  6.408   -11.626 1.00 70.50  ? 12  TRP A CD2 1 
ATOM   55   N NE1 . TRP A 1 12 ? 13.206  5.698   -13.754 1.00 72.50  ? 12  TRP A NE1 1 
ATOM   56   C CE2 . TRP A 1 12 ? 13.370  5.296   -12.454 1.00 70.58  ? 12  TRP A CE2 1 
ATOM   57   C CE3 . TRP A 1 12 ? 13.189  6.263   -10.236 1.00 67.94  ? 12  TRP A CE3 1 
ATOM   58   C CZ2 . TRP A 1 12 ? 13.745  4.053   -11.936 1.00 68.85  ? 12  TRP A CZ2 1 
ATOM   59   C CZ3 . TRP A 1 12 ? 13.561  5.026   -9.717  1.00 67.75  ? 12  TRP A CZ3 1 
ATOM   60   C CH2 . TRP A 1 12 ? 13.837  3.936   -10.569 1.00 68.49  ? 12  TRP A CH2 1 
ATOM   61   N N   . PHE A 1 13 ? 15.027  9.208   -9.985  1.00 64.86  ? 13  PHE A N   1 
ATOM   62   C CA  . PHE A 1 13 ? 15.461  9.158   -8.596  1.00 63.81  ? 13  PHE A CA  1 
ATOM   63   C C   . PHE A 1 13 ? 16.151  10.458  -8.186  1.00 63.30  ? 13  PHE A C   1 
ATOM   64   O O   . PHE A 1 13 ? 17.123  10.872  -8.815  1.00 65.79  ? 13  PHE A O   1 
ATOM   65   C CB  . PHE A 1 13 ? 16.397  7.989   -8.357  1.00 62.77  ? 13  PHE A CB  1 
ATOM   66   C CG  . PHE A 1 13 ? 16.957  7.960   -6.969  1.00 60.81  ? 13  PHE A CG  1 
ATOM   67   C CD1 . PHE A 1 13 ? 16.122  7.755   -5.881  1.00 59.48  ? 13  PHE A CD1 1 
ATOM   68   C CD2 . PHE A 1 13 ? 18.312  8.166   -6.744  1.00 61.08  ? 13  PHE A CD2 1 
ATOM   69   C CE1 . PHE A 1 13 ? 16.630  7.740   -4.593  1.00 59.64  ? 13  PHE A CE1 1 
ATOM   70   C CE2 . PHE A 1 13 ? 18.826  8.150   -5.460  1.00 60.18  ? 13  PHE A CE2 1 
ATOM   71   C CZ  . PHE A 1 13 ? 17.983  7.936   -4.383  1.00 59.88  ? 13  PHE A CZ  1 
ATOM   72   N N   . PHE A 1 14 ? 15.646  11.078  -7.122  1.00 62.77  ? 14  PHE A N   1 
ATOM   73   C CA  . PHE A 1 14 ? 16.176  12.327  -6.603  1.00 64.74  ? 14  PHE A CA  1 
ATOM   74   C C   . PHE A 1 14 ? 16.832  12.009  -5.279  1.00 65.35  ? 14  PHE A C   1 
ATOM   75   O O   . PHE A 1 14 ? 16.147  11.738  -4.285  1.00 63.20  ? 14  PHE A O   1 
ATOM   76   C CB  . PHE A 1 14 ? 15.064  13.360  -6.388  1.00 67.89  ? 14  PHE A CB  1 
ATOM   77   C CG  . PHE A 1 14 ? 14.582  14.025  -7.658  1.00 69.87  ? 14  PHE A CG  1 
ATOM   78   C CD1 . PHE A 1 14 ? 14.125  13.267  -8.733  1.00 69.23  ? 14  PHE A CD1 1 
ATOM   79   C CD2 . PHE A 1 14 ? 14.568  15.414  -7.777  1.00 70.53  ? 14  PHE A CD2 1 
ATOM   80   C CE1 . PHE A 1 14 ? 13.675  13.874  -9.898  1.00 71.25  ? 14  PHE A CE1 1 
ATOM   81   C CE2 . PHE A 1 14 ? 14.119  16.025  -8.942  1.00 70.51  ? 14  PHE A CE2 1 
ATOM   82   C CZ  . PHE A 1 14 ? 13.669  15.257  -10.004 1.00 69.90  ? 14  PHE A CZ  1 
ATOM   83   N N   . LYS A 1 15 ? 18.158  12.045  -5.267  1.00 68.93  ? 15  LYS A N   1 
ATOM   84   C CA  . LYS A 1 15 ? 18.914  11.752  -4.061  1.00 72.47  ? 15  LYS A CA  1 
ATOM   85   C C   . LYS A 1 15 ? 18.949  12.968  -3.150  1.00 72.33  ? 15  LYS A C   1 
ATOM   86   O O   . LYS A 1 15 ? 18.926  14.106  -3.628  1.00 73.38  ? 15  LYS A O   1 
ATOM   87   C CB  . LYS A 1 15 ? 20.340  11.325  -4.401  1.00 78.21  ? 15  LYS A CB  1 
ATOM   88   C CG  . LYS A 1 15 ? 20.935  10.427  -3.335  1.00 84.08  ? 15  LYS A CG  1 
ATOM   89   C CD  . LYS A 1 15 ? 22.449  10.409  -3.341  1.00 87.48  ? 15  LYS A CD  1 
ATOM   90   C CE  . LYS A 1 15 ? 22.970  9.466   -2.269  1.00 90.87  ? 15  LYS A CE  1 
ATOM   91   N NZ  . LYS A 1 15 ? 22.806  8.036   -2.654  1.00 94.05  ? 15  LYS A NZ  1 
ATOM   92   N N   . ASN A 1 16 ? 19.001  12.712  -1.841  1.00 72.92  ? 16  ASN A N   1 
ATOM   93   C CA  . ASN A 1 16 ? 19.098  13.756  -0.818  1.00 71.18  ? 16  ASN A CA  1 
ATOM   94   C C   . ASN A 1 16 ? 18.012  14.809  -0.994  1.00 66.60  ? 16  ASN A C   1 
ATOM   95   O O   . ASN A 1 16 ? 18.290  16.000  -1.052  1.00 68.06  ? 16  ASN A O   1 
ATOM   96   C CB  . ASN A 1 16 ? 20.491  14.396  -0.838  1.00 74.15  ? 16  ASN A CB  1 
ATOM   97   C CG  . ASN A 1 16 ? 21.596  13.396  -0.536  1.00 78.94  ? 16  ASN A CG  1 
ATOM   98   O OD1 . ASN A 1 16 ? 21.400  12.437  0.221   1.00 79.77  ? 16  ASN A OD1 1 
ATOM   99   N ND2 . ASN A 1 16 ? 22.770  13.616  -1.120  1.00 82.23  ? 16  ASN A ND2 1 
ATOM   100  N N   . LEU A 1 17 ? 16.774  14.343  -1.097  1.00 66.45  ? 17  LEU A N   1 
ATOM   101  C CA  . LEU A 1 17 ? 15.628  15.208  -1.285  1.00 66.55  ? 17  LEU A CA  1 
ATOM   102  C C   . LEU A 1 17 ? 14.590  14.972  -0.198  1.00 69.47  ? 17  LEU A C   1 
ATOM   103  O O   . LEU A 1 17 ? 13.941  13.917  -0.164  1.00 70.22  ? 17  LEU A O   1 
ATOM   104  C CB  . LEU A 1 17 ? 15.009  14.961  -2.655  1.00 67.00  ? 17  LEU A CB  1 
ATOM   105  C CG  . LEU A 1 17 ? 13.928  15.956  -3.070  1.00 68.26  ? 17  LEU A CG  1 
ATOM   106  C CD1 . LEU A 1 17 ? 14.505  17.351  -3.186  1.00 69.31  ? 17  LEU A CD1 1 
ATOM   107  C CD2 . LEU A 1 17 ? 13.336  15.557  -4.402  1.00 69.57  ? 17  LEU A CD2 1 
ATOM   108  N N   . SER A 1 18 ? 14.423  15.964  0.679   1.00 71.58  ? 18  SER A N   1 
ATOM   109  C CA  . SER A 1 18 ? 13.438  15.877  1.752   1.00 72.62  ? 18  SER A CA  1 
ATOM   110  C C   . SER A 1 18 ? 12.027  15.876  1.180   1.00 74.69  ? 18  SER A C   1 
ATOM   111  O O   . SER A 1 18 ? 11.804  16.228  0.019   1.00 74.34  ? 18  SER A O   1 
ATOM   112  C CB  . SER A 1 18 ? 13.593  17.033  2.743   1.00 73.75  ? 18  SER A CB  1 
ATOM   113  O OG  . SER A 1 18 ? 13.280  18.279  2.148   1.00 73.32  ? 18  SER A OG  1 
ATOM   114  N N   . ARG A 1 19 ? 11.081  15.470  2.017   1.00 78.40  ? 19  ARG A N   1 
ATOM   115  C CA  . ARG A 1 19 ? 9.653   15.488  1.674   1.00 80.05  ? 19  ARG A CA  1 
ATOM   116  C C   . ARG A 1 19 ? 9.158   16.888  1.310   1.00 77.87  ? 19  ARG A C   1 
ATOM   117  O O   . ARG A 1 19 ? 8.337   17.054  0.405   1.00 74.50  ? 19  ARG A O   1 
ATOM   118  C CB  . ARG A 1 19 ? 8.851   14.969  2.864   1.00 81.94  ? 19  ARG A CB  1 
ATOM   119  C CG  . ARG A 1 19 ? 7.342   15.016  2.716   1.00 82.84  ? 19  ARG A CG  1 
ATOM   120  C CD  . ARG A 1 19 ? 6.718   14.331  3.916   1.00 85.73  ? 19  ARG A CD  1 
ATOM   121  N NE  . ARG A 1 19 ? 5.266   14.508  3.961   1.00 88.26  ? 19  ARG A NE  1 
ATOM   122  C CZ  . ARG A 1 19 ? 4.343   13.552  3.816   1.00 88.04  ? 19  ARG A CZ  1 
ATOM   123  N NH1 . ARG A 1 19 ? 4.667   12.276  3.598   1.00 87.52  ? 19  ARG A NH1 1 
ATOM   124  N NH2 . ARG A 1 19 ? 3.056   13.885  3.880   1.00 91.29  ? 19  ARG A NH2 1 
ATOM   125  N N   . LYS A 1 20 ? 9.686   17.881  2.019   1.00 79.53  ? 20  LYS A N   1 
ATOM   126  C CA  . LYS A 1 20 ? 9.263   19.277  1.887   1.00 82.23  ? 20  LYS A CA  1 
ATOM   127  C C   . LYS A 1 20 ? 9.894   19.862  0.632   1.00 81.81  ? 20  LYS A C   1 
ATOM   128  O O   . LYS A 1 20 ? 9.223   20.561  -0.128  1.00 81.73  ? 20  LYS A O   1 
ATOM   129  C CB  . LYS A 1 20 ? 9.584   20.150  3.128   1.00 86.39  ? 20  LYS A CB  1 
ATOM   130  C CG  . LYS A 1 20 ? 10.416  19.529  4.250   1.00 94.75  ? 20  LYS A CG  1 
ATOM   131  C CD  . LYS A 1 20 ? 9.621   18.489  5.042   1.00 99.88  ? 20  LYS A CD  1 
ATOM   132  C CE  . LYS A 1 20 ? 10.472  17.793  6.090   1.00 102.49 ? 20  LYS A CE  1 
ATOM   133  N NZ  . LYS A 1 20 ? 9.600   17.249  7.170   1.00 104.55 ? 20  LYS A NZ  1 
ATOM   134  N N   . ASP A 1 21 ? 11.176  19.561  0.412   1.00 77.90  ? 21  ASP A N   1 
ATOM   135  C CA  . ASP A 1 21 ? 11.860  19.935  -0.828  1.00 75.15  ? 21  ASP A CA  1 
ATOM   136  C C   . ASP A 1 21 ? 11.187  19.361  -2.074  1.00 73.38  ? 21  ASP A C   1 
ATOM   137  O O   . ASP A 1 21 ? 11.203  19.993  -3.131  1.00 71.73  ? 21  ASP A O   1 
ATOM   138  C CB  . ASP A 1 21 ? 13.320  19.474  -0.819  1.00 78.46  ? 21  ASP A CB  1 
ATOM   139  C CG  . ASP A 1 21 ? 14.208  20.304  0.090   1.00 81.79  ? 21  ASP A CG  1 
ATOM   140  O OD1 . ASP A 1 21 ? 13.959  21.521  0.249   1.00 80.92  ? 21  ASP A OD1 1 
ATOM   141  O OD2 . ASP A 1 21 ? 15.176  19.728  0.638   1.00 83.60  ? 21  ASP A OD2 1 
ATOM   142  N N   . ALA A 1 22 ? 10.624  18.162  -1.958  1.00 72.62  ? 22  ALA A N   1 
ATOM   143  C CA  . ALA A 1 22 ? 9.884   17.546  -3.060  1.00 73.74  ? 22  ALA A CA  1 
ATOM   144  C C   . ALA A 1 22 ? 8.583   18.290  -3.346  1.00 74.66  ? 22  ALA A C   1 
ATOM   145  O O   . ALA A 1 22 ? 8.180   18.407  -4.508  1.00 69.48  ? 22  ALA A O   1 
ATOM   146  C CB  . ALA A 1 22 ? 9.591   16.088  -2.755  1.00 75.45  ? 22  ALA A CB  1 
ATOM   147  N N   . GLU A 1 23 ? 7.924   18.763  -2.281  1.00 77.18  ? 23  GLU A N   1 
ATOM   148  C CA  . GLU A 1 23 ? 6.728   19.607  -2.407  1.00 78.93  ? 23  GLU A CA  1 
ATOM   149  C C   . GLU A 1 23 ? 7.054   20.879  -3.186  1.00 77.69  ? 23  GLU A C   1 
ATOM   150  O O   . GLU A 1 23 ? 6.335   21.247  -4.115  1.00 76.82  ? 23  GLU A O   1 
ATOM   151  C CB  . GLU A 1 23 ? 6.124   19.949  -1.033  1.00 82.11  ? 23  GLU A CB  1 
ATOM   152  C CG  . GLU A 1 23 ? 5.296   18.817  -0.426  1.00 86.59  ? 23  GLU A CG  1 
ATOM   153  C CD  . GLU A 1 23 ? 5.117   18.910  1.090   1.00 90.04  ? 23  GLU A CD  1 
ATOM   154  O OE1 . GLU A 1 23 ? 5.575   19.891  1.717   1.00 93.17  ? 23  GLU A OE1 1 
ATOM   155  O OE2 . GLU A 1 23 ? 4.507   17.983  1.667   1.00 92.60  ? 23  GLU A OE2 1 
ATOM   156  N N   . ARG A 1 24 ? 8.166   21.513  -2.830  1.00 74.49  ? 24  ARG A N   1 
ATOM   157  C CA  . ARG A 1 24 ? 8.609   22.731  -3.506  1.00 73.05  ? 24  ARG A CA  1 
ATOM   158  C C   . ARG A 1 24 ? 9.015   22.451  -4.951  1.00 72.99  ? 24  ARG A C   1 
ATOM   159  O O   . ARG A 1 24 ? 8.619   23.184  -5.861  1.00 78.09  ? 24  ARG A O   1 
ATOM   160  C CB  . ARG A 1 24 ? 9.778   23.365  -2.763  1.00 72.92  ? 24  ARG A CB  1 
ATOM   161  C CG  . ARG A 1 24 ? 9.452   23.760  -1.336  1.00 75.17  ? 24  ARG A CG  1 
ATOM   162  C CD  . ARG A 1 24 ? 10.633  24.446  -0.689  1.00 77.61  ? 24  ARG A CD  1 
ATOM   163  N NE  . ARG A 1 24 ? 10.332  24.787  0.703   1.00 82.58  ? 24  ARG A NE  1 
ATOM   164  C CZ  . ARG A 1 24 ? 11.040  24.428  1.779   1.00 85.92  ? 24  ARG A CZ  1 
ATOM   165  N NH1 . ARG A 1 24 ? 12.159  23.706  1.690   1.00 87.58  ? 24  ARG A NH1 1 
ATOM   166  N NH2 . ARG A 1 24 ? 10.623  24.821  2.981   1.00 88.26  ? 24  ARG A NH2 1 
ATOM   167  N N   . GLN A 1 25 ? 9.797   21.391  -5.153  1.00 70.44  ? 25  GLN A N   1 
ATOM   168  C CA  . GLN A 1 25 ? 10.249  20.988  -6.489  1.00 68.76  ? 25  GLN A CA  1 
ATOM   169  C C   . GLN A 1 25 ? 9.067   20.723  -7.410  1.00 69.14  ? 25  GLN A C   1 
ATOM   170  O O   . GLN A 1 25 ? 9.053   21.198  -8.541  1.00 67.18  ? 25  GLN A O   1 
ATOM   171  C CB  . GLN A 1 25 ? 11.158  19.746  -6.409  1.00 68.34  ? 25  GLN A CB  1 
ATOM   172  C CG  . GLN A 1 25 ? 11.485  19.055  -7.740  1.00 68.84  ? 25  GLN A CG  1 
ATOM   173  C CD  . GLN A 1 25 ? 12.318  19.900  -8.692  1.00 69.76  ? 25  GLN A CD  1 
ATOM   174  O OE1 . GLN A 1 25 ? 13.066  20.780  -8.267  1.00 71.98  ? 25  GLN A OE1 1 
ATOM   175  N NE2 . GLN A 1 25 ? 12.208  19.620  -9.993  1.00 69.82  ? 25  GLN A NE2 1 
ATOM   176  N N   . LEU A 1 26 ? 8.086   19.964  -6.922  1.00 73.53  ? 26  LEU A N   1 
ATOM   177  C CA  . LEU A 1 26 ? 6.921   19.575  -7.735  1.00 74.96  ? 26  LEU A CA  1 
ATOM   178  C C   . LEU A 1 26 ? 5.918   20.707  -7.968  1.00 73.77  ? 26  LEU A C   1 
ATOM   179  O O   . LEU A 1 26 ? 5.321   20.784  -9.047  1.00 69.04  ? 26  LEU A O   1 
ATOM   180  C CB  . LEU A 1 26 ? 6.210   18.364  -7.127  1.00 74.53  ? 26  LEU A CB  1 
ATOM   181  C CG  . LEU A 1 26 ? 6.941   17.047  -7.384  1.00 73.04  ? 26  LEU A CG  1 
ATOM   182  C CD1 . LEU A 1 26 ? 6.440   15.968  -6.436  1.00 75.02  ? 26  LEU A CD1 1 
ATOM   183  C CD2 . LEU A 1 26 ? 6.776   16.610  -8.831  1.00 71.67  ? 26  LEU A CD2 1 
ATOM   184  N N   . LEU A 1 27 ? 5.745   21.573  -6.969  1.00 73.96  ? 27  LEU A N   1 
ATOM   185  C CA  . LEU A 1 27 ? 4.870   22.749  -7.103  1.00 74.03  ? 27  LEU A CA  1 
ATOM   186  C C   . LEU A 1 27 ? 5.463   23.879  -7.928  1.00 76.19  ? 27  LEU A C   1 
ATOM   187  O O   . LEU A 1 27 ? 4.720   24.704  -8.451  1.00 79.25  ? 27  LEU A O   1 
ATOM   188  C CB  . LEU A 1 27 ? 4.474   23.292  -5.729  1.00 72.51  ? 27  LEU A CB  1 
ATOM   189  C CG  . LEU A 1 27 ? 3.497   22.413  -4.946  1.00 71.69  ? 27  LEU A CG  1 
ATOM   190  C CD1 . LEU A 1 27 ? 3.263   23.020  -3.573  1.00 69.39  ? 27  LEU A CD1 1 
ATOM   191  C CD2 . LEU A 1 27 ? 2.184   22.228  -5.697  1.00 71.01  ? 27  LEU A CD2 1 
ATOM   192  N N   . ALA A 1 28 ? 6.788   23.925  -8.040  1.00 77.88  ? 28  ALA A N   1 
ATOM   193  C CA  . ALA A 1 28 ? 7.460   24.946  -8.835  1.00 77.46  ? 28  ALA A CA  1 
ATOM   194  C C   . ALA A 1 28 ? 6.917   24.993  -10.266 1.00 76.35  ? 28  ALA A C   1 
ATOM   195  O O   . ALA A 1 28 ? 6.471   23.965  -10.792 1.00 77.67  ? 28  ALA A O   1 
ATOM   196  C CB  . ALA A 1 28 ? 8.957   24.683  -8.859  1.00 79.41  ? 28  ALA A CB  1 
ATOM   197  N N   . PRO A 1 29 ? 6.954   26.181  -10.907 1.00 76.36  ? 29  PRO A N   1 
ATOM   198  C CA  . PRO A 1 29 ? 6.464   26.269  -12.284 1.00 73.92  ? 29  PRO A CA  1 
ATOM   199  C C   . PRO A 1 29 ? 7.248   25.382  -13.228 1.00 72.67  ? 29  PRO A C   1 
ATOM   200  O O   . PRO A 1 29 ? 8.401   25.061  -12.953 1.00 72.68  ? 29  PRO A O   1 
ATOM   201  C CB  . PRO A 1 29 ? 6.699   27.738  -12.642 1.00 74.52  ? 29  PRO A CB  1 
ATOM   202  C CG  . PRO A 1 29 ? 7.842   28.142  -11.779 1.00 75.71  ? 29  PRO A CG  1 
ATOM   203  C CD  . PRO A 1 29 ? 7.528   27.470  -10.473 1.00 76.88  ? 29  PRO A CD  1 
ATOM   204  N N   . GLY A 1 30 ? 6.612   24.998  -14.330 1.00 74.34  ? 30  GLY A N   1 
ATOM   205  C CA  . GLY A 1 30 ? 7.191   24.068  -15.298 1.00 73.64  ? 30  GLY A CA  1 
ATOM   206  C C   . GLY A 1 30 ? 6.665   22.654  -15.144 1.00 72.90  ? 30  GLY A C   1 
ATOM   207  O O   . GLY A 1 30 ? 6.698   21.878  -16.099 1.00 70.21  ? 30  GLY A O   1 
ATOM   208  N N   . ASN A 1 31 ? 6.174   22.312  -13.953 1.00 75.81  ? 31  ASN A N   1 
ATOM   209  C CA  . ASN A 1 31 ? 5.634   20.980  -13.699 1.00 79.44  ? 31  ASN A CA  1 
ATOM   210  C C   . ASN A 1 31 ? 4.178   20.924  -14.122 1.00 84.00  ? 31  ASN A C   1 
ATOM   211  O O   . ASN A 1 31 ? 3.332   21.610  -13.552 1.00 86.10  ? 31  ASN A O   1 
ATOM   212  C CB  . ASN A 1 31 ? 5.753   20.618  -12.219 1.00 76.75  ? 31  ASN A CB  1 
ATOM   213  C CG  . ASN A 1 31 ? 7.188   20.457  -11.774 1.00 73.68  ? 31  ASN A CG  1 
ATOM   214  O OD1 . ASN A 1 31 ? 7.996   19.817  -12.450 1.00 74.51  ? 31  ASN A OD1 1 
ATOM   215  N ND2 . ASN A 1 31 ? 7.517   21.034  -10.634 1.00 72.05  ? 31  ASN A ND2 1 
ATOM   216  N N   . THR A 1 32 ? 3.893   20.120  -15.139 1.00 86.84  ? 32  THR A N   1 
ATOM   217  C CA  . THR A 1 32 ? 2.512   19.770  -15.468 1.00 88.23  ? 32  THR A CA  1 
ATOM   218  C C   . THR A 1 32 ? 1.888   18.899  -14.360 1.00 89.66  ? 32  THR A C   1 
ATOM   219  O O   . THR A 1 32 ? 2.574   18.446  -13.434 1.00 90.98  ? 32  THR A O   1 
ATOM   220  C CB  . THR A 1 32 ? 2.398   19.090  -16.859 1.00 89.19  ? 32  THR A CB  1 
ATOM   221  O OG1 . THR A 1 32 ? 1.027   18.771  -17.130 1.00 94.14  ? 32  THR A OG1 1 
ATOM   222  C CG2 . THR A 1 32 ? 3.245   17.804  -16.971 1.00 89.31  ? 32  THR A CG2 1 
ATOM   223  N N   . HIS A 1 33 ? 0.577   18.702  -14.448 1.00 91.62  ? 33  HIS A N   1 
ATOM   224  C CA  . HIS A 1 33 ? -0.143  17.815  -13.528 1.00 92.12  ? 33  HIS A CA  1 
ATOM   225  C C   . HIS A 1 33 ? 0.309   16.369  -13.736 1.00 87.16  ? 33  HIS A C   1 
ATOM   226  O O   . HIS A 1 33 ? 0.543   15.934  -14.868 1.00 80.25  ? 33  HIS A O   1 
ATOM   227  C CB  . HIS A 1 33 ? -1.662  17.940  -13.720 1.00 94.86  ? 33  HIS A CB  1 
ATOM   228  C CG  . HIS A 1 33 ? -2.445  16.798  -13.152 1.00 97.46  ? 33  HIS A CG  1 
ATOM   229  N ND1 . HIS A 1 33 ? -2.821  16.732  -11.826 1.00 98.21  ? 33  HIS A ND1 1 
ATOM   230  C CD2 . HIS A 1 33 ? -2.914  15.666  -13.733 1.00 95.49  ? 33  HIS A CD2 1 
ATOM   231  C CE1 . HIS A 1 33 ? -3.489  15.612  -11.619 1.00 95.42  ? 33  HIS A CE1 1 
ATOM   232  N NE2 . HIS A 1 33 ? -3.557  14.946  -12.757 1.00 94.53  ? 33  HIS A NE2 1 
ATOM   233  N N   . GLY A 1 34 ? 0.426   15.635  -12.630 1.00 84.69  ? 34  GLY A N   1 
ATOM   234  C CA  . GLY A 1 34 ? 0.972   14.288  -12.651 1.00 84.42  ? 34  GLY A CA  1 
ATOM   235  C C   . GLY A 1 34 ? 2.483   14.249  -12.800 1.00 83.86  ? 34  GLY A C   1 
ATOM   236  O O   . GLY A 1 34 ? 3.041   13.201  -13.145 1.00 81.06  ? 34  GLY A O   1 
ATOM   237  N N   . SER A 1 35 ? 3.148   15.382  -12.553 1.00 84.37  ? 35  SER A N   1 
ATOM   238  C CA  . SER A 1 35 ? 4.600   15.410  -12.483 1.00 82.63  ? 35  SER A CA  1 
ATOM   239  C C   . SER A 1 35 ? 5.003   14.692  -11.211 1.00 78.87  ? 35  SER A C   1 
ATOM   240  O O   . SER A 1 35 ? 4.334   14.841  -10.192 1.00 77.75  ? 35  SER A O   1 
ATOM   241  C CB  . SER A 1 35 ? 5.168   16.836  -12.510 1.00 85.37  ? 35  SER A CB  1 
ATOM   242  O OG  . SER A 1 35 ? 5.189   17.351  -13.830 1.00 88.30  ? 35  SER A OG  1 
ATOM   243  N N   . PHE A 1 36 ? 6.081   13.917  -11.274 1.00 74.68  ? 36  PHE A N   1 
ATOM   244  C CA  . PHE A 1 36 ? 6.461   13.043  -10.179 1.00 72.77  ? 36  PHE A CA  1 
ATOM   245  C C   . PHE A 1 36 ? 7.958   12.904  -10.051 1.00 71.32  ? 36  PHE A C   1 
ATOM   246  O O   . PHE A 1 36 ? 8.714   13.265  -10.944 1.00 70.90  ? 36  PHE A O   1 
ATOM   247  C CB  . PHE A 1 36 ? 5.841   11.651  -10.358 1.00 74.03  ? 36  PHE A CB  1 
ATOM   248  C CG  . PHE A 1 36 ? 6.529   10.796  -11.395 1.00 73.78  ? 36  PHE A CG  1 
ATOM   249  C CD1 . PHE A 1 36 ? 6.239   10.949  -12.743 1.00 73.80  ? 36  PHE A CD1 1 
ATOM   250  C CD2 . PHE A 1 36 ? 7.466   9.829   -11.021 1.00 74.07  ? 36  PHE A CD2 1 
ATOM   251  C CE1 . PHE A 1 36 ? 6.869   10.158  -13.701 1.00 74.11  ? 36  PHE A CE1 1 
ATOM   252  C CE2 . PHE A 1 36 ? 8.104   9.045   -11.978 1.00 72.98  ? 36  PHE A CE2 1 
ATOM   253  C CZ  . PHE A 1 36 ? 7.804   9.210   -13.320 1.00 71.59  ? 36  PHE A CZ  1 
ATOM   254  N N   . LEU A 1 37 ? 8.359   12.342  -8.921  1.00 70.81  ? 37  LEU A N   1 
ATOM   255  C CA  . LEU A 1 37 ? 9.750   12.013  -8.661  1.00 68.19  ? 37  LEU A CA  1 
ATOM   256  C C   . LEU A 1 37 ? 9.778   10.861  -7.669  1.00 68.46  ? 37  LEU A C   1 
ATOM   257  O O   . LEU A 1 37 ? 8.742   10.489  -7.122  1.00 66.72  ? 37  LEU A O   1 
ATOM   258  C CB  . LEU A 1 37 ? 10.498  13.261  -8.155  1.00 67.45  ? 37  LEU A CB  1 
ATOM   259  C CG  . LEU A 1 37 ? 10.720  13.697  -6.687  1.00 67.77  ? 37  LEU A CG  1 
ATOM   260  C CD1 . LEU A 1 37 ? 10.584  15.214  -6.602  1.00 68.46  ? 37  LEU A CD1 1 
ATOM   261  C CD2 . LEU A 1 37 ? 9.807   13.068  -5.649  1.00 69.43  ? 37  LEU A CD2 1 
ATOM   262  N N   . ILE A 1 38 ? 10.957  10.297  -7.445  1.00 71.27  ? 38  ILE A N   1 
ATOM   263  C CA  . ILE A 1 38 ? 11.147  9.285   -6.409  1.00 70.38  ? 38  ILE A CA  1 
ATOM   264  C C   . ILE A 1 38 ? 12.227  9.810   -5.489  1.00 69.49  ? 38  ILE A C   1 
ATOM   265  O O   . ILE A 1 38 ? 13.250  10.308  -5.955  1.00 70.84  ? 38  ILE A O   1 
ATOM   266  C CB  . ILE A 1 38 ? 11.582  7.925   -6.986  1.00 70.35  ? 38  ILE A CB  1 
ATOM   267  C CG1 . ILE A 1 38 ? 10.621  7.457   -8.096  1.00 70.68  ? 38  ILE A CG1 1 
ATOM   268  C CG2 . ILE A 1 38 ? 11.689  6.890   -5.874  1.00 69.22  ? 38  ILE A CG2 1 
ATOM   269  C CD1 . ILE A 1 38 ? 9.342   6.800   -7.624  1.00 71.49  ? 38  ILE A CD1 1 
ATOM   270  N N   . ARG A 1 39 ? 12.000  9.694   -4.187  1.00 68.91  ? 39  ARG A N   1 
ATOM   271  C CA  . ARG A 1 39 ? 12.942  10.188  -3.192  1.00 70.23  ? 39  ARG A CA  1 
ATOM   272  C C   . ARG A 1 39 ? 13.214  9.102   -2.171  1.00 72.32  ? 39  ARG A C   1 
ATOM   273  O O   . ARG A 1 39 ? 12.471  8.126   -2.072  1.00 72.86  ? 39  ARG A O   1 
ATOM   274  C CB  . ARG A 1 39 ? 12.426  11.472  -2.507  1.00 70.80  ? 39  ARG A CB  1 
ATOM   275  C CG  . ARG A 1 39 ? 10.921  11.538  -2.256  1.00 74.12  ? 39  ARG A CG  1 
ATOM   276  C CD  . ARG A 1 39 ? 10.533  12.664  -1.299  1.00 76.85  ? 39  ARG A CD  1 
ATOM   277  N NE  . ARG A 1 39 ? 10.325  12.178  0.071   1.00 80.01  ? 39  ARG A NE  1 
ATOM   278  C CZ  . ARG A 1 39 ? 9.153   11.825  0.610   1.00 84.15  ? 39  ARG A CZ  1 
ATOM   279  N NH1 . ARG A 1 39 ? 8.016   11.908  -0.082  1.00 81.64  ? 39  ARG A NH1 1 
ATOM   280  N NH2 . ARG A 1 39 ? 9.115   11.383  1.875   1.00 91.22  ? 39  ARG A NH2 1 
ATOM   281  N N   . GLU A 1 40 ? 14.300  9.282   -1.425  1.00 74.06  ? 40  GLU A N   1 
ATOM   282  C CA  . GLU A 1 40 ? 14.605  8.431   -0.287  1.00 72.02  ? 40  GLU A CA  1 
ATOM   283  C C   . GLU A 1 40 ? 13.587  8.812   0.763   1.00 73.44  ? 40  GLU A C   1 
ATOM   284  O O   . GLU A 1 40 ? 13.267  9.989   0.914   1.00 76.63  ? 40  GLU A O   1 
ATOM   285  C CB  . GLU A 1 40 ? 16.006  8.691   0.264   1.00 73.62  ? 40  GLU A CB  1 
ATOM   286  C CG  . GLU A 1 40 ? 17.146  8.563   -0.744  1.00 78.10  ? 40  GLU A CG  1 
ATOM   287  C CD  . GLU A 1 40 ? 18.435  9.234   -0.286  1.00 81.37  ? 40  GLU A CD  1 
ATOM   288  O OE1 . GLU A 1 40 ? 19.458  9.044   -0.967  1.00 83.78  ? 40  GLU A OE1 1 
ATOM   289  O OE2 . GLU A 1 40 ? 18.439  9.961   0.735   1.00 83.51  ? 40  GLU A OE2 1 
ATOM   290  N N   . SER A 1 41 ? 13.081  7.825   1.484   1.00 76.79  ? 41  SER A N   1 
ATOM   291  C CA  . SER A 1 41 ? 12.064  8.055   2.492   1.00 77.77  ? 41  SER A CA  1 
ATOM   292  C C   . SER A 1 41 ? 12.713  8.436   3.815   1.00 78.71  ? 41  SER A C   1 
ATOM   293  O O   . SER A 1 41 ? 13.390  7.622   4.429   1.00 81.10  ? 41  SER A O   1 
ATOM   294  C CB  . SER A 1 41 ? 11.222  6.795   2.670   1.00 79.69  ? 41  SER A CB  1 
ATOM   295  O OG  . SER A 1 41 ? 10.313  6.936   3.733   1.00 82.69  ? 41  SER A OG  1 
ATOM   296  N N   . GLU A 1 42 ? 12.533  9.685   4.228   1.00 83.31  ? 42  GLU A N   1 
ATOM   297  C CA  . GLU A 1 42 ? 12.718  10.061  5.639   1.00 89.21  ? 42  GLU A CA  1 
ATOM   298  C C   . GLU A 1 42 ? 11.628  9.381   6.450   1.00 91.65  ? 42  GLU A C   1 
ATOM   299  O O   . GLU A 1 42 ? 11.839  8.991   7.607   1.00 87.78  ? 42  GLU A O   1 
ATOM   300  C CB  . GLU A 1 42 ? 12.689  11.585  5.865   1.00 89.01  ? 42  GLU A CB  1 
ATOM   301  C CG  . GLU A 1 42 ? 11.543  12.357  5.213   1.00 89.46  ? 42  GLU A CG  1 
ATOM   302  C CD  . GLU A 1 42 ? 11.612  13.856  5.475   1.00 93.02  ? 42  GLU A CD  1 
ATOM   303  O OE1 . GLU A 1 42 ? 12.730  14.413  5.573   1.00 95.34  ? 42  GLU A OE1 1 
ATOM   304  O OE2 . GLU A 1 42 ? 10.539  14.490  5.564   1.00 91.64  ? 42  GLU A OE2 1 
ATOM   305  N N   . SER A 1 43 ? 10.468  9.251   5.805   1.00 98.84  ? 43  SER A N   1 
ATOM   306  C CA  . SER A 1 43 ? 9.308   8.542   6.332   1.00 95.92  ? 43  SER A CA  1 
ATOM   307  C C   . SER A 1 43 ? 9.671   7.134   6.911   1.00 97.25  ? 43  SER A C   1 
ATOM   308  O O   . SER A 1 43 ? 9.220   6.809   8.006   1.00 101.17 ? 43  SER A O   1 
ATOM   309  C CB  . SER A 1 43 ? 8.157   8.522   5.266   1.00 89.59  ? 43  SER A CB  1 
ATOM   310  O OG  . SER A 1 43 ? 8.180   9.662   4.366   1.00 69.48  ? 43  SER A OG  1 
ATOM   311  N N   . THR A 1 44 ? 10.528  6.347   6.237   1.00 99.02  ? 44  THR A N   1 
ATOM   312  C CA  . THR A 1 44 ? 10.865  4.956   6.670   1.00 97.12  ? 44  THR A CA  1 
ATOM   313  C C   . THR A 1 44 ? 12.183  4.372   6.097   1.00 94.32  ? 44  THR A C   1 
ATOM   314  O O   . THR A 1 44 ? 12.194  3.692   5.068   1.00 90.25  ? 44  THR A O   1 
ATOM   315  C CB  . THR A 1 44 ? 9.693   3.995   6.360   1.00 100.45 ? 44  THR A CB  1 
ATOM   316  O OG1 . THR A 1 44 ? 8.523   4.456   7.047   1.00 105.03 ? 44  THR A OG1 1 
ATOM   317  C CG2 . THR A 1 44 ? 9.943   2.559   6.822   1.00 102.51 ? 44  THR A CG2 1 
ATOM   318  N N   . ALA A 1 45 ? 13.282  4.694   6.783   1.00 93.39  ? 45  ALA A N   1 
ATOM   319  C CA  . ALA A 1 45 ? 14.591  3.986   6.746   1.00 89.40  ? 45  ALA A CA  1 
ATOM   320  C C   . ALA A 1 45 ? 14.980  3.118   5.541   1.00 84.46  ? 45  ALA A C   1 
ATOM   321  O O   . ALA A 1 45 ? 14.666  1.929   5.494   1.00 87.28  ? 45  ALA A O   1 
ATOM   322  C CB  . ALA A 1 45 ? 14.728  3.157   8.014   1.00 90.89  ? 45  ALA A CB  1 
ATOM   323  N N   . GLY A 1 46 ? 15.694  3.708   4.589   1.00 82.67  ? 46  GLY A N   1 
ATOM   324  C CA  . GLY A 1 46 ? 16.242  2.962   3.454   1.00 79.82  ? 46  GLY A CA  1 
ATOM   325  C C   . GLY A 1 46 ? 15.248  2.555   2.379   1.00 82.89  ? 46  GLY A C   1 
ATOM   326  O O   . GLY A 1 46 ? 15.633  1.921   1.398   1.00 77.53  ? 46  GLY A O   1 
ATOM   327  N N   . SER A 1 47 ? 13.977  2.928   2.552   1.00 88.97  ? 47  SER A N   1 
ATOM   328  C CA  . SER A 1 47 ? 12.934  2.679   1.569   1.00 92.68  ? 47  SER A CA  1 
ATOM   329  C C   . SER A 1 47 ? 12.696  3.988   0.830   1.00 90.17  ? 47  SER A C   1 
ATOM   330  O O   . SER A 1 47 ? 13.237  5.029   1.206   1.00 89.92  ? 47  SER A O   1 
ATOM   331  C CB  . SER A 1 47 ? 11.653  2.193   2.255   1.00 100.17 ? 47  SER A CB  1 
ATOM   332  O OG  . SER A 1 47 ? 10.691  1.757   1.305   1.00 108.05 ? 47  SER A OG  1 
ATOM   333  N N   . PHE A 1 48 ? 11.906  3.925   -0.235  1.00 87.36  ? 48  PHE A N   1 
ATOM   334  C CA  . PHE A 1 48 ? 11.667  5.086   -1.083  1.00 85.61  ? 48  PHE A CA  1 
ATOM   335  C C   . PHE A 1 48 ? 10.205  5.502   -1.045  1.00 84.13  ? 48  PHE A C   1 
ATOM   336  O O   . PHE A 1 48 ? 9.339   4.748   -0.598  1.00 83.31  ? 48  PHE A O   1 
ATOM   337  C CB  . PHE A 1 48 ? 12.121  4.783   -2.508  1.00 85.24  ? 48  PHE A CB  1 
ATOM   338  C CG  . PHE A 1 48 ? 13.470  4.127   -2.571  1.00 87.37  ? 48  PHE A CG  1 
ATOM   339  C CD1 . PHE A 1 48 ? 14.636  4.882   -2.461  1.00 88.52  ? 48  PHE A CD1 1 
ATOM   340  C CD2 . PHE A 1 48 ? 13.578  2.750   -2.697  1.00 86.98  ? 48  PHE A CD2 1 
ATOM   341  C CE1 . PHE A 1 48 ? 15.884  4.275   -2.503  1.00 87.38  ? 48  PHE A CE1 1 
ATOM   342  C CE2 . PHE A 1 48 ? 14.821  2.138   -2.737  1.00 87.82  ? 48  PHE A CE2 1 
ATOM   343  C CZ  . PHE A 1 48 ? 15.976  2.900   -2.639  1.00 87.01  ? 48  PHE A CZ  1 
ATOM   344  N N   . SER A 1 49 ? 9.963   6.734   -1.484  1.00 81.45  ? 49  SER A N   1 
ATOM   345  C CA  . SER A 1 49 ? 8.625   7.297   -1.602  1.00 77.12  ? 49  SER A CA  1 
ATOM   346  C C   . SER A 1 49 ? 8.467   7.925   -2.978  1.00 74.36  ? 49  SER A C   1 
ATOM   347  O O   . SER A 1 49 ? 9.443   8.390   -3.576  1.00 72.68  ? 49  SER A O   1 
ATOM   348  C CB  . SER A 1 49 ? 8.387   8.363   -0.532  1.00 78.38  ? 49  SER A CB  1 
ATOM   349  O OG  . SER A 1 49 ? 8.660   7.877   0.773   1.00 82.05  ? 49  SER A OG  1 
ATOM   350  N N   . LEU A 1 50 ? 7.231   7.928   -3.467  1.00 73.50  ? 50  LEU A N   1 
ATOM   351  C CA  . LEU A 1 50 ? 6.875   8.562   -4.735  1.00 72.10  ? 50  LEU A CA  1 
ATOM   352  C C   . LEU A 1 50 ? 6.048   9.794   -4.409  1.00 71.50  ? 50  LEU A C   1 
ATOM   353  O O   . LEU A 1 50 ? 5.024   9.674   -3.746  1.00 71.03  ? 50  LEU A O   1 
ATOM   354  C CB  . LEU A 1 50 ? 6.073   7.590   -5.598  1.00 71.81  ? 50  LEU A CB  1 
ATOM   355  C CG  . LEU A 1 50 ? 5.209   8.140   -6.733  1.00 72.83  ? 50  LEU A CG  1 
ATOM   356  C CD1 . LEU A 1 50 ? 6.063   8.885   -7.736  1.00 74.87  ? 50  LEU A CD1 1 
ATOM   357  C CD2 . LEU A 1 50 ? 4.454   7.011   -7.411  1.00 74.36  ? 50  LEU A CD2 1 
ATOM   358  N N   . SER A 1 51 ? 6.500   10.968  -4.858  1.00 70.76  ? 51  SER A N   1 
ATOM   359  C CA  . SER A 1 51 ? 5.737   12.213  -4.722  1.00 69.60  ? 51  SER A CA  1 
ATOM   360  C C   . SER A 1 51 ? 5.201   12.638  -6.086  1.00 70.74  ? 51  SER A C   1 
ATOM   361  O O   . SER A 1 51 ? 5.919   12.565  -7.079  1.00 66.08  ? 51  SER A O   1 
ATOM   362  C CB  . SER A 1 51 ? 6.603   13.313  -4.126  1.00 68.10  ? 51  SER A CB  1 
ATOM   363  O OG  . SER A 1 51 ? 7.288   12.842  -2.979  1.00 67.82  ? 51  SER A OG  1 
ATOM   364  N N   . VAL A 1 52 ? 3.940   13.068  -6.130  1.00 76.57  ? 52  VAL A N   1 
ATOM   365  C CA  . VAL A 1 52 ? 3.253   13.379  -7.393  1.00 79.07  ? 52  VAL A CA  1 
ATOM   366  C C   . VAL A 1 52 ? 2.438   14.659  -7.295  1.00 80.82  ? 52  VAL A C   1 
ATOM   367  O O   . VAL A 1 52 ? 1.864   14.954  -6.250  1.00 77.33  ? 52  VAL A O   1 
ATOM   368  C CB  . VAL A 1 52 ? 2.283   12.253  -7.819  1.00 79.44  ? 52  VAL A CB  1 
ATOM   369  C CG1 . VAL A 1 52 ? 1.809   12.462  -9.257  1.00 79.18  ? 52  VAL A CG1 1 
ATOM   370  C CG2 . VAL A 1 52 ? 2.942   10.887  -7.687  1.00 83.08  ? 52  VAL A CG2 1 
ATOM   371  N N   . ARG A 1 53 ? 2.361   15.382  -8.411  1.00 86.13  ? 53  ARG A N   1 
ATOM   372  C CA  . ARG A 1 53 ? 1.545   16.582  -8.509  1.00 90.64  ? 53  ARG A CA  1 
ATOM   373  C C   . ARG A 1 53 ? 0.103   16.203  -8.868  1.00 91.62  ? 53  ARG A C   1 
ATOM   374  O O   . ARG A 1 53 ? -0.143  15.582  -9.906  1.00 82.93  ? 53  ARG A O   1 
ATOM   375  C CB  . ARG A 1 53 ? 2.118   17.554  -9.549  1.00 94.80  ? 53  ARG A CB  1 
ATOM   376  C CG  . ARG A 1 53 ? 2.013   19.011  -9.126  1.00 97.01  ? 53  ARG A CG  1 
ATOM   377  C CD  . ARG A 1 53 ? 1.591   19.905  -10.271 1.00 101.71 ? 53  ARG A CD  1 
ATOM   378  N NE  . ARG A 1 53 ? 1.456   21.290  -9.806  1.00 104.56 ? 53  ARG A NE  1 
ATOM   379  C CZ  . ARG A 1 53 ? 2.090   22.357  -10.303 1.00 106.50 ? 53  ARG A CZ  1 
ATOM   380  N NH1 . ARG A 1 53 ? 2.925   22.263  -11.329 1.00 107.43 ? 53  ARG A NH1 1 
ATOM   381  N NH2 . ARG A 1 53 ? 1.872   23.553  -9.770  1.00 109.75 ? 53  ARG A NH2 1 
ATOM   382  N N   . ASP A 1 54 ? -0.828  16.591  -7.995  1.00 101.33 ? 54  ASP A N   1 
ATOM   383  C CA  . ASP A 1 54 ? -2.258  16.268  -8.111  1.00 110.00 ? 54  ASP A CA  1 
ATOM   384  C C   . ASP A 1 54 ? -3.062  17.462  -7.592  1.00 116.77 ? 54  ASP A C   1 
ATOM   385  O O   . ASP A 1 54 ? -2.509  18.299  -6.878  1.00 115.04 ? 54  ASP A O   1 
ATOM   386  C CB  . ASP A 1 54 ? -2.559  15.020  -7.269  1.00 110.36 ? 54  ASP A CB  1 
ATOM   387  C CG  . ASP A 1 54 ? -3.785  14.246  -7.744  1.00 110.28 ? 54  ASP A CG  1 
ATOM   388  O OD1 . ASP A 1 54 ? -3.938  14.007  -8.962  1.00 108.82 ? 54  ASP A OD1 1 
ATOM   389  O OD2 . ASP A 1 54 ? -4.585  13.835  -6.870  1.00 107.51 ? 54  ASP A OD2 1 
ATOM   390  N N   . PHE A 1 55 ? -4.344  17.568  -7.959  1.00 126.54 ? 55  PHE A N   1 
ATOM   391  C CA  . PHE A 1 55 ? -5.180  18.709  -7.523  1.00 132.39 ? 55  PHE A CA  1 
ATOM   392  C C   . PHE A 1 55 ? -6.273  18.243  -6.553  1.00 127.49 ? 55  PHE A C   1 
ATOM   393  O O   . PHE A 1 55 ? -7.002  17.295  -6.848  1.00 120.04 ? 55  PHE A O   1 
ATOM   394  C CB  . PHE A 1 55 ? -5.831  19.460  -8.706  1.00 138.84 ? 55  PHE A CB  1 
ATOM   395  C CG  . PHE A 1 55 ? -4.879  19.878  -9.827  1.00 150.80 ? 55  PHE A CG  1 
ATOM   396  C CD1 . PHE A 1 55 ? -3.479  19.808  -9.721  1.00 157.47 ? 55  PHE A CD1 1 
ATOM   397  C CD2 . PHE A 1 55 ? -5.413  20.386  -11.012 1.00 153.93 ? 55  PHE A CD2 1 
ATOM   398  C CE1 . PHE A 1 55 ? -2.654  20.198  -10.768 1.00 157.59 ? 55  PHE A CE1 1 
ATOM   399  C CE2 . PHE A 1 55 ? -4.589  20.784  -12.060 1.00 155.35 ? 55  PHE A CE2 1 
ATOM   400  C CZ  . PHE A 1 55 ? -3.208  20.694  -11.936 1.00 156.79 ? 55  PHE A CZ  1 
ATOM   401  N N   . ASP A 1 56 ? -6.378  18.917  -5.405  1.00 129.59 ? 56  ASP A N   1 
ATOM   402  C CA  . ASP A 1 56 ? -7.377  18.605  -4.375  1.00 129.77 ? 56  ASP A CA  1 
ATOM   403  C C   . ASP A 1 56 ? -8.371  19.765  -4.237  1.00 131.34 ? 56  ASP A C   1 
ATOM   404  O O   . ASP A 1 56 ? -7.982  20.897  -3.949  1.00 128.06 ? 56  ASP A O   1 
ATOM   405  C CB  . ASP A 1 56 ? -6.695  18.323  -3.031  1.00 127.15 ? 56  ASP A CB  1 
ATOM   406  C CG  . ASP A 1 56 ? -7.683  18.234  -1.875  1.00 125.57 ? 56  ASP A CG  1 
ATOM   407  O OD1 . ASP A 1 56 ? -7.518  18.990  -0.893  1.00 123.30 ? 56  ASP A OD1 1 
ATOM   408  O OD2 . ASP A 1 56 ? -8.628  17.419  -1.954  1.00 120.81 ? 56  ASP A OD2 1 
ATOM   409  N N   . GLN A 1 57 ? -9.651  19.445  -4.426  1.00 132.20 ? 57  GLN A N   1 
ATOM   410  C CA  . GLN A 1 57 ? -10.766 20.418  -4.400  1.00 128.16 ? 57  GLN A CA  1 
ATOM   411  C C   . GLN A 1 57 ? -10.736 21.307  -3.152  1.00 122.11 ? 57  GLN A C   1 
ATOM   412  O O   . GLN A 1 57 ? -10.513 22.515  -3.238  1.00 116.46 ? 57  GLN A O   1 
ATOM   413  C CB  . GLN A 1 57 ? -12.150 19.726  -4.472  1.00 128.65 ? 57  GLN A CB  1 
ATOM   414  C CG  . GLN A 1 57 ? -12.263 18.409  -5.256  1.00 130.06 ? 57  GLN A CG  1 
ATOM   415  C CD  . GLN A 1 57 ? -12.083 17.153  -4.394  1.00 130.02 ? 57  GLN A CD  1 
ATOM   416  O OE1 . GLN A 1 57 ? -11.572 17.215  -3.271  1.00 132.65 ? 57  GLN A OE1 1 
ATOM   417  N NE2 . GLN A 1 57 ? -12.496 16.006  -4.926  1.00 125.21 ? 57  GLN A NE2 1 
ATOM   418  N N   . GLY A 1 60 ? -6.994  23.266  -3.920  1.00 108.35 ? 60  GLY A N   1 
ATOM   419  C CA  . GLY A 1 60 ? -5.799  23.688  -4.644  1.00 111.05 ? 60  GLY A CA  1 
ATOM   420  C C   . GLY A 1 60 ? -5.015  22.539  -5.255  1.00 115.89 ? 60  GLY A C   1 
ATOM   421  O O   . GLY A 1 60 ? -5.293  21.372  -4.982  1.00 120.24 ? 60  GLY A O   1 
ATOM   422  N N   . GLU A 1 61 ? -4.047  22.882  -6.103  1.00 120.37 ? 61  GLU A N   1 
ATOM   423  C CA  . GLU A 1 61 ? -3.041  21.919  -6.579  1.00 120.37 ? 61  GLU A CA  1 
ATOM   424  C C   . GLU A 1 61 ? -2.155  21.489  -5.409  1.00 114.66 ? 61  GLU A C   1 
ATOM   425  O O   . GLU A 1 61 ? -1.889  22.287  -4.504  1.00 112.80 ? 61  GLU A O   1 
ATOM   426  C CB  . GLU A 1 61 ? -2.180  22.492  -7.718  1.00 121.98 ? 61  GLU A CB  1 
ATOM   427  C CG  . GLU A 1 61 ? -1.252  23.656  -7.346  1.00 124.42 ? 61  GLU A CG  1 
ATOM   428  C CD  . GLU A 1 61 ? -1.831  25.033  -7.635  1.00 127.62 ? 61  GLU A CD  1 
ATOM   429  O OE1 . GLU A 1 61 ? -2.454  25.220  -8.703  1.00 128.61 ? 61  GLU A OE1 1 
ATOM   430  O OE2 . GLU A 1 61 ? -1.647  25.938  -6.791  1.00 126.03 ? 61  GLU A OE2 1 
ATOM   431  N N   . VAL A 1 62 ? -1.695  20.242  -5.430  1.00 108.70 ? 62  VAL A N   1 
ATOM   432  C CA  . VAL A 1 62 ? -0.968  19.673  -4.294  1.00 103.06 ? 62  VAL A CA  1 
ATOM   433  C C   . VAL A 1 62 ? 0.007   18.579  -4.701  1.00 99.18  ? 62  VAL A C   1 
ATOM   434  O O   . VAL A 1 62 ? 0.013   18.113  -5.843  1.00 94.60  ? 62  VAL A O   1 
ATOM   435  C CB  . VAL A 1 62 ? -1.931  19.113  -3.205  1.00 101.86 ? 62  VAL A CB  1 
ATOM   436  C CG1 . VAL A 1 62 ? -2.495  20.232  -2.335  1.00 102.09 ? 62  VAL A CG1 1 
ATOM   437  C CG2 . VAL A 1 62 ? -3.051  18.278  -3.822  1.00 100.06 ? 62  VAL A CG2 1 
ATOM   438  N N   . VAL A 1 63 ? 0.846   18.205  -3.740  1.00 97.53  ? 63  VAL A N   1 
ATOM   439  C CA  . VAL A 1 63 ? 1.773   17.091  -3.872  1.00 94.58  ? 63  VAL A CA  1 
ATOM   440  C C   . VAL A 1 63 ? 1.302   15.956  -2.964  1.00 89.92  ? 63  VAL A C   1 
ATOM   441  O O   . VAL A 1 63 ? 1.201   16.130  -1.748  1.00 85.42  ? 63  VAL A O   1 
ATOM   442  C CB  . VAL A 1 63 ? 3.210   17.534  -3.530  1.00 94.94  ? 63  VAL A CB  1 
ATOM   443  C CG1 . VAL A 1 63 ? 4.150   16.342  -3.407  1.00 94.45  ? 63  VAL A CG1 1 
ATOM   444  C CG2 . VAL A 1 63 ? 3.711   18.495  -4.601  1.00 95.17  ? 63  VAL A CG2 1 
ATOM   445  N N   . LYS A 1 64 ? 1.011   14.807  -3.570  1.00 88.94  ? 64  LYS A N   1 
ATOM   446  C CA  . LYS A 1 64 ? 0.595   13.606  -2.852  1.00 90.24  ? 64  LYS A CA  1 
ATOM   447  C C   . LYS A 1 64 ? 1.789   12.668  -2.745  1.00 86.55  ? 64  LYS A C   1 
ATOM   448  O O   . LYS A 1 64 ? 2.403   12.329  -3.757  1.00 86.79  ? 64  LYS A O   1 
ATOM   449  C CB  . LYS A 1 64 ? -0.535  12.899  -3.605  1.00 94.36  ? 64  LYS A CB  1 
ATOM   450  C CG  . LYS A 1 64 ? -1.816  13.713  -3.745  1.00 98.73  ? 64  LYS A CG  1 
ATOM   451  C CD  . LYS A 1 64 ? -2.857  13.321  -2.701  1.00 103.44 ? 64  LYS A CD  1 
ATOM   452  C CE  . LYS A 1 64 ? -3.944  14.380  -2.530  1.00 107.74 ? 64  LYS A CE  1 
ATOM   453  N NZ  . LYS A 1 64 ? -4.240  14.635  -1.090  1.00 109.48 ? 64  LYS A NZ  1 
ATOM   454  N N   . HIS A 1 65 ? 2.105   12.249  -1.524  1.00 84.72  ? 65  HIS A N   1 
ATOM   455  C CA  . HIS A 1 65 ? 3.216   11.335  -1.266  1.00 85.83  ? 65  HIS A CA  1 
ATOM   456  C C   . HIS A 1 65 ? 2.690   9.920   -1.088  1.00 84.70  ? 65  HIS A C   1 
ATOM   457  O O   . HIS A 1 65 ? 1.691   9.709   -0.402  1.00 87.87  ? 65  HIS A O   1 
ATOM   458  C CB  . HIS A 1 65 ? 3.973   11.762  -0.016  1.00 85.49  ? 65  HIS A CB  1 
ATOM   459  C CG  . HIS A 1 65 ? 4.452   13.177  -0.062  1.00 90.01  ? 65  HIS A CG  1 
ATOM   460  N ND1 . HIS A 1 65 ? 5.447   13.600  -0.916  1.00 93.03  ? 65  HIS A ND1 1 
ATOM   461  C CD2 . HIS A 1 65 ? 4.064   14.270  0.634   1.00 91.73  ? 65  HIS A CD2 1 
ATOM   462  C CE1 . HIS A 1 65 ? 5.659   14.892  -0.736  1.00 92.76  ? 65  HIS A CE1 1 
ATOM   463  N NE2 . HIS A 1 65 ? 4.829   15.322  0.197   1.00 93.75  ? 65  HIS A NE2 1 
ATOM   464  N N   . TYR A 1 66 ? 3.363   8.962   -1.716  1.00 82.58  ? 66  TYR A N   1 
ATOM   465  C CA  . TYR A 1 66 ? 3.018   7.558   -1.609  1.00 79.29  ? 66  TYR A CA  1 
ATOM   466  C C   . TYR A 1 66 ? 4.243   6.776   -1.183  1.00 81.28  ? 66  TYR A C   1 
ATOM   467  O O   . TYR A 1 66 ? 5.312   6.885   -1.785  1.00 81.46  ? 66  TYR A O   1 
ATOM   468  C CB  . TYR A 1 66 ? 2.504   7.031   -2.939  1.00 80.19  ? 66  TYR A CB  1 
ATOM   469  C CG  . TYR A 1 66 ? 1.251   7.730   -3.400  1.00 83.74  ? 66  TYR A CG  1 
ATOM   470  C CD1 . TYR A 1 66 ? 0.058   7.596   -2.688  1.00 87.45  ? 66  TYR A CD1 1 
ATOM   471  C CD2 . TYR A 1 66 ? 1.250   8.529   -4.544  1.00 84.53  ? 66  TYR A CD2 1 
ATOM   472  C CE1 . TYR A 1 66 ? -1.099  8.239   -3.099  1.00 88.42  ? 66  TYR A CE1 1 
ATOM   473  C CE2 . TYR A 1 66 ? 0.095   9.173   -4.966  1.00 86.49  ? 66  TYR A CE2 1 
ATOM   474  C CZ  . TYR A 1 66 ? -1.076  9.023   -4.240  1.00 87.96  ? 66  TYR A CZ  1 
ATOM   475  O OH  . TYR A 1 66 ? -2.229  9.650   -4.643  1.00 89.27  ? 66  TYR A OH  1 
ATOM   476  N N   . LYS A 1 67 ? 4.069   5.994   -0.128  1.00 82.92  ? 67  LYS A N   1 
ATOM   477  C CA  . LYS A 1 67 ? 5.099   5.101   0.375   1.00 81.78  ? 67  LYS A CA  1 
ATOM   478  C C   . LYS A 1 67 ? 5.255   3.884   -0.524  1.00 77.39  ? 67  LYS A C   1 
ATOM   479  O O   . LYS A 1 67 ? 4.267   3.234   -0.866  1.00 76.57  ? 67  LYS A O   1 
ATOM   480  C CB  . LYS A 1 67 ? 4.727   4.640   1.781   1.00 87.57  ? 67  LYS A CB  1 
ATOM   481  C CG  . LYS A 1 67 ? 5.445   5.397   2.874   1.00 93.83  ? 67  LYS A CG  1 
ATOM   482  C CD  . LYS A 1 67 ? 6.703   4.658   3.291   1.00 98.04  ? 67  LYS A CD  1 
ATOM   483  C CE  . LYS A 1 67 ? 6.809   4.606   4.792   1.00 101.60 ? 67  LYS A CE  1 
ATOM   484  N NZ  . LYS A 1 67 ? 5.739   3.843   5.501   1.00 103.15 ? 67  LYS A NZ  1 
ATOM   485  N N   . ILE A 1 68 ? 6.492   3.584   -0.908  1.00 75.80  ? 68  ILE A N   1 
ATOM   486  C CA  . ILE A 1 68 ? 6.783   2.363   -1.644  1.00 76.66  ? 68  ILE A CA  1 
ATOM   487  C C   . ILE A 1 68 ? 7.153   1.311   -0.614  1.00 75.82  ? 68  ILE A C   1 
ATOM   488  O O   . ILE A 1 68 ? 8.203   1.400   0.033   1.00 76.02  ? 68  ILE A O   1 
ATOM   489  C CB  . ILE A 1 68 ? 7.912   2.543   -2.675  1.00 77.29  ? 68  ILE A CB  1 
ATOM   490  C CG1 . ILE A 1 68 ? 7.557   3.697   -3.623  1.00 78.95  ? 68  ILE A CG1 1 
ATOM   491  C CG2 . ILE A 1 68 ? 8.129   1.241   -3.442  1.00 77.14  ? 68  ILE A CG2 1 
ATOM   492  C CD1 . ILE A 1 68 ? 8.454   3.840   -4.836  1.00 79.78  ? 68  ILE A CD1 1 
ATOM   493  N N   . ARG A 1 69 ? 6.283   0.313   -0.489  1.00 71.82  ? 69  ARG A N   1 
ATOM   494  C CA  . ARG A 1 69 ? 6.386   -0.692  0.557   1.00 69.22  ? 69  ARG A CA  1 
ATOM   495  C C   . ARG A 1 69 ? 7.058   -1.919  -0.030  1.00 67.36  ? 69  ARG A C   1 
ATOM   496  O O   . ARG A 1 69 ? 6.903   -2.193  -1.225  1.00 65.49  ? 69  ARG A O   1 
ATOM   497  C CB  . ARG A 1 69 ? 4.997   -1.023  1.095   1.00 67.70  ? 69  ARG A CB  1 
ATOM   498  C CG  . ARG A 1 69 ? 4.121   0.205   1.298   1.00 67.51  ? 69  ARG A CG  1 
ATOM   499  C CD  . ARG A 1 69 ? 2.949   -0.052  2.229   1.00 70.24  ? 69  ARG A CD  1 
ATOM   500  N NE  . ARG A 1 69 ? 3.195   0.488   3.577   1.00 72.83  ? 69  ARG A NE  1 
ATOM   501  C CZ  . ARG A 1 69 ? 2.515   1.475   4.174   1.00 73.31  ? 69  ARG A CZ  1 
ATOM   502  N NH1 . ARG A 1 69 ? 1.482   2.084   3.579   1.00 73.34  ? 69  ARG A NH1 1 
ATOM   503  N NH2 . ARG A 1 69 ? 2.866   1.855   5.408   1.00 72.28  ? 69  ARG A NH2 1 
ATOM   504  N N   . ASN A 1 70 ? 7.790   -2.654  0.811   1.00 65.59  ? 70  ASN A N   1 
ATOM   505  C CA  . ASN A 1 70 ? 8.609   -3.780  0.347   1.00 66.66  ? 70  ASN A CA  1 
ATOM   506  C C   . ASN A 1 70 ? 7.958   -5.105  0.693   1.00 63.97  ? 70  ASN A C   1 
ATOM   507  O O   . ASN A 1 70 ? 7.245   -5.232  1.691   1.00 67.59  ? 70  ASN A O   1 
ATOM   508  C CB  . ASN A 1 70 ? 10.034  -3.793  0.925   1.00 68.60  ? 70  ASN A CB  1 
ATOM   509  C CG  . ASN A 1 70 ? 10.607  -2.413  1.136   1.00 69.99  ? 70  ASN A CG  1 
ATOM   510  O OD1 . ASN A 1 70 ? 11.424  -1.948  0.340   1.00 73.22  ? 70  ASN A OD1 1 
ATOM   511  N ND2 . ASN A 1 70 ? 10.201  -1.755  2.224   1.00 70.93  ? 70  ASN A ND2 1 
ATOM   512  N N   . LEU A 1 71 ? 8.244   -6.093  -0.140  1.00 61.67  ? 71  LEU A N   1 
ATOM   513  C CA  . LEU A 1 71 ? 7.790   -7.449  0.065   1.00 62.54  ? 71  LEU A CA  1 
ATOM   514  C C   . LEU A 1 71 ? 8.931   -8.271  0.649   1.00 62.89  ? 71  LEU A C   1 
ATOM   515  O O   . LEU A 1 71 ? 10.099  -7.940  0.454   1.00 63.95  ? 71  LEU A O   1 
ATOM   516  C CB  . LEU A 1 71 ? 7.370   -8.038  -1.270  1.00 60.67  ? 71  LEU A CB  1 
ATOM   517  C CG  . LEU A 1 71 ? 6.244   -7.312  -1.990  1.00 61.03  ? 71  LEU A CG  1 
ATOM   518  C CD1 . LEU A 1 71 ? 6.080   -7.911  -3.374  1.00 60.90  ? 71  LEU A CD1 1 
ATOM   519  C CD2 . LEU A 1 71 ? 4.945   -7.393  -1.207  1.00 61.57  ? 71  LEU A CD2 1 
ATOM   520  N N   . ASP A 1 72 ? 8.595   -9.353  1.342   1.00 63.36  ? 72  ASP A N   1 
ATOM   521  C CA  . ASP A 1 72 ? 9.601   -10.291 1.842   1.00 63.99  ? 72  ASP A CA  1 
ATOM   522  C C   . ASP A 1 72 ? 10.457  -10.867 0.718   1.00 64.41  ? 72  ASP A C   1 
ATOM   523  O O   . ASP A 1 72 ? 11.632  -11.157 0.935   1.00 71.46  ? 72  ASP A O   1 
ATOM   524  C CB  . ASP A 1 72 ? 8.958   -11.431 2.645   1.00 65.89  ? 72  ASP A CB  1 
ATOM   525  C CG  . ASP A 1 72 ? 8.515   -11.000 4.041   1.00 69.16  ? 72  ASP A CG  1 
ATOM   526  O OD1 . ASP A 1 72 ? 8.855   -9.880  4.479   1.00 69.61  ? 72  ASP A OD1 1 
ATOM   527  O OD2 . ASP A 1 72 ? 7.828   -11.800 4.712   1.00 72.78  ? 72  ASP A OD2 1 
ATOM   528  N N   . ASN A 1 73 ? 9.892   -11.000 -0.483  1.00 62.10  ? 73  ASN A N   1 
ATOM   529  C CA  . ASN A 1 73 ? 10.666  -11.466 -1.640  1.00 60.80  ? 73  ASN A CA  1 
ATOM   530  C C   . ASN A 1 73 ? 11.552  -10.387 -2.295  1.00 60.27  ? 73  ASN A C   1 
ATOM   531  O O   . ASN A 1 73 ? 12.207  -10.659 -3.297  1.00 60.05  ? 73  ASN A O   1 
ATOM   532  C CB  . ASN A 1 73 ? 9.759   -12.155 -2.677  1.00 60.08  ? 73  ASN A CB  1 
ATOM   533  C CG  . ASN A 1 73 ? 8.757   -11.217 -3.324  1.00 60.77  ? 73  ASN A CG  1 
ATOM   534  O OD1 . ASN A 1 73 ? 8.850   -10.000 -3.200  1.00 62.83  ? 73  ASN A OD1 1 
ATOM   535  N ND2 . ASN A 1 73 ? 7.784   -11.792 -4.023  1.00 60.94  ? 73  ASN A ND2 1 
ATOM   536  N N   . GLY A 1 74 ? 11.561  -9.173  -1.741  1.00 60.32  ? 74  GLY A N   1 
ATOM   537  C CA  . GLY A 1 74 ? 12.404  -8.088  -2.234  1.00 60.90  ? 74  GLY A CA  1 
ATOM   538  C C   . GLY A 1 74 ? 11.705  -7.132  -3.184  1.00 64.07  ? 74  GLY A C   1 
ATOM   539  O O   . GLY A 1 74 ? 12.220  -6.043  -3.437  1.00 66.85  ? 74  GLY A O   1 
ATOM   540  N N   . GLY A 1 75 ? 10.535  -7.517  -3.705  1.00 65.57  ? 75  GLY A N   1 
ATOM   541  C CA  . GLY A 1 75 ? 9.745   -6.657  -4.581  1.00 63.52  ? 75  GLY A CA  1 
ATOM   542  C C   . GLY A 1 75 ? 9.119   -5.466  -3.870  1.00 63.54  ? 75  GLY A C   1 
ATOM   543  O O   . GLY A 1 75 ? 9.302   -5.275  -2.658  1.00 57.73  ? 75  GLY A O   1 
ATOM   544  N N   . PHE A 1 76 ? 8.381   -4.663  -4.637  1.00 64.68  ? 76  PHE A N   1 
ATOM   545  C CA  . PHE A 1 76 ? 7.762   -3.436  -4.120  1.00 65.28  ? 76  PHE A CA  1 
ATOM   546  C C   . PHE A 1 76 ? 6.315   -3.301  -4.553  1.00 64.00  ? 76  PHE A C   1 
ATOM   547  O O   . PHE A 1 76 ? 5.889   -3.878  -5.557  1.00 61.94  ? 76  PHE A O   1 
ATOM   548  C CB  . PHE A 1 76 ? 8.502   -2.185  -4.611  1.00 64.97  ? 76  PHE A CB  1 
ATOM   549  C CG  . PHE A 1 76 ? 9.978   -2.216  -4.376  1.00 63.95  ? 76  PHE A CG  1 
ATOM   550  C CD1 . PHE A 1 76 ? 10.807  -2.925  -5.238  1.00 65.21  ? 76  PHE A CD1 1 
ATOM   551  C CD2 . PHE A 1 76 ? 10.548  -1.530  -3.308  1.00 64.54  ? 76  PHE A CD2 1 
ATOM   552  C CE1 . PHE A 1 76 ? 12.176  -2.968  -5.031  1.00 65.26  ? 76  PHE A CE1 1 
ATOM   553  C CE2 . PHE A 1 76 ? 11.918  -1.563  -3.099  1.00 64.79  ? 76  PHE A CE2 1 
ATOM   554  C CZ  . PHE A 1 76 ? 12.734  -2.283  -3.962  1.00 64.45  ? 76  PHE A CZ  1 
ATOM   555  N N   . TYR A 1 77 ? 5.578   -2.496  -3.795  1.00 64.20  ? 77  TYR A N   1 
ATOM   556  C CA  . TYR A 1 77 ? 4.226   -2.115  -4.168  1.00 66.31  ? 77  TYR A CA  1 
ATOM   557  C C   . TYR A 1 77 ? 3.835   -0.802  -3.506  1.00 66.67  ? 77  TYR A C   1 
ATOM   558  O O   . TYR A 1 77 ? 4.341   -0.457  -2.439  1.00 63.90  ? 77  TYR A O   1 
ATOM   559  C CB  . TYR A 1 77 ? 3.240   -3.217  -3.789  1.00 66.94  ? 77  TYR A CB  1 
ATOM   560  C CG  . TYR A 1 77 ? 3.029   -3.380  -2.300  1.00 67.68  ? 77  TYR A CG  1 
ATOM   561  C CD1 . TYR A 1 77 ? 3.949   -4.073  -1.512  1.00 68.79  ? 77  TYR A CD1 1 
ATOM   562  C CD2 . TYR A 1 77 ? 1.907   -2.838  -1.675  1.00 68.09  ? 77  TYR A CD2 1 
ATOM   563  C CE1 . TYR A 1 77 ? 3.751   -4.222  -0.145  1.00 70.39  ? 77  TYR A CE1 1 
ATOM   564  C CE2 . TYR A 1 77 ? 1.700   -2.980  -0.312  1.00 67.75  ? 77  TYR A CE2 1 
ATOM   565  C CZ  . TYR A 1 77 ? 2.617   -3.672  0.449   1.00 68.70  ? 77  TYR A CZ  1 
ATOM   566  O OH  . TYR A 1 77 ? 2.398   -3.799  1.798   1.00 69.29  ? 77  TYR A OH  1 
ATOM   567  N N   . ILE A 1 78 ? 2.956   -0.067  -4.177  1.00 71.76  ? 78  ILE A N   1 
ATOM   568  C CA  . ILE A 1 78 ? 2.295   1.103   -3.600  1.00 75.26  ? 78  ILE A CA  1 
ATOM   569  C C   . ILE A 1 78 ? 0.884   0.717   -3.192  1.00 75.31  ? 78  ILE A C   1 
ATOM   570  O O   . ILE A 1 78 ? 0.431   1.065   -2.101  1.00 76.05  ? 78  ILE A O   1 
ATOM   571  C CB  . ILE A 1 78 ? 2.265   2.278   -4.596  1.00 77.68  ? 78  ILE A CB  1 
ATOM   572  C CG1 . ILE A 1 78 ? 3.680   2.841   -4.734  1.00 79.95  ? 78  ILE A CG1 1 
ATOM   573  C CG2 . ILE A 1 78 ? 1.313   3.380   -4.131  1.00 79.03  ? 78  ILE A CG2 1 
ATOM   574  C CD1 . ILE A 1 78 ? 3.820   3.971   -5.731  1.00 82.06  ? 78  ILE A CD1 1 
ATOM   575  N N   . SER A 1 79 ? 0.191   0.037   -4.098  1.00 74.78  ? 79  SER A N   1 
ATOM   576  C CA  . SER A 1 79 ? -1.111  -0.521  -3.825  1.00 74.24  ? 79  SER A CA  1 
ATOM   577  C C   . SER A 1 79 ? -0.984  -2.037  -3.858  1.00 73.43  ? 79  SER A C   1 
ATOM   578  O O   . SER A 1 79 ? -0.392  -2.578  -4.793  1.00 74.87  ? 79  SER A O   1 
ATOM   579  C CB  . SER A 1 79 ? -2.104  -0.070  -4.888  1.00 75.11  ? 79  SER A CB  1 
ATOM   580  O OG  . SER A 1 79 ? -3.412  -0.523  -4.585  1.00 74.43  ? 79  SER A OG  1 
ATOM   581  N N   . PRO A 1 80 ? -1.559  -2.734  -2.861  1.00 72.69  ? 80  PRO A N   1 
ATOM   582  C CA  . PRO A 1 80 ? -1.515  -4.201  -2.840  1.00 70.27  ? 80  PRO A CA  1 
ATOM   583  C C   . PRO A 1 80 ? -2.221  -4.918  -3.994  1.00 68.04  ? 80  PRO A C   1 
ATOM   584  O O   . PRO A 1 80 ? -2.070  -6.136  -4.111  1.00 65.64  ? 80  PRO A O   1 
ATOM   585  C CB  . PRO A 1 80 ? -2.201  -4.556  -1.518  1.00 70.41  ? 80  PRO A CB  1 
ATOM   586  C CG  . PRO A 1 80 ? -3.028  -3.374  -1.196  1.00 73.19  ? 80  PRO A CG  1 
ATOM   587  C CD  . PRO A 1 80 ? -2.238  -2.203  -1.666  1.00 74.07  ? 80  PRO A CD  1 
ATOM   588  N N   . ARG A 1 81 ? -2.996  -4.202  -4.813  1.00 66.74  ? 81  ARG A N   1 
ATOM   589  C CA  . ARG A 1 81 ? -3.564  -4.797  -6.032  1.00 66.61  ? 81  ARG A CA  1 
ATOM   590  C C   . ARG A 1 81 ? -2.511  -5.228  -7.050  1.00 66.47  ? 81  ARG A C   1 
ATOM   591  O O   . ARG A 1 81 ? -2.724  -6.216  -7.744  1.00 64.60  ? 81  ARG A O   1 
ATOM   592  C CB  . ARG A 1 81 ? -4.606  -3.871  -6.690  1.00 67.45  ? 81  ARG A CB  1 
ATOM   593  C CG  . ARG A 1 81 ? -6.045  -4.152  -6.251  1.00 69.87  ? 81  ARG A CG  1 
ATOM   594  C CD  . ARG A 1 81 ? -6.951  -4.606  -7.389  1.00 71.43  ? 81  ARG A CD  1 
ATOM   595  N NE  . ARG A 1 81 ? -6.618  -5.938  -7.907  1.00 73.01  ? 81  ARG A NE  1 
ATOM   596  C CZ  . ARG A 1 81 ? -6.981  -6.414  -9.104  1.00 77.19  ? 81  ARG A CZ  1 
ATOM   597  N NH1 . ARG A 1 81 ? -7.700  -5.682  -9.958  1.00 80.08  ? 81  ARG A NH1 1 
ATOM   598  N NH2 . ARG A 1 81 ? -6.615  -7.639  -9.464  1.00 80.28  ? 81  ARG A NH2 1 
ATOM   599  N N   . ILE A 1 82 ? -1.389  -4.511  -7.131  1.00 69.21  ? 82  ILE A N   1 
ATOM   600  C CA  . ILE A 1 82 ? -0.302  -4.856  -8.068  1.00 69.15  ? 82  ILE A CA  1 
ATOM   601  C C   . ILE A 1 82 ? 1.059   -4.712  -7.377  1.00 67.31  ? 82  ILE A C   1 
ATOM   602  O O   . ILE A 1 82 ? 1.323   -3.707  -6.710  1.00 68.12  ? 82  ILE A O   1 
ATOM   603  C CB  . ILE A 1 82 ? -0.397  -4.023  -9.386  1.00 68.97  ? 82  ILE A CB  1 
ATOM   604  C CG1 . ILE A 1 82 ? 0.820   -4.228  -10.306 1.00 69.98  ? 82  ILE A CG1 1 
ATOM   605  C CG2 . ILE A 1 82 ? -0.599  -2.539  -9.101  1.00 69.81  ? 82  ILE A CG2 1 
ATOM   606  C CD1 . ILE A 1 82 ? 0.607   -5.263  -11.384 1.00 72.67  ? 82  ILE A CD1 1 
ATOM   607  N N   . THR A 1 83 ? 1.907   -5.728  -7.554  1.00 66.21  ? 83  THR A N   1 
ATOM   608  C CA  . THR A 1 83 ? 3.262   -5.768  -6.991  1.00 65.24  ? 83  THR A CA  1 
ATOM   609  C C   . THR A 1 83 ? 4.283   -5.946  -8.112  1.00 64.87  ? 83  THR A C   1 
ATOM   610  O O   . THR A 1 83 ? 3.956   -6.509  -9.166  1.00 66.00  ? 83  THR A O   1 
ATOM   611  C CB  . THR A 1 83 ? 3.424   -6.930  -5.986  1.00 65.69  ? 83  THR A CB  1 
ATOM   612  O OG1 . THR A 1 83 ? 3.216   -8.191  -6.637  1.00 64.04  ? 83  THR A OG1 1 
ATOM   613  C CG2 . THR A 1 83 ? 2.438   -6.801  -4.833  1.00 64.88  ? 83  THR A CG2 1 
ATOM   614  N N   . PHE A 1 84 ? 5.514   -5.482  -7.876  1.00 65.43  ? 84  PHE A N   1 
ATOM   615  C CA  . PHE A 1 84 ? 6.584   -5.507  -8.895  1.00 64.72  ? 84  PHE A CA  1 
ATOM   616  C C   . PHE A 1 84 ? 7.911   -6.041  -8.353  1.00 62.82  ? 84  PHE A C   1 
ATOM   617  O O   . PHE A 1 84 ? 8.167   -5.927  -7.152  1.00 57.42  ? 84  PHE A O   1 
ATOM   618  C CB  . PHE A 1 84 ? 6.830   -4.106  -9.465  1.00 65.54  ? 84  PHE A CB  1 
ATOM   619  C CG  . PHE A 1 84 ? 5.580   -3.322  -9.709  1.00 66.02  ? 84  PHE A CG  1 
ATOM   620  C CD1 . PHE A 1 84 ? 4.958   -3.333  -10.956 1.00 65.70  ? 84  PHE A CD1 1 
ATOM   621  C CD2 . PHE A 1 84 ? 5.015   -2.577  -8.683  1.00 66.58  ? 84  PHE A CD2 1 
ATOM   622  C CE1 . PHE A 1 84 ? 3.795   -2.606  -11.172 1.00 66.00  ? 84  PHE A CE1 1 
ATOM   623  C CE2 . PHE A 1 84 ? 3.853   -1.851  -8.889  1.00 67.56  ? 84  PHE A CE2 1 
ATOM   624  C CZ  . PHE A 1 84 ? 3.244   -1.862  -10.135 1.00 66.97  ? 84  PHE A CZ  1 
ATOM   625  N N   . PRO A 1 85 ? 8.772   -6.595  -9.243  1.00 65.89  ? 85  PRO A N   1 
ATOM   626  C CA  . PRO A 1 85 ? 10.103  -7.074  -8.829  1.00 67.51  ? 85  PRO A CA  1 
ATOM   627  C C   . PRO A 1 85 ? 11.078  -5.970  -8.425  1.00 68.23  ? 85  PRO A C   1 
ATOM   628  O O   . PRO A 1 85 ? 11.875  -6.156  -7.506  1.00 68.51  ? 85  PRO A O   1 
ATOM   629  C CB  . PRO A 1 85 ? 10.635  -7.785  -10.084 1.00 66.43  ? 85  PRO A CB  1 
ATOM   630  C CG  . PRO A 1 85 ? 9.440   -8.032  -10.933 1.00 66.45  ? 85  PRO A CG  1 
ATOM   631  C CD  . PRO A 1 85 ? 8.554   -6.859  -10.680 1.00 66.00  ? 85  PRO A CD  1 
ATOM   632  N N   . GLY A 1 86 ? 11.030  -4.850  -9.136  1.00 69.38  ? 86  GLY A N   1 
ATOM   633  C CA  . GLY A 1 86 ? 11.891  -3.711  -8.848  1.00 70.90  ? 86  GLY A CA  1 
ATOM   634  C C   . GLY A 1 86 ? 11.131  -2.426  -9.049  1.00 70.91  ? 86  GLY A C   1 
ATOM   635  O O   . GLY A 1 86 ? 9.963   -2.435  -9.449  1.00 69.31  ? 86  GLY A O   1 
ATOM   636  N N   . LEU A 1 87 ? 11.806  -1.320  -8.771  1.00 73.88  ? 87  LEU A N   1 
ATOM   637  C CA  . LEU A 1 87 ? 11.204  0.005   -8.907  1.00 76.77  ? 87  LEU A CA  1 
ATOM   638  C C   . LEU A 1 87 ? 10.914  0.351   -10.361 1.00 75.83  ? 87  LEU A C   1 
ATOM   639  O O   . LEU A 1 87 ? 9.849   0.855   -10.674 1.00 75.87  ? 87  LEU A O   1 
ATOM   640  C CB  . LEU A 1 87 ? 12.106  1.055   -8.272  1.00 76.15  ? 87  LEU A CB  1 
ATOM   641  C CG  . LEU A 1 87 ? 12.162  0.855   -6.754  1.00 79.29  ? 87  LEU A CG  1 
ATOM   642  C CD1 . LEU A 1 87 ? 13.553  1.125   -6.206  1.00 81.54  ? 87  LEU A CD1 1 
ATOM   643  C CD2 . LEU A 1 87 ? 11.112  1.715   -6.064  1.00 80.89  ? 87  LEU A CD2 1 
ATOM   644  N N   . HIS A 1 88 ? 11.826  -0.016  -11.247 1.00 77.33  ? 88  HIS A N   1 
ATOM   645  C CA  . HIS A 1 88 ? 11.744  0.337   -12.673 1.00 82.25  ? 88  HIS A CA  1 
ATOM   646  C C   . HIS A 1 88 ? 10.390  -0.115  -13.192 1.00 78.98  ? 88  HIS A C   1 
ATOM   647  O O   . HIS A 1 88 ? 9.662   0.654   -13.819 1.00 76.67  ? 88  HIS A O   1 
ATOM   648  C CB  . HIS A 1 88 ? 12.863  -0.337  -13.491 1.00 85.46  ? 88  HIS A CB  1 
ATOM   649  C CG  . HIS A 1 88 ? 14.241  -0.091  -12.953 1.00 91.59  ? 88  HIS A CG  1 
ATOM   650  N ND1 . HIS A 1 88 ? 14.687  -0.643  -11.767 1.00 94.40  ? 88  HIS A ND1 1 
ATOM   651  C CD2 . HIS A 1 88 ? 15.269  0.650   -13.434 1.00 92.12  ? 88  HIS A CD2 1 
ATOM   652  C CE1 . HIS A 1 88 ? 15.925  -0.247  -11.539 1.00 95.45  ? 88  HIS A CE1 1 
ATOM   653  N NE2 . HIS A 1 88 ? 16.304  0.537   -12.536 1.00 93.38  ? 88  HIS A NE2 1 
ATOM   654  N N   . GLU A 1 89 ? 10.058  -1.359  -12.852 1.00 75.84  ? 89  GLU A N   1 
ATOM   655  C CA  . GLU A 1 89 ? 8.811   -2.001  -13.235 1.00 70.80  ? 89  GLU A CA  1 
ATOM   656  C C   . GLU A 1 89 ? 7.627   -1.249  -12.656 1.00 67.63  ? 89  GLU A C   1 
ATOM   657  O O   . GLU A 1 89 ? 6.634   -1.030  -13.347 1.00 67.50  ? 89  GLU A O   1 
ATOM   658  C CB  . GLU A 1 89 ? 8.788   -3.459  -12.762 1.00 71.58  ? 89  GLU A CB  1 
ATOM   659  C CG  . GLU A 1 89 ? 9.732   -4.392  -13.517 1.00 72.98  ? 89  GLU A CG  1 
ATOM   660  C CD  . GLU A 1 89 ? 11.169  -4.392  -13.008 1.00 76.30  ? 89  GLU A CD  1 
ATOM   661  O OE1 . GLU A 1 89 ? 11.574  -3.452  -12.285 1.00 76.90  ? 89  GLU A OE1 1 
ATOM   662  O OE2 . GLU A 1 89 ? 11.911  -5.341  -13.338 1.00 80.12  ? 89  GLU A OE2 1 
ATOM   663  N N   . LEU A 1 90 ? 7.741   -0.854  -11.390 1.00 67.20  ? 90  LEU A N   1 
ATOM   664  C CA  . LEU A 1 90 ? 6.720   -0.032  -10.742 1.00 69.60  ? 90  LEU A CA  1 
ATOM   665  C C   . LEU A 1 90 ? 6.544   1.293   -11.472 1.00 72.12  ? 90  LEU A C   1 
ATOM   666  O O   . LEU A 1 90 ? 5.423   1.675   -11.812 1.00 72.43  ? 90  LEU A O   1 
ATOM   667  C CB  . LEU A 1 90 ? 7.077   0.223   -9.271  1.00 71.39  ? 90  LEU A CB  1 
ATOM   668  C CG  . LEU A 1 90 ? 6.056   0.986   -8.409  1.00 70.05  ? 90  LEU A CG  1 
ATOM   669  C CD1 . LEU A 1 90 ? 6.059   0.451   -6.985  1.00 70.01  ? 90  LEU A CD1 1 
ATOM   670  C CD2 . LEU A 1 90 ? 6.306   2.491   -8.393  1.00 68.69  ? 90  LEU A CD2 1 
ATOM   671  N N   . VAL A 1 91 ? 7.661   1.972   -11.729 1.00 76.62  ? 91  VAL A N   1 
ATOM   672  C CA  . VAL A 1 91 ? 7.649   3.309   -12.341 1.00 78.86  ? 91  VAL A CA  1 
ATOM   673  C C   . VAL A 1 91 ? 7.112   3.225   -13.771 1.00 79.95  ? 91  VAL A C   1 
ATOM   674  O O   . VAL A 1 91 ? 6.292   4.053   -14.171 1.00 79.29  ? 91  VAL A O   1 
ATOM   675  C CB  . VAL A 1 91 ? 9.047   3.995   -12.358 1.00 80.32  ? 91  VAL A CB  1 
ATOM   676  C CG1 . VAL A 1 91 ? 8.923   5.462   -12.751 1.00 79.67  ? 91  VAL A CG1 1 
ATOM   677  C CG2 . VAL A 1 91 ? 9.739   3.918   -11.002 1.00 81.19  ? 91  VAL A CG2 1 
ATOM   678  N N   . ARG A 1 92 ? 7.576   2.225   -14.525 1.00 79.38  ? 92  ARG A N   1 
ATOM   679  C CA  . ARG A 1 92 ? 7.078   1.969   -15.882 1.00 83.44  ? 92  ARG A CA  1 
ATOM   680  C C   . ARG A 1 92 ? 5.556   1.815   -15.861 1.00 83.99  ? 92  ARG A C   1 
ATOM   681  O O   . ARG A 1 92 ? 4.854   2.425   -16.669 1.00 86.12  ? 92  ARG A O   1 
ATOM   682  C CB  . ARG A 1 92 ? 7.717   0.708   -16.496 1.00 89.19  ? 92  ARG A CB  1 
ATOM   683  C CG  . ARG A 1 92 ? 8.176   0.877   -17.937 1.00 95.43  ? 92  ARG A CG  1 
ATOM   684  C CD  . ARG A 1 92 ? 8.543   -0.449  -18.602 1.00 101.63 ? 92  ARG A CD  1 
ATOM   685  N NE  . ARG A 1 92 ? 9.937   -0.846  -18.341 1.00 107.93 ? 92  ARG A NE  1 
ATOM   686  C CZ  . ARG A 1 92 ? 10.358  -2.023  -17.856 1.00 111.99 ? 92  ARG A CZ  1 
ATOM   687  N NH1 . ARG A 1 92 ? 9.513   -3.014  -17.554 1.00 113.60 ? 92  ARG A NH1 1 
ATOM   688  N NH2 . ARG A 1 92 ? 11.666  -2.222  -17.676 1.00 110.77 ? 92  ARG A NH2 1 
ATOM   689  N N   . HIS A 1 93 ? 5.059   1.019   -14.914 1.00 84.00  ? 93  HIS A N   1 
ATOM   690  C CA  . HIS A 1 93 ? 3.627   0.767   -14.784 1.00 83.96  ? 93  HIS A CA  1 
ATOM   691  C C   . HIS A 1 93 ? 2.838   2.030   -14.474 1.00 84.72  ? 93  HIS A C   1 
ATOM   692  O O   . HIS A 1 93 ? 1.849   2.314   -15.144 1.00 87.23  ? 93  HIS A O   1 
ATOM   693  C CB  . HIS A 1 93 ? 3.345   -0.272  -13.695 1.00 83.32  ? 93  HIS A CB  1 
ATOM   694  C CG  . HIS A 1 93 ? 1.889   -0.574  -13.520 1.00 79.66  ? 93  HIS A CG  1 
ATOM   695  N ND1 . HIS A 1 93 ? 1.092   0.086   -12.605 1.00 77.25  ? 93  HIS A ND1 1 
ATOM   696  C CD2 . HIS A 1 93 ? 1.081   -1.453  -14.158 1.00 76.06  ? 93  HIS A CD2 1 
ATOM   697  C CE1 . HIS A 1 93 ? -0.141  -0.382  -12.682 1.00 75.58  ? 93  HIS A CE1 1 
ATOM   698  N NE2 . HIS A 1 93 ? -0.175  -1.316  -13.616 1.00 76.66  ? 93  HIS A NE2 1 
ATOM   699  N N   . TYR A 1 94 ? 3.268   2.777   -13.460 1.00 85.83  ? 94  TYR A N   1 
ATOM   700  C CA  . TYR A 1 94 ? 2.530   3.972   -13.030 1.00 88.30  ? 94  TYR A CA  1 
ATOM   701  C C   . TYR A 1 94 ? 2.662   5.180   -13.968 1.00 89.56  ? 94  TYR A C   1 
ATOM   702  O O   . TYR A 1 94 ? 1.945   6.162   -13.794 1.00 91.18  ? 94  TYR A O   1 
ATOM   703  C CB  . TYR A 1 94 ? 2.864   4.333   -11.573 1.00 91.18  ? 94  TYR A CB  1 
ATOM   704  C CG  . TYR A 1 94 ? 2.157   3.412   -10.602 1.00 93.85  ? 94  TYR A CG  1 
ATOM   705  C CD1 . TYR A 1 94 ? 0.794   3.567   -10.338 1.00 91.85  ? 94  TYR A CD1 1 
ATOM   706  C CD2 . TYR A 1 94 ? 2.829   2.355   -9.980  1.00 93.20  ? 94  TYR A CD2 1 
ATOM   707  C CE1 . TYR A 1 94 ? 0.125   2.715   -9.467  1.00 92.39  ? 94  TYR A CE1 1 
ATOM   708  C CE2 . TYR A 1 94 ? 2.170   1.497   -9.108  1.00 94.16  ? 94  TYR A CE2 1 
ATOM   709  C CZ  . TYR A 1 94 ? 0.818   1.678   -8.852  1.00 94.45  ? 94  TYR A CZ  1 
ATOM   710  O OH  . TYR A 1 94 ? 0.164   0.826   -7.984  1.00 92.77  ? 94  TYR A OH  1 
ATOM   711  N N   . THR A 1 95 ? 3.557   5.105   -14.954 1.00 94.15  ? 95  THR A N   1 
ATOM   712  C CA  . THR A 1 95 ? 3.585   6.054   -16.073 1.00 96.46  ? 95  THR A CA  1 
ATOM   713  C C   . THR A 1 95 ? 2.680   5.535   -17.199 1.00 98.96  ? 95  THR A C   1 
ATOM   714  O O   . THR A 1 95 ? 1.524   5.950   -17.336 1.00 96.03  ? 95  THR A O   1 
ATOM   715  C CB  . THR A 1 95 ? 5.024   6.247   -16.598 1.00 97.26  ? 95  THR A CB  1 
ATOM   716  O OG1 . THR A 1 95 ? 5.837   6.821   -15.562 1.00 92.03  ? 95  THR A OG1 1 
ATOM   717  C CG2 . THR A 1 95 ? 5.055   7.153   -17.839 1.00 98.22  ? 95  THR A CG2 1 
ATOM   718  N N   . SER B 2 2  ? -19.816 -13.292 -7.452  1.00 87.20  ? 2   SER B N   1 
ATOM   719  C CA  . SER B 2 2  ? -20.455 -12.016 -7.841  1.00 87.72  ? 2   SER B CA  1 
ATOM   720  C C   . SER B 2 2  ? -19.822 -10.886 -7.041  1.00 87.68  ? 2   SER B C   1 
ATOM   721  O O   . SER B 2 2  ? -20.519 -10.224 -6.264  1.00 88.90  ? 2   SER B O   1 
ATOM   722  C CB  . SER B 2 2  ? -21.979 -12.091 -7.635  1.00 89.56  ? 2   SER B CB  1 
ATOM   723  O OG  . SER B 2 2  ? -22.583 -10.814 -7.728  1.00 87.76  ? 2   SER B OG  1 
ATOM   724  N N   . VAL B 2 3  ? -18.511 -10.658 -7.206  1.00 85.62  ? 3   VAL B N   1 
ATOM   725  C CA  . VAL B 2 3  ? -17.631 -11.352 -8.178  1.00 84.20  ? 3   VAL B CA  1 
ATOM   726  C C   . VAL B 2 3  ? -16.797 -12.514 -7.599  1.00 80.47  ? 3   VAL B C   1 
ATOM   727  O O   . VAL B 2 3  ? -16.111 -13.187 -8.353  1.00 87.56  ? 3   VAL B O   1 
ATOM   728  C CB  . VAL B 2 3  ? -16.666 -10.352 -8.870  1.00 85.31  ? 3   VAL B CB  1 
ATOM   729  C CG1 . VAL B 2 3  ? -15.970 -10.982 -10.068 1.00 85.35  ? 3   VAL B CG1 1 
ATOM   730  C CG2 . VAL B 2 3  ? -17.423 -9.109  -9.337  1.00 86.79  ? 3   VAL B CG2 1 
ATOM   731  N N   . SER B 2 4  ? -16.855 -12.763 -6.291  1.00 72.85  ? 4   SER B N   1 
ATOM   732  C CA  . SER B 2 4  ? -16.088 -13.851 -5.650  1.00 70.95  ? 4   SER B CA  1 
ATOM   733  C C   . SER B 2 4  ? -14.665 -13.398 -5.412  1.00 70.92  ? 4   SER B C   1 
ATOM   734  O O   . SER B 2 4  ? -14.054 -12.774 -6.279  1.00 76.99  ? 4   SER B O   1 
ATOM   735  C CB  . SER B 2 4  ? -16.050 -15.150 -6.477  1.00 68.08  ? 4   SER B CB  1 
ATOM   736  O OG  . SER B 2 4  ? -15.528 -16.227 -5.717  1.00 67.38  ? 4   SER B OG  1 
ATOM   737  N N   . SER B 2 5  ? -14.118 -13.745 -4.256  1.00 67.16  ? 5   SER B N   1 
ATOM   738  C CA  . SER B 2 5  ? -12.819 -13.238 -3.872  1.00 63.59  ? 5   SER B CA  1 
ATOM   739  C C   . SER B 2 5  ? -11.963 -14.297 -3.224  1.00 62.98  ? 5   SER B C   1 
ATOM   740  O O   . SER B 2 5  ? -12.439 -15.374 -2.862  1.00 65.54  ? 5   SER B O   1 
ATOM   741  C CB  . SER B 2 5  ? -12.981 -12.021 -2.951  1.00 63.63  ? 5   SER B CB  1 
ATOM   742  O OG  . SER B 2 5  ? -13.934 -12.259 -1.936  1.00 63.61  ? 5   SER B OG  1 
ATOM   743  N N   . VAL B 2 6  ? -10.674 -13.980 -3.138  1.00 62.20  ? 6   VAL B N   1 
ATOM   744  C CA  . VAL B 2 6  ? -9.693  -14.794 -2.451  1.00 62.53  ? 6   VAL B CA  1 
ATOM   745  C C   . VAL B 2 6  ? -9.081  -13.893 -1.382  1.00 64.12  ? 6   VAL B C   1 
ATOM   746  O O   . VAL B 2 6  ? -8.430  -12.906 -1.736  1.00 71.41  ? 6   VAL B O   1 
ATOM   747  C CB  . VAL B 2 6  ? -8.602  -15.291 -3.414  1.00 61.82  ? 6   VAL B CB  1 
ATOM   748  C CG1 . VAL B 2 6  ? -7.588  -16.156 -2.679  1.00 62.47  ? 6   VAL B CG1 1 
ATOM   749  C CG2 . VAL B 2 6  ? -9.221  -16.083 -4.553  1.00 60.94  ? 6   VAL B CG2 1 
ATOM   750  N N   . PRO B 2 7  ? -9.285  -14.185 -0.094  1.00 66.55  ? 7   PRO B N   1 
ATOM   751  C CA  . PRO B 2 7  ? -10.101 -15.303 0.399   1.00 67.53  ? 7   PRO B CA  1 
ATOM   752  C C   . PRO B 2 7  ? -11.609 -15.049 0.285   1.00 67.80  ? 7   PRO B C   1 
ATOM   753  O O   . PRO B 2 7  ? -12.046 -13.899 0.158   1.00 64.27  ? 7   PRO B O   1 
ATOM   754  C CB  . PRO B 2 7  ? -9.680  -15.416 1.865   1.00 67.28  ? 7   PRO B CB  1 
ATOM   755  C CG  . PRO B 2 7  ? -9.303  -14.031 2.237   1.00 66.98  ? 7   PRO B CG  1 
ATOM   756  C CD  . PRO B 2 7  ? -8.675  -13.426 1.013   1.00 66.82  ? 7   PRO B CD  1 
ATOM   757  N N   . THR B 2 8  ? -12.379 -16.135 0.337   1.00 68.21  ? 8   THR B N   1 
ATOM   758  C CA  . THR B 2 8  ? -13.828 -16.103 0.113   1.00 69.99  ? 8   THR B CA  1 
ATOM   759  C C   . THR B 2 8  ? -14.630 -15.461 1.246   1.00 73.59  ? 8   THR B C   1 
ATOM   760  O O   . THR B 2 8  ? -15.612 -14.762 0.993   1.00 77.57  ? 8   THR B O   1 
ATOM   761  C CB  . THR B 2 8  ? -14.378 -17.523 -0.122  1.00 70.14  ? 8   THR B CB  1 
ATOM   762  O OG1 . THR B 2 8  ? -13.818 -18.438 0.835   1.00 69.82  ? 8   THR B OG1 1 
ATOM   763  C CG2 . THR B 2 8  ? -14.045 -17.994 -1.521  1.00 69.66  ? 8   THR B CG2 1 
ATOM   764  N N   . LYS B 2 9  ? -14.225 -15.725 2.485   1.00 76.93  ? 9   LYS B N   1 
ATOM   765  C CA  . LYS B 2 9  ? -14.890 -15.180 3.664   1.00 79.37  ? 9   LYS B CA  1 
ATOM   766  C C   . LYS B 2 9  ? -13.842 -14.570 4.585   1.00 77.87  ? 9   LYS B C   1 
ATOM   767  O O   . LYS B 2 9  ? -12.714 -15.057 4.645   1.00 74.35  ? 9   LYS B O   1 
ATOM   768  C CB  . LYS B 2 9  ? -15.654 -16.287 4.395   1.00 82.82  ? 9   LYS B CB  1 
ATOM   769  C CG  . LYS B 2 9  ? -16.752 -15.769 5.321   1.00 86.97  ? 9   LYS B CG  1 
ATOM   770  C CD  . LYS B 2 9  ? -16.986 -16.660 6.536   1.00 90.89  ? 9   LYS B CD  1 
ATOM   771  C CE  . LYS B 2 9  ? -18.265 -17.473 6.428   1.00 93.29  ? 9   LYS B CE  1 
ATOM   772  N NZ  . LYS B 2 9  ? -18.240 -18.625 7.372   1.00 95.88  ? 9   LYS B NZ  1 
ATOM   773  N N   . LEU B 2 10 ? -14.221 -13.510 5.298   1.00 79.28  ? 10  LEU B N   1 
ATOM   774  C CA  . LEU B 2 10 ? -13.322 -12.809 6.214   1.00 78.46  ? 10  LEU B CA  1 
ATOM   775  C C   . LEU B 2 10 ? -14.116 -12.213 7.369   1.00 79.06  ? 10  LEU B C   1 
ATOM   776  O O   . LEU B 2 10 ? -15.096 -11.509 7.135   1.00 79.56  ? 10  LEU B O   1 
ATOM   777  C CB  . LEU B 2 10 ? -12.596 -11.696 5.454   1.00 78.76  ? 10  LEU B CB  1 
ATOM   778  C CG  . LEU B 2 10 ? -11.728 -10.693 6.230   1.00 80.83  ? 10  LEU B CG  1 
ATOM   779  C CD1 . LEU B 2 10 ? -10.444 -11.352 6.711   1.00 81.55  ? 10  LEU B CD1 1 
ATOM   780  C CD2 . LEU B 2 10 ? -11.399 -9.471  5.382   1.00 79.43  ? 10  LEU B CD2 1 
ATOM   781  N N   . GLU B 2 11 ? -13.683 -12.483 8.602   1.00 81.93  ? 11  GLU B N   1 
ATOM   782  C CA  . GLU B 2 11 ? -14.334 -11.931 9.800   1.00 84.21  ? 11  GLU B CA  1 
ATOM   783  C C   . GLU B 2 11 ? -13.369 -11.632 10.948  1.00 80.80  ? 11  GLU B C   1 
ATOM   784  O O   . GLU B 2 11 ? -12.303 -12.245 11.066  1.00 80.87  ? 11  GLU B O   1 
ATOM   785  C CB  . GLU B 2 11 ? -15.449 -12.863 10.290  1.00 87.77  ? 11  GLU B CB  1 
ATOM   786  C CG  . GLU B 2 11 ? -15.006 -14.270 10.670  1.00 90.67  ? 11  GLU B CG  1 
ATOM   787  C CD  . GLU B 2 11 ? -16.039 -15.323 10.306  1.00 96.10  ? 11  GLU B CD  1 
ATOM   788  O OE1 . GLU B 2 11 ? -17.238 -15.120 10.604  1.00 94.22  ? 11  GLU B OE1 1 
ATOM   789  O OE2 . GLU B 2 11 ? -15.652 -16.354 9.712   1.00 101.65 ? 11  GLU B OE2 1 
ATOM   790  N N   . VAL B 2 12 ? -13.766 -10.672 11.783  1.00 75.94  ? 12  VAL B N   1 
ATOM   791  C CA  . VAL B 2 12 ? -13.077 -10.379 13.033  1.00 72.74  ? 12  VAL B CA  1 
ATOM   792  C C   . VAL B 2 12 ? -13.491 -11.453 14.040  1.00 72.39  ? 12  VAL B C   1 
ATOM   793  O O   . VAL B 2 12 ? -14.681 -11.607 14.312  1.00 69.78  ? 12  VAL B O   1 
ATOM   794  C CB  . VAL B 2 12 ? -13.454 -8.984  13.569  1.00 70.41  ? 12  VAL B CB  1 
ATOM   795  C CG1 . VAL B 2 12 ? -12.817 -8.724  14.927  1.00 70.92  ? 12  VAL B CG1 1 
ATOM   796  C CG2 . VAL B 2 12 ? -13.035 -7.908  12.578  1.00 70.88  ? 12  VAL B CG2 1 
ATOM   797  N N   . VAL B 2 13 ? -12.516 -12.186 14.576  1.00 72.38  ? 13  VAL B N   1 
ATOM   798  C CA  . VAL B 2 13 ? -12.773 -13.221 15.594  1.00 74.50  ? 13  VAL B CA  1 
ATOM   799  C C   . VAL B 2 13 ? -12.350 -12.827 17.017  1.00 74.88  ? 13  VAL B C   1 
ATOM   800  O O   . VAL B 2 13 ? -12.599 -13.583 17.952  1.00 79.84  ? 13  VAL B O   1 
ATOM   801  C CB  . VAL B 2 13 ? -12.140 -14.589 15.226  1.00 75.10  ? 13  VAL B CB  1 
ATOM   802  C CG1 . VAL B 2 13 ? -12.696 -15.084 13.901  1.00 75.97  ? 13  VAL B CG1 1 
ATOM   803  C CG2 . VAL B 2 13 ? -10.611 -14.535 15.195  1.00 76.39  ? 13  VAL B CG2 1 
ATOM   804  N N   . ALA B 2 14 ? -11.705 -11.673 17.184  1.00 73.47  ? 14  ALA B N   1 
ATOM   805  C CA  . ALA B 2 14 ? -11.378 -11.157 18.514  1.00 73.18  ? 14  ALA B CA  1 
ATOM   806  C C   . ALA B 2 14 ? -11.095 -9.668  18.442  1.00 75.95  ? 14  ALA B C   1 
ATOM   807  O O   . ALA B 2 14 ? -10.341 -9.219  17.578  1.00 77.80  ? 14  ALA B O   1 
ATOM   808  C CB  . ALA B 2 14 ? -10.178 -11.883 19.098  1.00 72.92  ? 14  ALA B CB  1 
ATOM   809  N N   . ALA B 2 15 ? -11.708 -8.912  19.350  1.00 78.85  ? 15  ALA B N   1 
ATOM   810  C CA  . ALA B 2 15 ? -11.541 -7.465  19.408  1.00 81.43  ? 15  ALA B CA  1 
ATOM   811  C C   . ALA B 2 15 ? -11.125 -7.035  20.805  1.00 78.43  ? 15  ALA B C   1 
ATOM   812  O O   . ALA B 2 15 ? -11.549 -7.624  21.796  1.00 75.51  ? 15  ALA B O   1 
ATOM   813  C CB  . ALA B 2 15 ? -12.836 -6.768  19.011  1.00 83.14  ? 15  ALA B CB  1 
ATOM   814  N N   . THR B 2 16 ? -10.246 -6.042  20.854  1.00 78.90  ? 16  THR B N   1 
ATOM   815  C CA  . THR B 2 16 ? -10.052 -5.195  22.023  1.00 81.11  ? 16  THR B CA  1 
ATOM   816  C C   . THR B 2 16 ? -10.362 -3.796  21.499  1.00 86.02  ? 16  THR B C   1 
ATOM   817  O O   . THR B 2 16 ? -10.519 -3.621  20.285  1.00 87.46  ? 16  THR B O   1 
ATOM   818  C CB  . THR B 2 16 ? -8.609  -5.277  22.581  1.00 80.25  ? 16  THR B CB  1 
ATOM   819  O OG1 . THR B 2 16 ? -7.692  -4.641  21.680  1.00 78.32  ? 16  THR B OG1 1 
ATOM   820  C CG2 . THR B 2 16 ? -8.188  -6.728  22.817  1.00 78.63  ? 16  THR B CG2 1 
ATOM   821  N N   . PRO B 2 17 ? -10.463 -2.792  22.391  1.00 91.50  ? 17  PRO B N   1 
ATOM   822  C CA  . PRO B 2 17 ? -10.679 -1.431  21.877  1.00 93.35  ? 17  PRO B CA  1 
ATOM   823  C C   . PRO B 2 17 ? -9.544  -0.891  21.006  1.00 92.55  ? 17  PRO B C   1 
ATOM   824  O O   . PRO B 2 17 ? -9.780  -0.010  20.188  1.00 95.72  ? 17  PRO B O   1 
ATOM   825  C CB  . PRO B 2 17 ? -10.809 -0.586  23.154  1.00 94.16  ? 17  PRO B CB  1 
ATOM   826  C CG  . PRO B 2 17 ? -10.212 -1.417  24.237  1.00 93.93  ? 17  PRO B CG  1 
ATOM   827  C CD  . PRO B 2 17 ? -10.549 -2.825  23.861  1.00 92.81  ? 17  PRO B CD  1 
ATOM   828  N N   . THR B 2 18 ? -8.333  -1.416  21.179  1.00 92.06  ? 18  THR B N   1 
ATOM   829  C CA  . THR B 2 18 ? -7.168  -0.924  20.453  1.00 92.31  ? 18  THR B CA  1 
ATOM   830  C C   . THR B 2 18 ? -6.652  -1.852  19.322  1.00 95.15  ? 18  THR B C   1 
ATOM   831  O O   . THR B 2 18 ? -5.772  -1.445  18.554  1.00 95.75  ? 18  THR B O   1 
ATOM   832  C CB  . THR B 2 18 ? -6.042  -0.562  21.452  1.00 89.29  ? 18  THR B CB  1 
ATOM   833  O OG1 . THR B 2 18 ? -5.091  0.299   20.813  1.00 91.27  ? 18  THR B OG1 1 
ATOM   834  C CG2 . THR B 2 18 ? -5.340  -1.812  22.024  1.00 88.22  ? 18  THR B CG2 1 
ATOM   835  N N   . SER B 2 19 ? -7.197  -3.067  19.203  1.00 93.12  ? 19  SER B N   1 
ATOM   836  C CA  . SER B 2 19 ? -6.693  -4.044  18.222  1.00 93.89  ? 19  SER B CA  1 
ATOM   837  C C   . SER B 2 19 ? -7.727  -5.106  17.812  1.00 91.63  ? 19  SER B C   1 
ATOM   838  O O   . SER B 2 19 ? -8.735  -5.300  18.495  1.00 96.29  ? 19  SER B O   1 
ATOM   839  C CB  . SER B 2 19 ? -5.411  -4.708  18.755  1.00 96.82  ? 19  SER B CB  1 
ATOM   840  O OG  . SER B 2 19 ? -5.562  -5.176  20.082  1.00 104.77 ? 19  SER B OG  1 
ATOM   841  N N   . LEU B 2 20 ? -7.448  -5.791  16.697  1.00 85.51  ? 20  LEU B N   1 
ATOM   842  C CA  . LEU B 2 20 ? -8.355  -6.783  16.096  1.00 80.78  ? 20  LEU B CA  1 
ATOM   843  C C   . LEU B 2 20 ? -7.612  -8.006  15.550  1.00 76.66  ? 20  LEU B C   1 
ATOM   844  O O   . LEU B 2 20 ? -6.557  -7.872  14.935  1.00 75.70  ? 20  LEU B O   1 
ATOM   845  C CB  . LEU B 2 20 ? -9.120  -6.157  14.928  1.00 82.49  ? 20  LEU B CB  1 
ATOM   846  C CG  . LEU B 2 20 ? -9.966  -4.913  15.190  1.00 84.87  ? 20  LEU B CG  1 
ATOM   847  C CD1 . LEU B 2 20 ? -10.425 -4.307  13.874  1.00 83.39  ? 20  LEU B CD1 1 
ATOM   848  C CD2 . LEU B 2 20 ? -11.159 -5.248  16.070  1.00 87.86  ? 20  LEU B CD2 1 
ATOM   849  N N   . LEU B 2 21 ? -8.183  -9.191  15.762  1.00 74.76  ? 21  LEU B N   1 
ATOM   850  C CA  . LEU B 2 21 ? -7.712  -10.416 15.122  1.00 71.86  ? 21  LEU B CA  1 
ATOM   851  C C   . LEU B 2 21 ? -8.690  -10.758 14.009  1.00 71.12  ? 21  LEU B C   1 
ATOM   852  O O   . LEU B 2 21 ? -9.853  -11.072 14.281  1.00 71.76  ? 21  LEU B O   1 
ATOM   853  C CB  . LEU B 2 21 ? -7.639  -11.572 16.130  1.00 70.41  ? 21  LEU B CB  1 
ATOM   854  C CG  . LEU B 2 21 ? -7.289  -12.971 15.594  1.00 70.59  ? 21  LEU B CG  1 
ATOM   855  C CD1 . LEU B 2 21 ? -5.983  -12.946 14.815  1.00 70.22  ? 21  LEU B CD1 1 
ATOM   856  C CD2 . LEU B 2 21 ? -7.226  -14.006 16.710  1.00 69.06  ? 21  LEU B CD2 1 
ATOM   857  N N   . ILE B 2 22 ? -8.216  -10.692 12.765  1.00 69.81  ? 22  ILE B N   1 
ATOM   858  C CA  . ILE B 2 22 ? -9.005  -11.106 11.597  1.00 67.30  ? 22  ILE B CA  1 
ATOM   859  C C   . ILE B 2 22 ? -8.652  -12.528 11.175  1.00 65.88  ? 22  ILE B C   1 
ATOM   860  O O   . ILE B 2 22 ? -7.499  -12.957 11.289  1.00 61.38  ? 22  ILE B O   1 
ATOM   861  C CB  . ILE B 2 22 ? -8.844  -10.154 10.393  1.00 70.14  ? 22  ILE B CB  1 
ATOM   862  C CG1 . ILE B 2 22 ? -7.370  -9.935  10.013  1.00 72.44  ? 22  ILE B CG1 1 
ATOM   863  C CG2 . ILE B 2 22 ? -9.503  -8.817  10.697  1.00 71.89  ? 22  ILE B CG2 1 
ATOM   864  C CD1 . ILE B 2 22 ? -7.184  -9.474  8.584   1.00 74.59  ? 22  ILE B CD1 1 
ATOM   865  N N   . SER B 2 23 ? -9.663  -13.251 10.702  1.00 65.85  ? 23  SER B N   1 
ATOM   866  C CA  . SER B 2 23 ? -9.502  -14.627 10.236  1.00 67.13  ? 23  SER B CA  1 
ATOM   867  C C   . SER B 2 23 ? -10.267 -14.810 8.938   1.00 65.91  ? 23  SER B C   1 
ATOM   868  O O   . SER B 2 23 ? -11.323 -14.207 8.745   1.00 68.62  ? 23  SER B O   1 
ATOM   869  C CB  . SER B 2 23 ? -10.017 -15.623 11.276  1.00 66.31  ? 23  SER B CB  1 
ATOM   870  O OG  . SER B 2 23 ? -9.799  -16.960 10.843  1.00 67.55  ? 23  SER B OG  1 
ATOM   871  N N   . TRP B 2 24 ? -9.731  -15.651 8.060   1.00 64.04  ? 24  TRP B N   1 
ATOM   872  C CA  . TRP B 2 24 ? -10.333 -15.898 6.756   1.00 65.27  ? 24  TRP B CA  1 
ATOM   873  C C   . TRP B 2 24 ? -10.212 -17.368 6.375   1.00 67.75  ? 24  TRP B C   1 
ATOM   874  O O   . TRP B 2 24 ? -9.349  -18.078 6.875   1.00 67.04  ? 24  TRP B O   1 
ATOM   875  C CB  . TRP B 2 24 ? -9.704  -14.986 5.686   1.00 62.78  ? 24  TRP B CB  1 
ATOM   876  C CG  . TRP B 2 24 ? -8.223  -15.165 5.478   1.00 59.38  ? 24  TRP B CG  1 
ATOM   877  C CD1 . TRP B 2 24 ? -7.616  -16.126 4.726   1.00 58.86  ? 24  TRP B CD1 1 
ATOM   878  C CD2 . TRP B 2 24 ? -7.173  -14.342 6.001   1.00 56.28  ? 24  TRP B CD2 1 
ATOM   879  N NE1 . TRP B 2 24 ? -6.254  -15.963 4.758   1.00 58.30  ? 24  TRP B NE1 1 
ATOM   880  C CE2 . TRP B 2 24 ? -5.952  -14.878 5.536   1.00 55.96  ? 24  TRP B CE2 1 
ATOM   881  C CE3 . TRP B 2 24 ? -7.141  -13.213 6.831   1.00 56.71  ? 24  TRP B CE3 1 
ATOM   882  C CZ2 . TRP B 2 24 ? -4.713  -14.327 5.869   1.00 55.85  ? 24  TRP B CZ2 1 
ATOM   883  C CZ3 . TRP B 2 24 ? -5.904  -12.657 7.162   1.00 56.50  ? 24  TRP B CZ3 1 
ATOM   884  C CH2 . TRP B 2 24 ? -4.707  -13.217 6.679   1.00 55.36  ? 24  TRP B CH2 1 
ATOM   885  N N   . ASP B 2 25 ? -11.089 -17.808 5.483   1.00 74.05  ? 25  ASP B N   1 
ATOM   886  C CA  . ASP B 2 25 ? -11.131 -19.201 5.066   1.00 79.52  ? 25  ASP B CA  1 
ATOM   887  C C   . ASP B 2 25 ? -9.876  -19.526 4.263   1.00 78.16  ? 25  ASP B C   1 
ATOM   888  O O   . ASP B 2 25 ? -9.574  -18.843 3.281   1.00 79.85  ? 25  ASP B O   1 
ATOM   889  C CB  . ASP B 2 25 ? -12.384 -19.470 4.226   1.00 86.80  ? 25  ASP B CB  1 
ATOM   890  C CG  . ASP B 2 25 ? -12.751 -20.935 4.187   1.00 94.01  ? 25  ASP B CG  1 
ATOM   891  O OD1 . ASP B 2 25 ? -13.220 -21.449 5.227   1.00 100.42 ? 25  ASP B OD1 1 
ATOM   892  O OD2 . ASP B 2 25 ? -12.576 -21.568 3.123   1.00 98.61  ? 25  ASP B OD2 1 
ATOM   893  N N   . ALA B 2 26 ? -9.138  -20.546 4.699   1.00 76.50  ? 26  ALA B N   1 
ATOM   894  C CA  . ALA B 2 26 ? -7.912  -20.955 4.017   1.00 77.75  ? 26  ALA B CA  1 
ATOM   895  C C   . ALA B 2 26 ? -8.271  -21.382 2.598   1.00 77.04  ? 26  ALA B C   1 
ATOM   896  O O   . ALA B 2 26 ? -9.007  -22.353 2.426   1.00 77.49  ? 26  ALA B O   1 
ATOM   897  C CB  . ALA B 2 26 ? -7.234  -22.095 4.760   1.00 79.50  ? 26  ALA B CB  1 
ATOM   898  N N   . PRO B 2 27 ? -7.774  -20.650 1.579   1.00 76.94  ? 27  PRO B N   1 
ATOM   899  C CA  . PRO B 2 27 ? -8.241  -20.866 0.209   1.00 76.49  ? 27  PRO B CA  1 
ATOM   900  C C   . PRO B 2 27 ? -7.760  -22.182 -0.383  1.00 75.22  ? 27  PRO B C   1 
ATOM   901  O O   . PRO B 2 27 ? -6.747  -22.730 0.057   1.00 75.39  ? 27  PRO B O   1 
ATOM   902  C CB  . PRO B 2 27 ? -7.640  -19.686 -0.556  1.00 76.67  ? 27  PRO B CB  1 
ATOM   903  C CG  . PRO B 2 27 ? -6.387  -19.382 0.183   1.00 77.16  ? 27  PRO B CG  1 
ATOM   904  C CD  . PRO B 2 27 ? -6.685  -19.657 1.630   1.00 76.98  ? 27  PRO B CD  1 
ATOM   905  N N   . ALA B 2 28 ? -8.495  -22.673 -1.373  1.00 76.84  ? 28  ALA B N   1 
ATOM   906  C CA  . ALA B 2 28 ? -8.170  -23.933 -2.036  1.00 79.35  ? 28  ALA B CA  1 
ATOM   907  C C   . ALA B 2 28 ? -6.916  -23.791 -2.892  1.00 78.89  ? 28  ALA B C   1 
ATOM   908  O O   . ALA B 2 28 ? -6.016  -24.627 -2.822  1.00 86.23  ? 28  ALA B O   1 
ATOM   909  C CB  . ALA B 2 28 ? -9.340  -24.403 -2.883  1.00 81.14  ? 28  ALA B CB  1 
ATOM   910  N N   . VAL B 2 29 ? -6.864  -22.730 -3.693  1.00 75.52  ? 29  VAL B N   1 
ATOM   911  C CA  . VAL B 2 29 ? -5.683  -22.432 -4.512  1.00 73.47  ? 29  VAL B CA  1 
ATOM   912  C C   . VAL B 2 29 ? -4.517  -21.948 -3.660  1.00 70.58  ? 29  VAL B C   1 
ATOM   913  O O   . VAL B 2 29 ? -4.720  -21.372 -2.591  1.00 69.80  ? 29  VAL B O   1 
ATOM   914  C CB  . VAL B 2 29 ? -5.967  -21.383 -5.615  1.00 75.74  ? 29  VAL B CB  1 
ATOM   915  C CG1 . VAL B 2 29 ? -7.027  -21.900 -6.578  1.00 77.09  ? 29  VAL B CG1 1 
ATOM   916  C CG2 . VAL B 2 29 ? -6.366  -20.020 -5.040  1.00 76.22  ? 29  VAL B CG2 1 
ATOM   917  N N   . THR B 2 30 ? -3.302  -22.174 -4.150  1.00 69.39  ? 30  THR B N   1 
ATOM   918  C CA  . THR B 2 30 ? -2.094  -21.736 -3.458  1.00 71.75  ? 30  THR B CA  1 
ATOM   919  C C   . THR B 2 30 ? -1.915  -20.221 -3.559  1.00 69.21  ? 30  THR B C   1 
ATOM   920  O O   . THR B 2 30 ? -2.046  -19.648 -4.638  1.00 69.28  ? 30  THR B O   1 
ATOM   921  C CB  . THR B 2 30 ? -0.833  -22.422 -4.016  1.00 74.69  ? 30  THR B CB  1 
ATOM   922  O OG1 . THR B 2 30 ? -0.892  -22.448 -5.449  1.00 80.28  ? 30  THR B OG1 1 
ATOM   923  C CG2 . THR B 2 30 ? -0.727  -23.845 -3.491  1.00 76.14  ? 30  THR B CG2 1 
ATOM   924  N N   . VAL B 2 31 ? -1.626  -19.600 -2.415  1.00 65.92  ? 31  VAL B N   1 
ATOM   925  C CA  . VAL B 2 31 ? -1.317  -18.176 -2.299  1.00 63.50  ? 31  VAL B CA  1 
ATOM   926  C C   . VAL B 2 31 ? 0.114   -18.089 -1.801  1.00 63.53  ? 31  VAL B C   1 
ATOM   927  O O   . VAL B 2 31 ? 0.437   -18.702 -0.790  1.00 68.25  ? 31  VAL B O   1 
ATOM   928  C CB  . VAL B 2 31 ? -2.243  -17.504 -1.267  1.00 63.03  ? 31  VAL B CB  1 
ATOM   929  C CG1 . VAL B 2 31 ? -1.862  -16.046 -1.026  1.00 61.76  ? 31  VAL B CG1 1 
ATOM   930  C CG2 . VAL B 2 31 ? -3.699  -17.618 -1.709  1.00 62.49  ? 31  VAL B CG2 1 
ATOM   931  N N   . VAL B 2 32 ? 0.975   -17.345 -2.491  1.00 62.78  ? 32  VAL B N   1 
ATOM   932  C CA  . VAL B 2 32 ? 2.347   -17.152 -2.006  1.00 61.82  ? 32  VAL B CA  1 
ATOM   933  C C   . VAL B 2 32 ? 2.360   -16.216 -0.786  1.00 60.12  ? 32  VAL B C   1 
ATOM   934  O O   . VAL B 2 32 ? 2.994   -16.529 0.222   1.00 65.43  ? 32  VAL B O   1 
ATOM   935  C CB  . VAL B 2 32 ? 3.352   -16.741 -3.121  1.00 64.16  ? 32  VAL B CB  1 
ATOM   936  C CG1 . VAL B 2 32 ? 3.422   -17.828 -4.181  1.00 65.36  ? 32  VAL B CG1 1 
ATOM   937  C CG2 . VAL B 2 32 ? 3.003   -15.425 -3.797  1.00 67.59  ? 32  VAL B CG2 1 
ATOM   938  N N   . TYR B 2 33 ? 1.621   -15.108 -0.852  1.00 54.80  ? 33  TYR B N   1 
ATOM   939  C CA  . TYR B 2 33 ? 1.505   -14.189 0.283   1.00 55.35  ? 33  TYR B CA  1 
ATOM   940  C C   . TYR B 2 33 ? 0.247   -13.339 0.153   1.00 54.53  ? 33  TYR B C   1 
ATOM   941  O O   . TYR B 2 33 ? -0.312  -13.206 -0.935  1.00 54.54  ? 33  TYR B O   1 
ATOM   942  C CB  . TYR B 2 33 ? 2.749   -13.275 0.405   1.00 57.91  ? 33  TYR B CB  1 
ATOM   943  C CG  . TYR B 2 33 ? 2.982   -12.404 -0.812  1.00 58.11  ? 33  TYR B CG  1 
ATOM   944  C CD1 . TYR B 2 33 ? 3.746   -12.863 -1.874  1.00 60.55  ? 33  TYR B CD1 1 
ATOM   945  C CD2 . TYR B 2 33 ? 2.407   -11.137 -0.918  1.00 58.85  ? 33  TYR B CD2 1 
ATOM   946  C CE1 . TYR B 2 33 ? 3.929   -12.097 -3.018  1.00 61.71  ? 33  TYR B CE1 1 
ATOM   947  C CE2 . TYR B 2 33 ? 2.591   -10.357 -2.052  1.00 59.92  ? 33  TYR B CE2 1 
ATOM   948  C CZ  . TYR B 2 33 ? 3.353   -10.841 -3.100  1.00 61.48  ? 33  TYR B CZ  1 
ATOM   949  O OH  . TYR B 2 33 ? 3.546   -10.071 -4.226  1.00 65.60  ? 33  TYR B OH  1 
ATOM   950  N N   . TYR B 2 34 ? -0.173  -12.769 1.277   1.00 55.12  ? 34  TYR B N   1 
ATOM   951  C CA  . TYR B 2 34 ? -1.269  -11.811 1.328   1.00 55.63  ? 34  TYR B CA  1 
ATOM   952  C C   . TYR B 2 34 ? -0.703  -10.430 1.623   1.00 57.23  ? 34  TYR B C   1 
ATOM   953  O O   . TYR B 2 34 ? 0.369   -10.308 2.212   1.00 57.05  ? 34  TYR B O   1 
ATOM   954  C CB  . TYR B 2 34 ? -2.261  -12.167 2.437   1.00 55.99  ? 34  TYR B CB  1 
ATOM   955  C CG  . TYR B 2 34 ? -2.876  -13.540 2.322   1.00 57.14  ? 34  TYR B CG  1 
ATOM   956  C CD1 . TYR B 2 34 ? -2.238  -14.660 2.854   1.00 57.58  ? 34  TYR B CD1 1 
ATOM   957  C CD2 . TYR B 2 34 ? -4.108  -13.720 1.697   1.00 58.79  ? 34  TYR B CD2 1 
ATOM   958  C CE1 . TYR B 2 34 ? -2.806  -15.922 2.750   1.00 60.77  ? 34  TYR B CE1 1 
ATOM   959  C CE2 . TYR B 2 34 ? -4.687  -14.978 1.589   1.00 59.55  ? 34  TYR B CE2 1 
ATOM   960  C CZ  . TYR B 2 34 ? -4.034  -16.077 2.112   1.00 60.65  ? 34  TYR B CZ  1 
ATOM   961  O OH  . TYR B 2 34 ? -4.609  -17.324 2.005   1.00 60.44  ? 34  TYR B OH  1 
ATOM   962  N N   . LEU B 2 35 ? -1.424  -9.399  1.201   1.00 58.68  ? 35  LEU B N   1 
ATOM   963  C CA  . LEU B 2 35 ? -1.171  -8.033  1.648   1.00 58.86  ? 35  LEU B CA  1 
ATOM   964  C C   . LEU B 2 35 ? -2.484  -7.520  2.208   1.00 61.66  ? 35  LEU B C   1 
ATOM   965  O O   . LEU B 2 35 ? -3.547  -7.745  1.622   1.00 60.19  ? 35  LEU B O   1 
ATOM   966  C CB  . LEU B 2 35 ? -0.679  -7.150  0.505   1.00 57.99  ? 35  LEU B CB  1 
ATOM   967  C CG  . LEU B 2 35 ? 0.617   -7.588  -0.188  1.00 56.66  ? 35  LEU B CG  1 
ATOM   968  C CD1 . LEU B 2 35 ? 0.869   -6.723  -1.415  1.00 55.81  ? 35  LEU B CD1 1 
ATOM   969  C CD2 . LEU B 2 35 ? 1.808   -7.528  0.761   1.00 57.25  ? 35  LEU B CD2 1 
ATOM   970  N N   . ILE B 2 36 ? -2.404  -6.855  3.355   1.00 62.75  ? 36  ILE B N   1 
ATOM   971  C CA  . ILE B 2 36 ? -3.574  -6.481  4.127   1.00 63.00  ? 36  ILE B CA  1 
ATOM   972  C C   . ILE B 2 36 ? -3.483  -5.003  4.425   1.00 64.62  ? 36  ILE B C   1 
ATOM   973  O O   . ILE B 2 36 ? -2.533  -4.567  5.065   1.00 64.46  ? 36  ILE B O   1 
ATOM   974  C CB  . ILE B 2 36 ? -3.649  -7.266  5.458   1.00 65.24  ? 36  ILE B CB  1 
ATOM   975  C CG1 . ILE B 2 36 ? -3.655  -8.779  5.170   1.00 65.63  ? 36  ILE B CG1 1 
ATOM   976  C CG2 . ILE B 2 36 ? -4.875  -6.837  6.270   1.00 64.41  ? 36  ILE B CG2 1 
ATOM   977  C CD1 . ILE B 2 36 ? -3.728  -9.671  6.391   1.00 64.90  ? 36  ILE B CD1 1 
ATOM   978  N N   . THR B 2 37 ? -4.475  -4.245  3.965   1.00 68.55  ? 37  THR B N   1 
ATOM   979  C CA  . THR B 2 37 ? -4.583  -2.829  4.280   1.00 70.44  ? 37  THR B CA  1 
ATOM   980  C C   . THR B 2 37 ? -5.597  -2.607  5.387   1.00 73.08  ? 37  THR B C   1 
ATOM   981  O O   . THR B 2 37 ? -6.503  -3.423  5.594   1.00 69.59  ? 37  THR B O   1 
ATOM   982  C CB  . THR B 2 37 ? -5.025  -1.999  3.065   1.00 69.96  ? 37  THR B CB  1 
ATOM   983  O OG1 . THR B 2 37 ? -6.232  -2.543  2.526   1.00 70.53  ? 37  THR B OG1 1 
ATOM   984  C CG2 . THR B 2 37 ? -3.964  -2.015  2.005   1.00 70.96  ? 37  THR B CG2 1 
ATOM   985  N N   . TYR B 2 38 ? -5.429  -1.495  6.096   1.00 76.47  ? 38  TYR B N   1 
ATOM   986  C CA  . TYR B 2 38 ? -6.446  -1.007  7.023   1.00 77.68  ? 38  TYR B CA  1 
ATOM   987  C C   . TYR B 2 38 ? -6.317  0.497   7.243   1.00 77.48  ? 38  TYR B C   1 
ATOM   988  O O   . TYR B 2 38 ? -5.218  1.054   7.234   1.00 77.51  ? 38  TYR B O   1 
ATOM   989  C CB  . TYR B 2 38 ? -6.380  -1.751  8.358   1.00 78.29  ? 38  TYR B CB  1 
ATOM   990  C CG  . TYR B 2 38 ? -5.112  -1.498  9.128   1.00 78.80  ? 38  TYR B CG  1 
ATOM   991  C CD1 . TYR B 2 38 ? -3.962  -2.237  8.870   1.00 79.85  ? 38  TYR B CD1 1 
ATOM   992  C CD2 . TYR B 2 38 ? -5.053  -0.505  10.111  1.00 80.67  ? 38  TYR B CD2 1 
ATOM   993  C CE1 . TYR B 2 38 ? -2.788  -2.002  9.572   1.00 82.83  ? 38  TYR B CE1 1 
ATOM   994  C CE2 . TYR B 2 38 ? -3.884  -0.262  10.818  1.00 81.23  ? 38  TYR B CE2 1 
ATOM   995  C CZ  . TYR B 2 38 ? -2.756  -1.015  10.545  1.00 81.93  ? 38  TYR B CZ  1 
ATOM   996  O OH  . TYR B 2 38 ? -1.598  -0.781  11.238  1.00 84.79  ? 38  TYR B OH  1 
ATOM   997  N N   . GLY B 2 39 ? -7.458  1.139   7.451   1.00 80.05  ? 39  GLY B N   1 
ATOM   998  C CA  . GLY B 2 39 ? -7.514  2.578   7.656   1.00 81.80  ? 39  GLY B CA  1 
ATOM   999  C C   . GLY B 2 39 ? -8.938  3.013   7.902   1.00 82.98  ? 39  GLY B C   1 
ATOM   1000 O O   . GLY B 2 39 ? -9.874  2.242   7.668   1.00 80.96  ? 39  GLY B O   1 
ATOM   1001 N N   . GLU B 2 40 ? -9.101  4.237   8.392   1.00 89.22  ? 40  GLU B N   1 
ATOM   1002 C CA  . GLU B 2 40 ? -10.434 4.795   8.647   1.00 93.66  ? 40  GLU B CA  1 
ATOM   1003 C C   . GLU B 2 40 ? -11.294 4.729   7.390   1.00 91.89  ? 40  GLU B C   1 
ATOM   1004 O O   . GLU B 2 40 ? -10.817 5.032   6.303   1.00 91.02  ? 40  GLU B O   1 
ATOM   1005 C CB  . GLU B 2 40 ? -10.338 6.239   9.153   1.00 98.16  ? 40  GLU B CB  1 
ATOM   1006 C CG  . GLU B 2 40 ? -10.121 6.332   10.656  1.00 103.48 ? 40  GLU B CG  1 
ATOM   1007 C CD  . GLU B 2 40 ? -9.273  7.518   11.063  1.00 107.55 ? 40  GLU B CD  1 
ATOM   1008 O OE1 . GLU B 2 40 ? -9.676  8.666   10.774  1.00 111.37 ? 40  GLU B OE1 1 
ATOM   1009 O OE2 . GLU B 2 40 ? -8.204  7.297   11.675  1.00 107.36 ? 40  GLU B OE2 1 
ATOM   1010 N N   . THR B 2 41 ? -12.546 4.302   7.540   1.00 92.76  ? 41  THR B N   1 
ATOM   1011 C CA  . THR B 2 41 ? -13.462 4.172   6.401   1.00 92.37  ? 41  THR B CA  1 
ATOM   1012 C C   . THR B 2 41 ? -13.535 5.508   5.649   1.00 95.54  ? 41  THR B C   1 
ATOM   1013 O O   . THR B 2 41 ? -13.867 6.538   6.236   1.00 96.39  ? 41  THR B O   1 
ATOM   1014 C CB  . THR B 2 41 ? -14.873 3.727   6.845   1.00 88.87  ? 41  THR B CB  1 
ATOM   1015 O OG1 . THR B 2 41 ? -14.777 2.533   7.637   1.00 86.44  ? 41  THR B OG1 1 
ATOM   1016 C CG2 . THR B 2 41 ? -15.765 3.452   5.641   1.00 85.89  ? 41  THR B CG2 1 
ATOM   1017 N N   . GLY B 2 42 ? -13.190 5.472   4.363   1.00 99.14  ? 42  GLY B N   1 
ATOM   1018 C CA  . GLY B 2 42 ? -13.054 6.670   3.541   1.00 102.30 ? 42  GLY B CA  1 
ATOM   1019 C C   . GLY B 2 42 ? -11.645 7.247   3.457   1.00 108.54 ? 42  GLY B C   1 
ATOM   1020 O O   . GLY B 2 42 ? -11.488 8.387   3.019   1.00 114.65 ? 42  GLY B O   1 
ATOM   1021 N N   . SER B 2 43 ? -10.620 6.487   3.864   1.00 115.10 ? 43  SER B N   1 
ATOM   1022 C CA  . SER B 2 43 ? -9.223  6.921   3.674   1.00 114.46 ? 43  SER B CA  1 
ATOM   1023 C C   . SER B 2 43 ? -8.858  6.723   2.200   1.00 115.01 ? 43  SER B C   1 
ATOM   1024 O O   . SER B 2 43 ? -9.382  5.806   1.563   1.00 112.44 ? 43  SER B O   1 
ATOM   1025 C CB  . SER B 2 43 ? -8.223  6.136   4.541   1.00 112.89 ? 43  SER B CB  1 
ATOM   1026 O OG  . SER B 2 43 ? -8.726  5.854   5.845   1.00 110.45 ? 43  SER B OG  1 
ATOM   1027 N N   . PRO B 2 44 ? -7.978  7.582   1.647   1.00 116.42 ? 44  PRO B N   1 
ATOM   1028 C CA  . PRO B 2 44 ? -7.489  7.333   0.298   1.00 117.12 ? 44  PRO B CA  1 
ATOM   1029 C C   . PRO B 2 44 ? -5.959  7.159   0.238   1.00 121.00 ? 44  PRO B C   1 
ATOM   1030 O O   . PRO B 2 44 ? -5.290  7.268   1.270   1.00 126.15 ? 44  PRO B O   1 
ATOM   1031 C CB  . PRO B 2 44 ? -7.854  8.638   -0.393  1.00 114.92 ? 44  PRO B CB  1 
ATOM   1032 C CG  . PRO B 2 44 ? -7.557  9.667   0.670   1.00 113.87 ? 44  PRO B CG  1 
ATOM   1033 C CD  . PRO B 2 44 ? -7.716  8.988   2.017   1.00 112.40 ? 44  PRO B CD  1 
ATOM   1034 N N   . TRP B 2 45 ? -5.393  6.850   -0.929  1.00 117.26 ? 45  TRP B N   1 
ATOM   1035 C CA  . TRP B 2 45 ? -6.026  6.044   -1.989  1.00 114.76 ? 45  TRP B CA  1 
ATOM   1036 C C   . TRP B 2 45 ? -5.831  4.552   -1.698  1.00 119.75 ? 45  TRP B C   1 
ATOM   1037 O O   . TRP B 2 45 ? -6.811  3.798   -1.725  1.00 127.07 ? 45  TRP B O   1 
ATOM   1038 C CB  . TRP B 2 45 ? -5.485  6.399   -3.388  1.00 109.60 ? 45  TRP B CB  1 
ATOM   1039 C CG  . TRP B 2 45 ? -5.202  5.201   -4.299  1.00 104.40 ? 45  TRP B CG  1 
ATOM   1040 C CD1 . TRP B 2 45 ? -6.090  4.235   -4.705  1.00 99.88  ? 45  TRP B CD1 1 
ATOM   1041 C CD2 . TRP B 2 45 ? -3.949  4.869   -4.913  1.00 100.15 ? 45  TRP B CD2 1 
ATOM   1042 N NE1 . TRP B 2 45 ? -5.461  3.323   -5.519  1.00 97.98  ? 45  TRP B NE1 1 
ATOM   1043 C CE2 . TRP B 2 45 ? -4.149  3.689   -5.668  1.00 97.56  ? 45  TRP B CE2 1 
ATOM   1044 C CE3 . TRP B 2 45 ? -2.677  5.459   -4.904  1.00 100.61 ? 45  TRP B CE3 1 
ATOM   1045 C CZ2 . TRP B 2 45 ? -3.123  3.088   -6.408  1.00 96.66  ? 45  TRP B CZ2 1 
ATOM   1046 C CZ3 . TRP B 2 45 ? -1.652  4.858   -5.641  1.00 99.76  ? 45  TRP B CZ3 1 
ATOM   1047 C CH2 . TRP B 2 45 ? -1.885  3.683   -6.381  1.00 97.72  ? 45  TRP B CH2 1 
ATOM   1048 N N   . PRO B 2 46 ? -4.569  4.116   -1.425  1.00 115.94 ? 46  PRO B N   1 
ATOM   1049 C CA  . PRO B 2 46 ? -4.272  2.695   -1.163  1.00 112.65 ? 46  PRO B CA  1 
ATOM   1050 C C   . PRO B 2 46 ? -5.113  2.070   -0.046  1.00 114.47 ? 46  PRO B C   1 
ATOM   1051 O O   . PRO B 2 46 ? -5.213  0.845   0.026   1.00 117.59 ? 46  PRO B O   1 
ATOM   1052 C CB  . PRO B 2 46 ? -2.795  2.713   -0.750  1.00 111.83 ? 46  PRO B CB  1 
ATOM   1053 C CG  . PRO B 2 46 ? -2.242  3.946   -1.351  1.00 111.82 ? 46  PRO B CG  1 
ATOM   1054 C CD  . PRO B 2 46 ? -3.350  4.939   -1.295  1.00 111.79 ? 46  PRO B CD  1 
ATOM   1055 N N   . GLY B 2 47 ? -5.676  2.913   0.824   1.00 113.96 ? 47  GLY B N   1 
ATOM   1056 C CA  . GLY B 2 47 ? -6.635  2.498   1.841   1.00 109.96 ? 47  GLY B CA  1 
ATOM   1057 C C   . GLY B 2 47 ? -6.108  2.690   3.247   1.00 107.76 ? 47  GLY B C   1 
ATOM   1058 O O   . GLY B 2 47 ? -6.877  2.616   4.208   1.00 112.41 ? 47  GLY B O   1 
ATOM   1059 N N   . GLY B 2 48 ? -4.803  2.940   3.370   1.00 102.42 ? 48  GLY B N   1 
ATOM   1060 C CA  . GLY B 2 48 ? -4.155  3.148   4.657   1.00 98.29  ? 48  GLY B CA  1 
ATOM   1061 C C   . GLY B 2 48 ? -2.945  2.251   4.784   1.00 96.55  ? 48  GLY B C   1 
ATOM   1062 O O   . GLY B 2 48 ? -2.346  1.852   3.780   1.00 96.22  ? 48  GLY B O   1 
ATOM   1063 N N   . GLN B 2 49 ? -2.601  1.924   6.024   1.00 93.86  ? 49  GLN B N   1 
ATOM   1064 C CA  . GLN B 2 49 ? -1.425  1.111   6.314   1.00 90.35  ? 49  GLN B CA  1 
ATOM   1065 C C   . GLN B 2 49 ? -1.589  -0.280  5.745   1.00 83.94  ? 49  GLN B C   1 
ATOM   1066 O O   . GLN B 2 49 ? -2.694  -0.812  5.715   1.00 82.90  ? 49  GLN B O   1 
ATOM   1067 C CB  . GLN B 2 49 ? -1.195  1.003   7.816   1.00 93.37  ? 49  GLN B CB  1 
ATOM   1068 C CG  . GLN B 2 49 ? -0.996  2.347   8.493   1.00 95.44  ? 49  GLN B CG  1 
ATOM   1069 C CD  . GLN B 2 49 ? 0.249   2.375   9.351   1.00 98.96  ? 49  GLN B CD  1 
ATOM   1070 O OE1 . GLN B 2 49 ? 1.368   2.294   8.833   1.00 102.86 ? 49  GLN B OE1 1 
ATOM   1071 N NE2 . GLN B 2 49 ? 0.070   2.490   10.665  1.00 100.34 ? 49  GLN B NE2 1 
ATOM   1072 N N   . ALA B 2 50 ? -0.479  -0.851  5.291   1.00 78.29  ? 50  ALA B N   1 
ATOM   1073 C CA  . ALA B 2 50 ? -0.464  -2.187  4.727   1.00 75.08  ? 50  ALA B CA  1 
ATOM   1074 C C   . ALA B 2 50 ? 0.658   -2.997  5.342   1.00 69.92  ? 50  ALA B C   1 
ATOM   1075 O O   . ALA B 2 50 ? 1.645   -2.444  5.819   1.00 68.03  ? 50  ALA B O   1 
ATOM   1076 C CB  . ALA B 2 50 ? -0.298  -2.120  3.221   1.00 75.64  ? 50  ALA B CB  1 
ATOM   1077 N N   . PHE B 2 51 ? 0.487   -4.309  5.340   1.00 66.02  ? 51  PHE B N   1 
ATOM   1078 C CA  . PHE B 2 51 ? 1.543   -5.218  5.756   1.00 66.70  ? 51  PHE B CA  1 
ATOM   1079 C C   . PHE B 2 51 ? 1.331   -6.558  5.085   1.00 63.47  ? 51  PHE B C   1 
ATOM   1080 O O   . PHE B 2 51 ? 0.255   -6.832  4.558   1.00 66.47  ? 51  PHE B O   1 
ATOM   1081 C CB  . PHE B 2 51 ? 1.584   -5.364  7.284   1.00 66.67  ? 51  PHE B CB  1 
ATOM   1082 C CG  . PHE B 2 51 ? 0.332   -5.943  7.878   1.00 69.95  ? 51  PHE B CG  1 
ATOM   1083 C CD1 . PHE B 2 51 ? -0.722  -5.116  8.257   1.00 70.71  ? 51  PHE B CD1 1 
ATOM   1084 C CD2 . PHE B 2 51 ? 0.201   -7.318  8.065   1.00 71.14  ? 51  PHE B CD2 1 
ATOM   1085 C CE1 . PHE B 2 51 ? -1.880  -5.651  8.807   1.00 68.91  ? 51  PHE B CE1 1 
ATOM   1086 C CE2 . PHE B 2 51 ? -0.956  -7.855  8.613   1.00 69.63  ? 51  PHE B CE2 1 
ATOM   1087 C CZ  . PHE B 2 51 ? -1.996  -7.021  8.985   1.00 69.04  ? 51  PHE B CZ  1 
ATOM   1088 N N   . GLU B 2 52 ? 2.362   -7.390  5.136   1.00 60.77  ? 52  GLU B N   1 
ATOM   1089 C CA  . GLU B 2 52 ? 2.364   -8.678  4.462   1.00 58.87  ? 52  GLU B CA  1 
ATOM   1090 C C   . GLU B 2 52 ? 2.234   -9.804  5.470   1.00 58.05  ? 52  GLU B C   1 
ATOM   1091 O O   . GLU B 2 52 ? 2.697   -9.686  6.601   1.00 61.25  ? 52  GLU B O   1 
ATOM   1092 C CB  . GLU B 2 52 ? 3.654   -8.815  3.668   1.00 58.14  ? 52  GLU B CB  1 
ATOM   1093 C CG  . GLU B 2 52 ? 3.884   -10.151 2.983   1.00 58.38  ? 52  GLU B CG  1 
ATOM   1094 C CD  . GLU B 2 52 ? 5.188   -10.180 2.198   1.00 61.29  ? 52  GLU B CD  1 
ATOM   1095 O OE1 . GLU B 2 52 ? 5.960   -9.193  2.247   1.00 62.01  ? 52  GLU B OE1 1 
ATOM   1096 O OE2 . GLU B 2 52 ? 5.463   -11.197 1.530   1.00 63.12  ? 52  GLU B OE2 1 
ATOM   1097 N N   . VAL B 2 53 ? 1.575   -10.886 5.059   1.00 57.29  ? 53  VAL B N   1 
ATOM   1098 C CA  . VAL B 2 53 ? 1.518   -12.122 5.842   1.00 56.88  ? 53  VAL B CA  1 
ATOM   1099 C C   . VAL B 2 53 ? 1.747   -13.300 4.881   1.00 55.22  ? 53  VAL B C   1 
ATOM   1100 O O   . VAL B 2 53 ? 1.250   -13.279 3.750   1.00 52.59  ? 53  VAL B O   1 
ATOM   1101 C CB  . VAL B 2 53 ? 0.204   -12.256 6.680   1.00 59.00  ? 53  VAL B CB  1 
ATOM   1102 C CG1 . VAL B 2 53 ? -0.475  -10.906 6.893   1.00 58.96  ? 53  VAL B CG1 1 
ATOM   1103 C CG2 . VAL B 2 53 ? -0.792  -13.248 6.089   1.00 61.75  ? 53  VAL B CG2 1 
ATOM   1104 N N   . PRO B 2 54 ? 2.516   -14.319 5.309   1.00 54.36  ? 54  PRO B N   1 
ATOM   1105 C CA  . PRO B 2 54 ? 2.773   -15.419 4.377   1.00 55.37  ? 54  PRO B CA  1 
ATOM   1106 C C   . PRO B 2 54 ? 1.521   -16.217 3.992   1.00 58.67  ? 54  PRO B C   1 
ATOM   1107 O O   . PRO B 2 54 ? 0.492   -16.161 4.677   1.00 57.71  ? 54  PRO B O   1 
ATOM   1108 C CB  . PRO B 2 54 ? 3.766   -16.298 5.135   1.00 53.53  ? 54  PRO B CB  1 
ATOM   1109 C CG  . PRO B 2 54 ? 3.556   -15.964 6.569   1.00 53.22  ? 54  PRO B CG  1 
ATOM   1110 C CD  . PRO B 2 54 ? 3.239   -14.505 6.580   1.00 52.94  ? 54  PRO B CD  1 
ATOM   1111 N N   . GLY B 2 55 ? 1.633   -16.942 2.884   1.00 61.60  ? 55  GLY B N   1 
ATOM   1112 C CA  . GLY B 2 55 ? 0.515   -17.679 2.298   1.00 62.84  ? 55  GLY B CA  1 
ATOM   1113 C C   . GLY B 2 55 ? -0.041  -18.797 3.154   1.00 64.69  ? 55  GLY B C   1 
ATOM   1114 O O   . GLY B 2 55 ? -1.234  -19.083 3.096   1.00 67.44  ? 55  GLY B O   1 
ATOM   1115 N N   . SER B 2 56 ? 0.827   -19.431 3.939   1.00 66.76  ? 56  SER B N   1 
ATOM   1116 C CA  . SER B 2 56 ? 0.433   -20.486 4.881   1.00 66.56  ? 56  SER B CA  1 
ATOM   1117 C C   . SER B 2 56 ? -0.510  -20.013 5.991   1.00 65.40  ? 56  SER B C   1 
ATOM   1118 O O   . SER B 2 56 ? -1.301  -20.801 6.494   1.00 67.40  ? 56  SER B O   1 
ATOM   1119 C CB  . SER B 2 56 ? 1.678   -21.102 5.527   1.00 67.23  ? 56  SER B CB  1 
ATOM   1120 O OG  . SER B 2 56 ? 2.551   -20.086 5.998   1.00 69.71  ? 56  SER B OG  1 
ATOM   1121 N N   . LYS B 2 57 ? -0.410  -18.744 6.378   1.00 65.71  ? 57  LYS B N   1 
ATOM   1122 C CA  . LYS B 2 57 ? -1.246  -18.200 7.448   1.00 66.13  ? 57  LYS B CA  1 
ATOM   1123 C C   . LYS B 2 57 ? -2.665  -17.875 6.985   1.00 65.32  ? 57  LYS B C   1 
ATOM   1124 O O   . LYS B 2 57 ? -2.906  -17.548 5.819   1.00 64.60  ? 57  LYS B O   1 
ATOM   1125 C CB  . LYS B 2 57 ? -0.605  -16.956 8.077   1.00 69.24  ? 57  LYS B CB  1 
ATOM   1126 C CG  . LYS B 2 57 ? 0.513   -17.268 9.069   1.00 71.19  ? 57  LYS B CG  1 
ATOM   1127 C CD  . LYS B 2 57 ? 0.324   -16.529 10.386  1.00 75.54  ? 57  LYS B CD  1 
ATOM   1128 C CE  . LYS B 2 57 ? 0.606   -15.037 10.238  1.00 79.51  ? 57  LYS B CE  1 
ATOM   1129 N NZ  . LYS B 2 57 ? -0.288  -14.205 11.093  1.00 80.76  ? 57  LYS B NZ  1 
ATOM   1130 N N   . SER B 2 58 ? -3.591  -17.978 7.932   1.00 64.77  ? 58  SER B N   1 
ATOM   1131 C CA  . SER B 2 58 ? -5.002  -17.685 7.733   1.00 64.48  ? 58  SER B CA  1 
ATOM   1132 C C   . SER B 2 58 ? -5.529  -16.620 8.721   1.00 65.03  ? 58  SER B C   1 
ATOM   1133 O O   . SER B 2 58 ? -6.731  -16.341 8.743   1.00 63.20  ? 58  SER B O   1 
ATOM   1134 C CB  . SER B 2 58 ? -5.782  -19.001 7.858   1.00 65.71  ? 58  SER B CB  1 
ATOM   1135 O OG  . SER B 2 58 ? -7.148  -18.801 8.154   1.00 71.50  ? 58  SER B OG  1 
ATOM   1136 N N   . THR B 2 59 ? -4.639  -16.019 9.517   1.00 65.39  ? 59  THR B N   1 
ATOM   1137 C CA  . THR B 2 59 ? -5.023  -14.998 10.497  1.00 68.09  ? 59  THR B CA  1 
ATOM   1138 C C   . THR B 2 59 ? -4.019  -13.875 10.491  1.00 66.03  ? 59  THR B C   1 
ATOM   1139 O O   . THR B 2 59 ? -2.861  -14.075 10.144  1.00 69.78  ? 59  THR B O   1 
ATOM   1140 C CB  . THR B 2 59 ? -5.099  -15.544 11.947  1.00 70.71  ? 59  THR B CB  1 
ATOM   1141 O OG1 . THR B 2 59 ? -3.901  -16.267 12.270  1.00 73.85  ? 59  THR B OG1 1 
ATOM   1142 C CG2 . THR B 2 59 ? -6.305  -16.447 12.121  1.00 68.81  ? 59  THR B CG2 1 
ATOM   1143 N N   . ALA B 2 60 ? -4.475  -12.699 10.894  1.00 66.95  ? 60  ALA B N   1 
ATOM   1144 C CA  . ALA B 2 60 ? -3.619  -11.532 11.024  1.00 69.77  ? 60  ALA B CA  1 
ATOM   1145 C C   . ALA B 2 60 ? -4.105  -10.694 12.193  1.00 72.14  ? 60  ALA B C   1 
ATOM   1146 O O   . ALA B 2 60 ? -5.303  -10.671 12.490  1.00 74.85  ? 60  ALA B O   1 
ATOM   1147 C CB  . ALA B 2 60 ? -3.650  -10.718 9.744   1.00 71.17  ? 60  ALA B CB  1 
ATOM   1148 N N   . THR B 2 61 ? -3.178  -10.000 12.845  1.00 72.26  ? 61  THR B N   1 
ATOM   1149 C CA  . THR B 2 61 ? -3.509  -9.173  13.997  1.00 73.48  ? 61  THR B CA  1 
ATOM   1150 C C   . THR B 2 61 ? -3.198  -7.740  13.634  1.00 73.31  ? 61  THR B C   1 
ATOM   1151 O O   . THR B 2 61 ? -2.091  -7.444  13.191  1.00 74.05  ? 61  THR B O   1 
ATOM   1152 C CB  . THR B 2 61 ? -2.702  -9.574  15.247  1.00 75.24  ? 61  THR B CB  1 
ATOM   1153 O OG1 . THR B 2 61 ? -2.218  -10.910 15.104  1.00 81.18  ? 61  THR B OG1 1 
ATOM   1154 C CG2 . THR B 2 61 ? -3.559  -9.512  16.482  1.00 75.42  ? 61  THR B CG2 1 
ATOM   1155 N N   . ILE B 2 62 ? -4.180  -6.863  13.811  1.00 74.08  ? 62  ILE B N   1 
ATOM   1156 C CA  . ILE B 2 62 ? -4.022  -5.439  13.548  1.00 74.99  ? 62  ILE B CA  1 
ATOM   1157 C C   . ILE B 2 62 ? -4.106  -4.746  14.891  1.00 77.63  ? 62  ILE B C   1 
ATOM   1158 O O   . ILE B 2 62 ? -5.008  -5.023  15.672  1.00 79.62  ? 62  ILE B O   1 
ATOM   1159 C CB  . ILE B 2 62 ? -5.116  -4.893  12.611  1.00 75.09  ? 62  ILE B CB  1 
ATOM   1160 C CG1 . ILE B 2 62 ? -5.221  -5.771  11.357  1.00 77.40  ? 62  ILE B CG1 1 
ATOM   1161 C CG2 . ILE B 2 62 ? -4.814  -3.447  12.226  1.00 74.42  ? 62  ILE B CG2 1 
ATOM   1162 C CD1 . ILE B 2 62 ? -6.295  -5.346  10.378  1.00 79.14  ? 62  ILE B CD1 1 
ATOM   1163 N N   . SER B 2 63 ? -3.168  -3.843  15.150  1.00 81.70  ? 63  SER B N   1 
ATOM   1164 C CA  . SER B 2 63 ? -3.063  -3.203  16.450  1.00 83.60  ? 63  SER B CA  1 
ATOM   1165 C C   . SER B 2 63 ? -2.674  -1.738  16.330  1.00 84.19  ? 63  SER B C   1 
ATOM   1166 O O   . SER B 2 63 ? -2.382  -1.241  15.235  1.00 80.89  ? 63  SER B O   1 
ATOM   1167 C CB  . SER B 2 63 ? -2.065  -3.972  17.321  1.00 87.21  ? 63  SER B CB  1 
ATOM   1168 O OG  . SER B 2 63 ? -2.410  -5.351  17.390  1.00 88.68  ? 63  SER B OG  1 
ATOM   1169 N N   . GLY B 2 64 ? -2.705  -1.052  17.469  1.00 85.49  ? 64  GLY B N   1 
ATOM   1170 C CA  . GLY B 2 64 ? -2.481  0.385   17.524  1.00 87.73  ? 64  GLY B CA  1 
ATOM   1171 C C   . GLY B 2 64 ? -3.633  1.182   16.943  1.00 87.89  ? 64  GLY B C   1 
ATOM   1172 O O   . GLY B 2 64 ? -3.425  2.288   16.445  1.00 90.75  ? 64  GLY B O   1 
ATOM   1173 N N   . LEU B 2 65 ? -4.846  0.632   17.015  1.00 89.18  ? 65  LEU B N   1 
ATOM   1174 C CA  . LEU B 2 65 ? -6.027  1.281   16.445  1.00 94.23  ? 65  LEU B CA  1 
ATOM   1175 C C   . LEU B 2 65 ? -6.602  2.285   17.427  1.00 99.90  ? 65  LEU B C   1 
ATOM   1176 O O   . LEU B 2 65 ? -6.634  2.022   18.632  1.00 103.22 ? 65  LEU B O   1 
ATOM   1177 C CB  . LEU B 2 65 ? -7.107  0.250   16.106  1.00 92.14  ? 65  LEU B CB  1 
ATOM   1178 C CG  . LEU B 2 65 ? -6.738  -0.842  15.100  1.00 91.32  ? 65  LEU B CG  1 
ATOM   1179 C CD1 . LEU B 2 65 ? -7.817  -1.912  15.093  1.00 91.94  ? 65  LEU B CD1 1 
ATOM   1180 C CD2 . LEU B 2 65 ? -6.534  -0.271  13.704  1.00 88.19  ? 65  LEU B CD2 1 
ATOM   1181 N N   . LYS B 2 66 ? -7.062  3.427   16.909  1.00 105.15 ? 66  LYS B N   1 
ATOM   1182 C CA  . LYS B 2 66 ? -7.774  4.418   17.723  1.00 109.18 ? 66  LYS B CA  1 
ATOM   1183 C C   . LYS B 2 66 ? -9.164  3.873   18.044  1.00 107.55 ? 66  LYS B C   1 
ATOM   1184 O O   . LYS B 2 66 ? -9.905  3.541   17.122  1.00 105.01 ? 66  LYS B O   1 
ATOM   1185 C CB  . LYS B 2 66 ? -7.912  5.761   16.989  1.00 111.13 ? 66  LYS B CB  1 
ATOM   1186 C CG  . LYS B 2 66 ? -6.618  6.548   16.802  1.00 115.00 ? 66  LYS B CG  1 
ATOM   1187 C CD  . LYS B 2 66 ? -5.924  6.880   18.124  1.00 118.16 ? 66  LYS B CD  1 
ATOM   1188 C CE  . LYS B 2 66 ? -4.742  5.962   18.424  1.00 117.59 ? 66  LYS B CE  1 
ATOM   1189 N NZ  . LYS B 2 66 ? -3.491  6.467   17.794  1.00 117.38 ? 66  LYS B NZ  1 
ATOM   1190 N N   . PRO B 2 67 ? -9.530  3.805   19.343  1.00 107.67 ? 67  PRO B N   1 
ATOM   1191 C CA  . PRO B 2 67 ? -10.728 3.073   19.747  1.00 108.41 ? 67  PRO B CA  1 
ATOM   1192 C C   . PRO B 2 67 ? -12.025 3.806   19.401  1.00 110.85 ? 67  PRO B C   1 
ATOM   1193 O O   . PRO B 2 67 ? -12.031 5.038   19.304  1.00 111.06 ? 67  PRO B O   1 
ATOM   1194 C CB  . PRO B 2 67 ? -10.560 2.960   21.262  1.00 106.79 ? 67  PRO B CB  1 
ATOM   1195 C CG  . PRO B 2 67 ? -9.850  4.213   21.637  1.00 106.80 ? 67  PRO B CG  1 
ATOM   1196 C CD  . PRO B 2 67 ? -9.011  4.628   20.454  1.00 106.46 ? 67  PRO B CD  1 
ATOM   1197 N N   . GLY B 2 68 ? -13.106 3.042   19.252  1.00 110.14 ? 68  GLY B N   1 
ATOM   1198 C CA  . GLY B 2 68 ? -14.376 3.532   18.696  1.00 108.44 ? 68  GLY B CA  1 
ATOM   1199 C C   . GLY B 2 68 ? -14.221 4.366   17.431  1.00 106.69 ? 68  GLY B C   1 
ATOM   1200 O O   . GLY B 2 68 ? -14.445 5.577   17.447  1.00 102.52 ? 68  GLY B O   1 
ATOM   1201 N N   . VAL B 2 69 ? -13.828 3.713   16.341  1.00 107.09 ? 69  VAL B N   1 
ATOM   1202 C CA  . VAL B 2 69 ? -13.569 4.359   15.044  1.00 105.93 ? 69  VAL B CA  1 
ATOM   1203 C C   . VAL B 2 69 ? -13.850 3.306   13.975  1.00 103.73 ? 69  VAL B C   1 
ATOM   1204 O O   . VAL B 2 69 ? -13.501 2.137   14.152  1.00 101.18 ? 69  VAL B O   1 
ATOM   1205 C CB  . VAL B 2 69 ? -12.112 4.880   14.895  1.00 105.53 ? 69  VAL B CB  1 
ATOM   1206 C CG1 . VAL B 2 69 ? -11.867 5.443   13.496  1.00 104.96 ? 69  VAL B CG1 1 
ATOM   1207 C CG2 . VAL B 2 69 ? -11.794 5.953   15.932  1.00 105.99 ? 69  VAL B CG2 1 
ATOM   1208 N N   . ASP B 2 70 ? -14.470 3.726   12.874  1.00 102.20 ? 70  ASP B N   1 
ATOM   1209 C CA  . ASP B 2 70 ? -14.849 2.801   11.812  1.00 98.69  ? 70  ASP B CA  1 
ATOM   1210 C C   . ASP B 2 70 ? -13.668 2.594   10.863  1.00 91.01  ? 70  ASP B C   1 
ATOM   1211 O O   . ASP B 2 70 ? -13.152 3.550   10.285  1.00 85.82  ? 70  ASP B O   1 
ATOM   1212 C CB  . ASP B 2 70 ? -16.089 3.311   11.063  1.00 100.86 ? 70  ASP B CB  1 
ATOM   1213 C CG  . ASP B 2 70 ? -16.971 2.177   10.557  1.00 105.13 ? 70  ASP B CG  1 
ATOM   1214 O OD1 . ASP B 2 70 ? -17.425 1.348   11.379  1.00 99.74  ? 70  ASP B OD1 1 
ATOM   1215 O OD2 . ASP B 2 70 ? -17.214 2.117   9.332   1.00 112.69 ? 70  ASP B OD2 1 
ATOM   1216 N N   . TYR B 2 71 ? -13.244 1.337   10.734  1.00 88.21  ? 71  TYR B N   1 
ATOM   1217 C CA  . TYR B 2 71 ? -12.112 0.944   9.903   1.00 85.94  ? 71  TYR B CA  1 
ATOM   1218 C C   . TYR B 2 71 ? -12.579 0.038   8.777   1.00 83.31  ? 71  TYR B C   1 
ATOM   1219 O O   . TYR B 2 71 ? -13.400 -0.845  9.002   1.00 79.36  ? 71  TYR B O   1 
ATOM   1220 C CB  . TYR B 2 71 ? -11.082 0.185   10.747  1.00 86.98  ? 71  TYR B CB  1 
ATOM   1221 C CG  . TYR B 2 71 ? -10.212 1.083   11.586  1.00 88.02  ? 71  TYR B CG  1 
ATOM   1222 C CD1 . TYR B 2 71 ? -9.091  1.701   11.037  1.00 89.32  ? 71  TYR B CD1 1 
ATOM   1223 C CD2 . TYR B 2 71 ? -10.506 1.323   12.924  1.00 88.25  ? 71  TYR B CD2 1 
ATOM   1224 C CE1 . TYR B 2 71 ? -8.284  2.533   11.794  1.00 87.78  ? 71  TYR B CE1 1 
ATOM   1225 C CE2 . TYR B 2 71 ? -9.704  2.157   13.693  1.00 89.45  ? 71  TYR B CE2 1 
ATOM   1226 C CZ  . TYR B 2 71 ? -8.595  2.759   13.123  1.00 88.82  ? 71  TYR B CZ  1 
ATOM   1227 O OH  . TYR B 2 71 ? -7.796  3.584   13.878  1.00 92.08  ? 71  TYR B OH  1 
ATOM   1228 N N   . THR B 2 72 ? -12.056 0.265   7.574   1.00 83.63  ? 72  THR B N   1 
ATOM   1229 C CA  . THR B 2 72 ? -12.137 -0.713  6.485   1.00 81.79  ? 72  THR B CA  1 
ATOM   1230 C C   . THR B 2 72 ? -10.859 -1.553  6.523   1.00 77.76  ? 72  THR B C   1 
ATOM   1231 O O   . THR B 2 72 ? -9.761  -1.005  6.617   1.00 76.05  ? 72  THR B O   1 
ATOM   1232 C CB  . THR B 2 72 ? -12.270 -0.034  5.105   1.00 82.23  ? 72  THR B CB  1 
ATOM   1233 O OG1 . THR B 2 72 ? -13.361 0.893   5.128   1.00 85.73  ? 72  THR B OG1 1 
ATOM   1234 C CG2 . THR B 2 72 ? -12.513 -1.062  3.990   1.00 80.69  ? 72  THR B CG2 1 
ATOM   1235 N N   . ILE B 2 73 ? -11.020 -2.874  6.459   1.00 73.05  ? 73  ILE B N   1 
ATOM   1236 C CA  . ILE B 2 73 ? -9.908  -3.820  6.462   1.00 70.90  ? 73  ILE B CA  1 
ATOM   1237 C C   . ILE B 2 73 ? -10.045 -4.679  5.213   1.00 71.49  ? 73  ILE B C   1 
ATOM   1238 O O   . ILE B 2 73 ? -11.057 -5.358  5.044   1.00 78.28  ? 73  ILE B O   1 
ATOM   1239 C CB  . ILE B 2 73 ? -9.943  -4.726  7.709   1.00 69.64  ? 73  ILE B CB  1 
ATOM   1240 C CG1 . ILE B 2 73 ? -9.818  -3.879  8.983   1.00 70.65  ? 73  ILE B CG1 1 
ATOM   1241 C CG2 . ILE B 2 73 ? -8.826  -5.768  7.662   1.00 69.39  ? 73  ILE B CG2 1 
ATOM   1242 C CD1 . ILE B 2 73 ? -10.237 -4.599  10.249  1.00 70.05  ? 73  ILE B CD1 1 
ATOM   1243 N N   . THR B 2 74 ? -9.022  -4.667  4.360   1.00 69.09  ? 74  THR B N   1 
ATOM   1244 C CA  . THR B 2 74 ? -9.068  -5.347  3.066   1.00 66.22  ? 74  THR B CA  1 
ATOM   1245 C C   . THR B 2 74 ? -7.881  -6.307  2.897   1.00 66.12  ? 74  THR B C   1 
ATOM   1246 O O   . THR B 2 74 ? -6.749  -5.946  3.206   1.00 65.79  ? 74  THR B O   1 
ATOM   1247 C CB  . THR B 2 74 ? -9.055  -4.317  1.925   1.00 64.62  ? 74  THR B CB  1 
ATOM   1248 O OG1 . THR B 2 74 ? -9.878  -3.202  2.287   1.00 65.18  ? 74  THR B OG1 1 
ATOM   1249 C CG2 . THR B 2 74 ? -9.561  -4.923  0.633   1.00 65.04  ? 74  THR B CG2 1 
ATOM   1250 N N   . VAL B 2 75 ? -8.158  -7.512  2.391   1.00 63.60  ? 75  VAL B N   1 
ATOM   1251 C CA  . VAL B 2 75 ? -7.155  -8.557  2.180   1.00 62.12  ? 75  VAL B CA  1 
ATOM   1252 C C   . VAL B 2 75 ? -6.973  -8.831  0.680   1.00 62.08  ? 75  VAL B C   1 
ATOM   1253 O O   . VAL B 2 75 ? -7.945  -9.073  -0.041  1.00 63.34  ? 75  VAL B O   1 
ATOM   1254 C CB  . VAL B 2 75 ? -7.558  -9.861  2.907   1.00 62.46  ? 75  VAL B CB  1 
ATOM   1255 C CG1 . VAL B 2 75 ? -6.609  -11.014 2.580   1.00 62.84  ? 75  VAL B CG1 1 
ATOM   1256 C CG2 . VAL B 2 75 ? -7.597  -9.629  4.409   1.00 62.89  ? 75  VAL B CG2 1 
ATOM   1257 N N   . TYR B 2 76 ? -5.717  -8.814  0.238   1.00 59.38  ? 76  TYR B N   1 
ATOM   1258 C CA  . TYR B 2 76 ? -5.344  -9.071  -1.145  1.00 57.90  ? 76  TYR B CA  1 
ATOM   1259 C C   . TYR B 2 76 ? -4.499  -10.323 -1.167  1.00 58.30  ? 76  TYR B C   1 
ATOM   1260 O O   . TYR B 2 76 ? -3.546  -10.422 -0.409  1.00 61.18  ? 76  TYR B O   1 
ATOM   1261 C CB  . TYR B 2 76 ? -4.519  -7.912  -1.689  1.00 57.69  ? 76  TYR B CB  1 
ATOM   1262 C CG  . TYR B 2 76 ? -5.254  -6.597  -1.669  1.00 57.30  ? 76  TYR B CG  1 
ATOM   1263 C CD1 . TYR B 2 76 ? -5.376  -5.863  -0.492  1.00 56.13  ? 76  TYR B CD1 1 
ATOM   1264 C CD2 . TYR B 2 76 ? -5.819  -6.076  -2.828  1.00 56.82  ? 76  TYR B CD2 1 
ATOM   1265 C CE1 . TYR B 2 76 ? -6.051  -4.657  -0.469  1.00 57.20  ? 76  TYR B CE1 1 
ATOM   1266 C CE2 . TYR B 2 76 ? -6.495  -4.871  -2.806  1.00 57.44  ? 76  TYR B CE2 1 
ATOM   1267 C CZ  . TYR B 2 76 ? -6.609  -4.170  -1.629  1.00 56.67  ? 76  TYR B CZ  1 
ATOM   1268 O OH  . TYR B 2 76 ? -7.281  -2.978  -1.621  1.00 59.67  ? 76  TYR B OH  1 
ATOM   1269 N N   . ALA B 2 77 ? -4.846  -11.269 -2.034  1.00 59.20  ? 77  ALA B N   1 
ATOM   1270 C CA  . ALA B 2 77 ? -4.118  -12.525 -2.156  1.00 59.30  ? 77  ALA B CA  1 
ATOM   1271 C C   . ALA B 2 77 ? -3.282  -12.503 -3.430  1.00 60.18  ? 77  ALA B C   1 
ATOM   1272 O O   . ALA B 2 77 ? -3.803  -12.196 -4.506  1.00 64.71  ? 77  ALA B O   1 
ATOM   1273 C CB  . ALA B 2 77 ? -5.094  -13.687 -2.185  1.00 59.23  ? 77  ALA B CB  1 
ATOM   1274 N N   . HIS B 2 78 ? -1.993  -12.816 -3.306  1.00 58.57  ? 78  HIS B N   1 
ATOM   1275 C CA  . HIS B 2 78 ? -1.088  -12.884 -4.456  1.00 58.24  ? 78  HIS B CA  1 
ATOM   1276 C C   . HIS B 2 78 ? -0.671  -14.323 -4.685  1.00 57.97  ? 78  HIS B C   1 
ATOM   1277 O O   . HIS B 2 78 ? -0.055  -14.927 -3.810  1.00 57.98  ? 78  HIS B O   1 
ATOM   1278 C CB  . HIS B 2 78 ? 0.135   -11.992 -4.239  1.00 57.31  ? 78  HIS B CB  1 
ATOM   1279 C CG  . HIS B 2 78 ? -0.146  -10.539 -4.451  1.00 54.97  ? 78  HIS B CG  1 
ATOM   1280 N ND1 . HIS B 2 78 ? -0.131  -9.957  -5.696  1.00 55.57  ? 78  HIS B ND1 1 
ATOM   1281 C CD2 . HIS B 2 78 ? -0.472  -9.558  -3.579  1.00 53.91  ? 78  HIS B CD2 1 
ATOM   1282 C CE1 . HIS B 2 78 ? -0.427  -8.675  -5.583  1.00 55.89  ? 78  HIS B CE1 1 
ATOM   1283 N NE2 . HIS B 2 78 ? -0.638  -8.407  -4.308  1.00 53.24  ? 78  HIS B NE2 1 
ATOM   1284 N N   . ARG B 2 79 ? -1.024  -14.858 -5.855  1.00 58.27  ? 79  ARG B N   1 
ATOM   1285 C CA  . ARG B 2 79 ? -0.752  -16.250 -6.221  1.00 59.34  ? 79  ARG B CA  1 
ATOM   1286 C C   . ARG B 2 79 ? 0.501   -16.423 -7.076  1.00 60.56  ? 79  ARG B C   1 
ATOM   1287 O O   . ARG B 2 79 ? 0.779   -17.520 -7.554  1.00 67.15  ? 79  ARG B O   1 
ATOM   1288 C CB  . ARG B 2 79 ? -1.948  -16.843 -6.957  1.00 59.26  ? 79  ARG B CB  1 
ATOM   1289 C CG  . ARG B 2 79 ? -3.234  -16.847 -6.148  1.00 59.97  ? 79  ARG B CG  1 
ATOM   1290 C CD  . ARG B 2 79 ? -4.335  -17.551 -6.913  1.00 59.69  ? 79  ARG B CD  1 
ATOM   1291 N NE  . ARG B 2 79 ? -3.954  -18.932 -7.212  1.00 60.63  ? 79  ARG B NE  1 
ATOM   1292 C CZ  . ARG B 2 79 ? -4.259  -19.605 -8.324  1.00 64.24  ? 79  ARG B CZ  1 
ATOM   1293 N NH1 . ARG B 2 79 ? -3.834  -20.858 -8.448  1.00 65.94  ? 79  ARG B NH1 1 
ATOM   1294 N NH2 . ARG B 2 79 ? -4.974  -19.057 -9.316  1.00 65.72  ? 79  ARG B NH2 1 
ATOM   1295 N N   . SER B 2 80 ? 1.238   -15.345 -7.293  1.00 59.21  ? 80  SER B N   1 
ATOM   1296 C CA  . SER B 2 80 ? 2.599   -15.434 -7.799  1.00 61.14  ? 80  SER B CA  1 
ATOM   1297 C C   . SER B 2 80 ? 3.408   -14.328 -7.133  1.00 58.70  ? 80  SER B C   1 
ATOM   1298 O O   . SER B 2 80 ? 2.832   -13.443 -6.500  1.00 62.52  ? 80  SER B O   1 
ATOM   1299 C CB  . SER B 2 80 ? 2.609   -15.310 -9.318  1.00 62.70  ? 80  SER B CB  1 
ATOM   1300 O OG  . SER B 2 80 ? 2.110   -14.053 -9.728  1.00 68.92  ? 80  SER B OG  1 
ATOM   1301 N N   . SER B 2 81 ? 4.731   -14.382 -7.267  1.00 55.44  ? 81  SER B N   1 
ATOM   1302 C CA  . SER B 2 81 ? 5.619   -13.450 -6.555  1.00 56.42  ? 81  SER B CA  1 
ATOM   1303 C C   . SER B 2 81 ? 5.281   -11.994 -6.830  1.00 57.66  ? 81  SER B C   1 
ATOM   1304 O O   . SER B 2 81 ? 5.207   -11.181 -5.905  1.00 54.89  ? 81  SER B O   1 
ATOM   1305 C CB  . SER B 2 81 ? 7.082   -13.683 -6.937  1.00 55.87  ? 81  SER B CB  1 
ATOM   1306 O OG  . SER B 2 81 ? 7.422   -15.050 -6.856  1.00 57.36  ? 81  SER B OG  1 
ATOM   1307 N N   . TYR B 2 82 ? 5.089   -11.679 -8.111  1.00 60.50  ? 82  TYR B N   1 
ATOM   1308 C CA  . TYR B 2 82 ? 4.810   -10.318 -8.561  1.00 59.14  ? 82  TYR B CA  1 
ATOM   1309 C C   . TYR B 2 82 ? 3.645   -10.339 -9.518  1.00 58.55  ? 82  TYR B C   1 
ATOM   1310 O O   . TYR B 2 82 ? 3.410   -11.337 -10.193 1.00 58.64  ? 82  TYR B O   1 
ATOM   1311 C CB  . TYR B 2 82 ? 6.039   -9.720  -9.246  1.00 59.89  ? 82  TYR B CB  1 
ATOM   1312 C CG  . TYR B 2 82 ? 7.313   -10.032 -8.507  1.00 62.17  ? 82  TYR B CG  1 
ATOM   1313 C CD1 . TYR B 2 82 ? 7.577   -9.456  -7.265  1.00 63.86  ? 82  TYR B CD1 1 
ATOM   1314 C CD2 . TYR B 2 82 ? 8.231   -10.945 -9.019  1.00 64.21  ? 82  TYR B CD2 1 
ATOM   1315 C CE1 . TYR B 2 82 ? 8.732   -9.759  -6.565  1.00 65.29  ? 82  TYR B CE1 1 
ATOM   1316 C CE2 . TYR B 2 82 ? 9.398   -11.247 -8.333  1.00 65.30  ? 82  TYR B CE2 1 
ATOM   1317 C CZ  . TYR B 2 82 ? 9.642   -10.657 -7.106  1.00 67.58  ? 82  TYR B CZ  1 
ATOM   1318 O OH  . TYR B 2 82 ? 10.792  -10.961 -6.416  1.00 73.15  ? 82  TYR B OH  1 
ATOM   1319 N N   . GLY B 2 83 ? 2.915   -9.233  -9.568  1.00 59.85  ? 83  GLY B N   1 
ATOM   1320 C CA  . GLY B 2 83 ? 1.814   -9.076  -10.506 1.00 62.52  ? 83  GLY B CA  1 
ATOM   1321 C C   . GLY B 2 83 ? 0.557   -8.589  -9.830  1.00 63.92  ? 83  GLY B C   1 
ATOM   1322 O O   . GLY B 2 83 ? 0.606   -7.994  -8.744  1.00 64.71  ? 83  GLY B O   1 
ATOM   1323 N N   . TYR B 2 84 ? -0.573  -8.837  -10.484 1.00 63.04  ? 84  TYR B N   1 
ATOM   1324 C CA  . TYR B 2 84 ? -1.863  -8.408  -9.961  1.00 64.20  ? 84  TYR B CA  1 
ATOM   1325 C C   . TYR B 2 84 ? -2.331  -9.364  -8.866  1.00 62.75  ? 84  TYR B C   1 
ATOM   1326 O O   . TYR B 2 84 ? -2.150  -10.578 -8.973  1.00 64.78  ? 84  TYR B O   1 
ATOM   1327 C CB  . TYR B 2 84 ? -2.911  -8.311  -11.081 1.00 62.79  ? 84  TYR B CB  1 
ATOM   1328 C CG  . TYR B 2 84 ? -2.822  -7.040  -11.898 1.00 62.71  ? 84  TYR B CG  1 
ATOM   1329 C CD1 . TYR B 2 84 ? -3.408  -5.859  -11.442 1.00 62.92  ? 84  TYR B CD1 1 
ATOM   1330 C CD2 . TYR B 2 84 ? -2.155  -7.014  -13.129 1.00 63.08  ? 84  TYR B CD2 1 
ATOM   1331 C CE1 . TYR B 2 84 ? -3.334  -4.690  -12.184 1.00 63.73  ? 84  TYR B CE1 1 
ATOM   1332 C CE2 . TYR B 2 84 ? -2.073  -5.845  -13.879 1.00 61.04  ? 84  TYR B CE2 1 
ATOM   1333 C CZ  . TYR B 2 84 ? -2.665  -4.691  -13.401 1.00 63.41  ? 84  TYR B CZ  1 
ATOM   1334 O OH  . TYR B 2 84 ? -2.601  -3.530  -14.128 1.00 67.99  ? 84  TYR B OH  1 
ATOM   1335 N N   . SER B 2 85 ? -2.935  -8.807  -7.819  1.00 61.81  ? 85  SER B N   1 
ATOM   1336 C CA  . SER B 2 85 ? -3.585  -9.602  -6.775  1.00 61.21  ? 85  SER B CA  1 
ATOM   1337 C C   . SER B 2 85 ? -4.853  -10.214 -7.332  1.00 61.52  ? 85  SER B C   1 
ATOM   1338 O O   . SER B 2 85 ? -5.378  -9.767  -8.348  1.00 59.27  ? 85  SER B O   1 
ATOM   1339 C CB  . SER B 2 85 ? -3.967  -8.742  -5.561  1.00 60.15  ? 85  SER B CB  1 
ATOM   1340 O OG  . SER B 2 85 ? -5.200  -8.059  -5.771  1.00 58.05  ? 85  SER B OG  1 
ATOM   1341 N N   . GLU B 2 86 ? -5.362  -11.220 -6.633  1.00 62.74  ? 86  GLU B N   1 
ATOM   1342 C CA  . GLU B 2 86 ? -6.677  -11.760 -6.938  1.00 63.79  ? 86  GLU B CA  1 
ATOM   1343 C C   . GLU B 2 86 ? -7.722  -10.785 -6.400  1.00 61.39  ? 86  GLU B C   1 
ATOM   1344 O O   . GLU B 2 86 ? -7.380  -9.834  -5.689  1.00 60.15  ? 86  GLU B O   1 
ATOM   1345 C CB  . GLU B 2 86 ? -6.864  -13.156 -6.333  1.00 66.47  ? 86  GLU B CB  1 
ATOM   1346 C CG  . GLU B 2 86 ? -7.277  -14.197 -7.364  1.00 69.91  ? 86  GLU B CG  1 
ATOM   1347 C CD  . GLU B 2 86 ? -6.125  -14.682 -8.232  1.00 70.53  ? 86  GLU B CD  1 
ATOM   1348 O OE1 . GLU B 2 86 ? -4.994  -14.167 -8.104  1.00 65.16  ? 86  GLU B OE1 1 
ATOM   1349 O OE2 . GLU B 2 86 ? -6.357  -15.607 -9.045  1.00 79.50  ? 86  GLU B OE2 1 
ATOM   1350 N N   . ASN B 2 87 ? -8.987  -11.019 -6.740  1.00 60.92  ? 87  ASN B N   1 
ATOM   1351 C CA  . ASN B 2 87 ? -10.057 -10.107 -6.338  1.00 62.07  ? 87  ASN B CA  1 
ATOM   1352 C C   . ASN B 2 87 ? -10.081 -9.995  -4.817  1.00 61.16  ? 87  ASN B C   1 
ATOM   1353 O O   . ASN B 2 87 ? -10.278 -11.003 -4.144  1.00 64.21  ? 87  ASN B O   1 
ATOM   1354 C CB  . ASN B 2 87 ? -11.420 -10.587 -6.839  1.00 62.65  ? 87  ASN B CB  1 
ATOM   1355 C CG  . ASN B 2 87 ? -12.549 -9.630  -6.477  1.00 64.39  ? 87  ASN B CG  1 
ATOM   1356 O OD1 . ASN B 2 87 ? -12.358 -8.412  -6.394  1.00 64.22  ? 87  ASN B OD1 1 
ATOM   1357 N ND2 . ASN B 2 87 ? -13.734 -10.180 -6.266  1.00 64.54  ? 87  ASN B ND2 1 
ATOM   1358 N N   . PRO B 2 88 ? -9.857  -8.784  -4.271  1.00 59.42  ? 88  PRO B N   1 
ATOM   1359 C CA  . PRO B 2 88 ? -9.767  -8.667  -2.816  1.00 61.78  ? 88  PRO B CA  1 
ATOM   1360 C C   . PRO B 2 88 ? -11.097 -8.845  -2.088  1.00 61.95  ? 88  PRO B C   1 
ATOM   1361 O O   . PRO B 2 88 ? -12.150 -8.934  -2.718  1.00 61.93  ? 88  PRO B O   1 
ATOM   1362 C CB  . PRO B 2 88 ? -9.237  -7.242  -2.612  1.00 60.95  ? 88  PRO B CB  1 
ATOM   1363 C CG  . PRO B 2 88 ? -9.658  -6.508  -3.825  1.00 59.51  ? 88  PRO B CG  1 
ATOM   1364 C CD  . PRO B 2 88 ? -9.544  -7.507  -4.932  1.00 60.02  ? 88  PRO B CD  1 
ATOM   1365 N N   . ILE B 2 89 ? -11.011 -8.912  -0.763  1.00 64.47  ? 89  ILE B N   1 
ATOM   1366 C CA  . ILE B 2 89 ? -12.175 -9.010  0.120   1.00 66.20  ? 89  ILE B CA  1 
ATOM   1367 C C   . ILE B 2 89 ? -12.032 -7.933  1.179   1.00 68.48  ? 89  ILE B C   1 
ATOM   1368 O O   . ILE B 2 89 ? -10.927 -7.664  1.649   1.00 69.54  ? 89  ILE B O   1 
ATOM   1369 C CB  . ILE B 2 89 ? -12.307 -10.409 0.780   1.00 66.09  ? 89  ILE B CB  1 
ATOM   1370 C CG1 . ILE B 2 89 ? -13.626 -10.515 1.569   1.00 64.63  ? 89  ILE B CG1 1 
ATOM   1371 C CG2 . ILE B 2 89 ? -11.110 -10.730 1.684   1.00 65.89  ? 89  ILE B CG2 1 
ATOM   1372 C CD1 . ILE B 2 89 ? -14.338 -11.843 1.405   1.00 63.62  ? 89  ILE B CD1 1 
ATOM   1373 N N   . SER B 2 90 ? -13.149 -7.324  1.554   1.00 70.94  ? 90  SER B N   1 
ATOM   1374 C CA  . SER B 2 90 ? -13.135 -6.199  2.471   1.00 71.61  ? 90  SER B CA  1 
ATOM   1375 C C   . SER B 2 90 ? -14.149 -6.420  3.579   1.00 73.73  ? 90  SER B C   1 
ATOM   1376 O O   . SER B 2 90 ? -15.153 -7.106  3.379   1.00 73.66  ? 90  SER B O   1 
ATOM   1377 C CB  . SER B 2 90 ? -13.456 -4.916  1.702   1.00 72.20  ? 90  SER B CB  1 
ATOM   1378 O OG  . SER B 2 90 ? -12.567 -3.874  2.055   1.00 74.49  ? 90  SER B OG  1 
ATOM   1379 N N   . ILE B 2 91 ? -13.862 -5.861  4.753   1.00 77.95  ? 91  ILE B N   1 
ATOM   1380 C CA  . ILE B 2 91 ? -14.838 -5.755  5.846   1.00 79.70  ? 91  ILE B CA  1 
ATOM   1381 C C   . ILE B 2 91 ? -14.656 -4.429  6.548   1.00 80.97  ? 91  ILE B C   1 
ATOM   1382 O O   . ILE B 2 91 ? -13.576 -3.833  6.500   1.00 79.85  ? 91  ILE B O   1 
ATOM   1383 C CB  . ILE B 2 91 ? -14.714 -6.879  6.898   1.00 80.77  ? 91  ILE B CB  1 
ATOM   1384 C CG1 . ILE B 2 91 ? -13.372 -6.799  7.652   1.00 83.24  ? 91  ILE B CG1 1 
ATOM   1385 C CG2 . ILE B 2 91 ? -14.904 -8.238  6.239   1.00 82.54  ? 91  ILE B CG2 1 
ATOM   1386 C CD1 . ILE B 2 91 ? -13.255 -7.772  8.804   1.00 84.39  ? 91  ILE B CD1 1 
ATOM   1387 N N   . ASN B 2 92 ? -15.723 -3.974  7.192   1.00 84.36  ? 92  ASN B N   1 
ATOM   1388 C CA  . ASN B 2 92 ? -15.713 -2.732  7.947   1.00 85.94  ? 92  ASN B CA  1 
ATOM   1389 C C   . ASN B 2 92 ? -15.931 -3.124  9.397   1.00 82.56  ? 92  ASN B C   1 
ATOM   1390 O O   . ASN B 2 92 ? -16.708 -4.038  9.680   1.00 79.03  ? 92  ASN B O   1 
ATOM   1391 C CB  . ASN B 2 92 ? -16.826 -1.784  7.482   1.00 89.92  ? 92  ASN B CB  1 
ATOM   1392 C CG  . ASN B 2 92 ? -16.743 -1.399  5.993   1.00 96.33  ? 92  ASN B CG  1 
ATOM   1393 O OD1 . ASN B 2 92 ? -17.566 -0.610  5.533   1.00 104.64 ? 92  ASN B OD1 1 
ATOM   1394 N ND2 . ASN B 2 92 ? -15.779 -1.938  5.242   1.00 98.04  ? 92  ASN B ND2 1 
ATOM   1395 N N   . TYR B 2 93 ? -15.223 -2.467  10.309  1.00 83.55  ? 93  TYR B N   1 
ATOM   1396 C CA  . TYR B 2 93 ? -15.384 -2.742  11.730  1.00 85.24  ? 93  TYR B CA  1 
ATOM   1397 C C   . TYR B 2 93 ? -15.155 -1.486  12.553  1.00 88.97  ? 93  TYR B C   1 
ATOM   1398 O O   . TYR B 2 93 ? -14.160 -0.781  12.373  1.00 85.84  ? 93  TYR B O   1 
ATOM   1399 C CB  . TYR B 2 93 ? -14.438 -3.854  12.187  1.00 86.04  ? 93  TYR B CB  1 
ATOM   1400 C CG  . TYR B 2 93 ? -14.796 -4.437  13.542  1.00 89.63  ? 93  TYR B CG  1 
ATOM   1401 C CD1 . TYR B 2 93 ? -14.390 -3.812  14.727  1.00 90.95  ? 93  TYR B CD1 1 
ATOM   1402 C CD2 . TYR B 2 93 ? -15.545 -5.614  13.643  1.00 89.23  ? 93  TYR B CD2 1 
ATOM   1403 C CE1 . TYR B 2 93 ? -14.715 -4.342  15.968  1.00 91.14  ? 93  TYR B CE1 1 
ATOM   1404 C CE2 . TYR B 2 93 ? -15.875 -6.152  14.881  1.00 90.02  ? 93  TYR B CE2 1 
ATOM   1405 C CZ  . TYR B 2 93 ? -15.460 -5.513  16.042  1.00 92.89  ? 93  TYR B CZ  1 
ATOM   1406 O OH  . TYR B 2 93 ? -15.782 -6.041  17.273  1.00 91.80  ? 93  TYR B OH  1 
ATOM   1407 N N   . ARG B 2 94 ? -16.095 -1.235  13.462  1.00 97.83  ? 94  ARG B N   1 
ATOM   1408 C CA  . ARG B 2 94 ? -16.038 -0.121  14.398  1.00 102.32 ? 94  ARG B CA  1 
ATOM   1409 C C   . ARG B 2 94 ? -15.448 -0.693  15.677  1.00 98.98  ? 94  ARG B C   1 
ATOM   1410 O O   . ARG B 2 94 ? -16.041 -1.576  16.302  1.00 94.64  ? 94  ARG B O   1 
ATOM   1411 C CB  . ARG B 2 94 ? -17.445 0.492   14.578  1.00 110.06 ? 94  ARG B CB  1 
ATOM   1412 C CG  . ARG B 2 94 ? -17.862 1.008   15.963  1.00 117.32 ? 94  ARG B CG  1 
ATOM   1413 C CD  . ARG B 2 94 ? -17.374 2.421   16.278  1.00 122.98 ? 94  ARG B CD  1 
ATOM   1414 N NE  . ARG B 2 94 ? -17.580 3.356   15.167  1.00 126.43 ? 94  ARG B NE  1 
ATOM   1415 C CZ  . ARG B 2 94 ? -18.745 3.908   14.810  1.00 126.36 ? 94  ARG B CZ  1 
ATOM   1416 N NH1 . ARG B 2 94 ? -19.875 3.649   15.473  1.00 126.26 ? 94  ARG B NH1 1 
ATOM   1417 N NH2 . ARG B 2 94 ? -18.778 4.737   13.769  1.00 125.07 ? 94  ARG B NH2 1 
ATOM   1418 N N   . THR B 2 95 ? -14.258 -0.219  16.033  1.00 98.60  ? 95  THR B N   1 
ATOM   1419 C CA  . THR B 2 95 ? -13.564 -0.699  17.228  1.00 99.15  ? 95  THR B CA  1 
ATOM   1420 C C   . THR B 2 95 ? -14.218 -0.153  18.495  1.00 96.51  ? 95  THR B C   1 
ATOM   1421 O O   . THR B 2 95 ? -14.679 -0.922  19.338  1.00 94.84  ? 95  THR B O   1 
ATOM   1422 C CB  . THR B 2 95 ? -12.043 -0.392  17.213  1.00 101.01 ? 95  THR B CB  1 
ATOM   1423 O OG1 . THR B 2 95 ? -11.481 -0.720  18.490  1.00 109.24 ? 95  THR B OG1 1 
ATOM   1424 C CG2 . THR B 2 95 ? -11.732 1.059   16.904  1.00 98.92  ? 95  THR B CG2 1 
HETATM 1425 S S   . SO4 C 3 .  ? 3.504   27.142  -14.980 1.00 127.49 ? 201 SO4 A S   1 
HETATM 1426 O O1  . SO4 C 3 .  ? 2.276   27.017  -15.798 1.00 131.35 ? 201 SO4 A O1  1 
HETATM 1427 O O2  . SO4 C 3 .  ? 3.199   27.881  -13.732 1.00 124.68 ? 201 SO4 A O2  1 
HETATM 1428 O O3  . SO4 C 3 .  ? 3.997   25.785  -14.649 1.00 130.86 ? 201 SO4 A O3  1 
HETATM 1429 O O4  . SO4 C 3 .  ? 4.533   27.875  -15.752 1.00 119.42 ? 201 SO4 A O4  1 
HETATM 1430 S S   . SO4 D 3 .  ? -2.794  -19.283 11.147  1.00 102.52 ? 101 SO4 B S   1 
HETATM 1431 O O1  . SO4 D 3 .  ? -3.657  -20.237 10.407  1.00 95.44  ? 101 SO4 B O1  1 
HETATM 1432 O O2  . SO4 D 3 .  ? -3.188  -19.237 12.576  1.00 107.67 ? 101 SO4 B O2  1 
HETATM 1433 O O3  . SO4 D 3 .  ? -1.381  -19.712 11.027  1.00 100.54 ? 101 SO4 B O3  1 
HETATM 1434 O O4  . SO4 D 3 .  ? -2.937  -17.925 10.589  1.00 106.09 ? 101 SO4 B O4  1 
HETATM 1435 S S   . SO4 E 3 .  ? -0.245  -12.775 14.159  1.00 119.55 ? 102 SO4 B S   1 
HETATM 1436 O O1  . SO4 E 3 .  ? -0.408  -11.784 13.064  1.00 117.08 ? 102 SO4 B O1  1 
HETATM 1437 O O2  . SO4 E 3 .  ? -1.527  -13.504 14.346  1.00 115.79 ? 102 SO4 B O2  1 
HETATM 1438 O O3  . SO4 E 3 .  ? 0.843   -13.725 13.822  1.00 115.04 ? 102 SO4 B O3  1 
HETATM 1439 O O4  . SO4 E 3 .  ? 0.120   -12.077 15.413  1.00 115.02 ? 102 SO4 B O4  1 
# 
